data_1F8H
#
_entry.id   1F8H
#
_cell.length_a   1.000
_cell.length_b   1.000
_cell.length_c   1.000
_cell.angle_alpha   90.00
_cell.angle_beta   90.00
_cell.angle_gamma   90.00
#
_symmetry.space_group_name_H-M   'P 1'
#
loop_
_entity.id
_entity.type
_entity.pdbx_description
1 polymer 'EPIDERMAL GROWTH FACTOR RECEPTOR SUBSTRATE 15'
2 polymer PTGSSSTNPFR
3 non-polymer 'CALCIUM ION'
#
loop_
_entity_poly.entity_id
_entity_poly.type
_entity_poly.pdbx_seq_one_letter_code
_entity_poly.pdbx_strand_id
1 'polypeptide(L)'
;PWAVKPEDKAKYDAIFDSLSPVNGFLSGDKVKPVLLNSKLPVDILGRVWELSDIDHDGMLDRDEFAVAMFLVYCALEKEP
VPMSLPPALVPPSKR
;
A
2 'polypeptide(L)' PTGSSSTNPFR B
#
loop_
_chem_comp.id
_chem_comp.type
_chem_comp.name
_chem_comp.formula
CA non-polymer 'CALCIUM ION' 'Ca 2'
#
# COMPACT_ATOMS: atom_id res chain seq x y z
N PRO A 1 8.16 -7.43 -14.91
CA PRO A 1 7.58 -6.06 -14.85
C PRO A 1 7.08 -5.76 -13.43
N TRP A 2 6.45 -4.62 -13.25
CA TRP A 2 5.93 -4.27 -11.90
C TRP A 2 4.51 -4.81 -11.73
N ALA A 3 4.28 -5.61 -10.73
CA ALA A 3 2.92 -6.17 -10.51
C ALA A 3 1.86 -5.09 -10.73
N VAL A 4 2.20 -3.86 -10.48
CA VAL A 4 1.21 -2.76 -10.66
C VAL A 4 1.45 -2.02 -11.97
N LYS A 5 0.41 -1.68 -12.67
CA LYS A 5 0.55 -0.95 -13.95
C LYS A 5 0.41 0.57 -13.71
N PRO A 6 0.48 1.32 -14.78
CA PRO A 6 0.36 2.79 -14.67
C PRO A 6 -1.09 3.18 -14.33
N GLU A 7 -2.03 2.42 -14.81
CA GLU A 7 -3.46 2.72 -14.52
C GLU A 7 -3.81 2.29 -13.10
N ASP A 8 -3.18 1.25 -12.63
CA ASP A 8 -3.46 0.76 -11.26
C ASP A 8 -2.75 1.66 -10.26
N LYS A 9 -1.60 2.14 -10.62
CA LYS A 9 -0.85 3.05 -9.71
C LYS A 9 -1.39 4.46 -9.87
N ALA A 10 -2.08 4.71 -10.96
CA ALA A 10 -2.65 6.07 -11.18
C ALA A 10 -3.80 6.29 -10.20
N LYS A 11 -4.58 5.28 -9.97
CA LYS A 11 -5.70 5.42 -8.99
C LYS A 11 -5.10 5.43 -7.58
N TYR A 12 -4.01 4.71 -7.40
CA TYR A 12 -3.35 4.69 -6.07
C TYR A 12 -2.79 6.08 -5.77
N ASP A 13 -2.30 6.75 -6.77
CA ASP A 13 -1.74 8.12 -6.55
C ASP A 13 -2.86 9.11 -6.22
N ALA A 14 -4.08 8.78 -6.57
CA ALA A 14 -5.20 9.70 -6.26
C ALA A 14 -5.63 9.46 -4.82
N ILE A 15 -5.63 8.22 -4.40
CA ILE A 15 -5.99 7.91 -3.01
C ILE A 15 -4.81 8.28 -2.12
N PHE A 16 -3.63 8.22 -2.67
CA PHE A 16 -2.43 8.59 -1.89
C PHE A 16 -2.38 10.11 -1.74
N ASP A 17 -2.79 10.81 -2.77
CA ASP A 17 -2.79 12.30 -2.71
C ASP A 17 -4.13 12.80 -2.16
N SER A 18 -5.01 11.90 -1.81
CA SER A 18 -6.33 12.34 -1.24
C SER A 18 -6.22 12.39 0.27
N LEU A 19 -5.09 12.00 0.79
CA LEU A 19 -4.87 12.01 2.27
C LEU A 19 -3.88 13.11 2.62
N SER A 20 -3.34 13.77 1.61
CA SER A 20 -2.33 14.86 1.83
C SER A 20 -0.94 14.24 1.97
N PRO A 21 -0.28 14.11 0.85
CA PRO A 21 1.07 13.51 0.80
C PRO A 21 2.10 14.48 1.38
N VAL A 22 3.14 13.95 1.98
CA VAL A 22 4.19 14.81 2.55
C VAL A 22 5.53 14.46 1.89
N ASN A 23 5.99 15.30 1.00
CA ASN A 23 7.28 15.01 0.30
C ASN A 23 7.18 13.67 -0.44
N GLY A 24 5.98 13.22 -0.72
CA GLY A 24 5.81 11.93 -1.45
C GLY A 24 5.62 10.78 -0.45
N PHE A 25 4.94 11.02 0.63
CA PHE A 25 4.73 9.94 1.63
C PHE A 25 3.40 10.10 2.37
N LEU A 26 2.82 9.01 2.78
CA LEU A 26 1.55 9.09 3.55
C LEU A 26 1.75 8.37 4.87
N SER A 27 1.40 8.98 5.95
CA SER A 27 1.58 8.31 7.26
C SER A 27 0.48 7.28 7.46
N GLY A 28 0.77 6.21 8.14
CA GLY A 28 -0.29 5.18 8.36
C GLY A 28 -1.56 5.90 8.80
N ASP A 29 -1.41 7.06 9.38
CA ASP A 29 -2.62 7.83 9.82
C ASP A 29 -3.46 8.21 8.61
N LYS A 30 -2.89 8.20 7.43
CA LYS A 30 -3.67 8.53 6.22
C LYS A 30 -3.95 7.24 5.47
N VAL A 31 -3.04 6.32 5.56
CA VAL A 31 -3.24 5.01 4.87
C VAL A 31 -4.09 4.08 5.74
N LYS A 32 -3.79 3.99 7.00
CA LYS A 32 -4.57 3.10 7.90
C LYS A 32 -6.07 3.22 7.58
N PRO A 33 -6.56 4.44 7.53
CA PRO A 33 -7.99 4.65 7.22
C PRO A 33 -8.25 4.24 5.77
N VAL A 34 -7.28 4.41 4.93
CA VAL A 34 -7.43 4.02 3.50
C VAL A 34 -7.52 2.49 3.42
N LEU A 35 -6.81 1.80 4.27
CA LEU A 35 -6.84 0.33 4.24
C LEU A 35 -8.01 -0.18 5.09
N LEU A 36 -8.34 0.54 6.12
CA LEU A 36 -9.48 0.11 6.97
C LEU A 36 -10.78 0.30 6.21
N ASN A 37 -10.73 0.98 5.10
CA ASN A 37 -11.96 1.22 4.32
C ASN A 37 -12.20 0.05 3.35
N SER A 38 -11.24 -0.81 3.21
CA SER A 38 -11.41 -1.97 2.28
C SER A 38 -12.24 -3.07 2.95
N LYS A 39 -12.82 -2.80 4.09
CA LYS A 39 -13.64 -3.83 4.79
C LYS A 39 -12.76 -5.01 5.19
N LEU A 40 -11.47 -4.88 5.07
CA LEU A 40 -10.55 -5.97 5.46
C LEU A 40 -10.10 -5.78 6.90
N PRO A 41 -9.70 -6.85 7.51
CA PRO A 41 -9.23 -6.78 8.91
C PRO A 41 -7.84 -6.15 8.97
N VAL A 42 -7.38 -5.79 10.13
CA VAL A 42 -6.03 -5.16 10.23
C VAL A 42 -4.98 -6.21 9.87
N ASP A 43 -5.38 -7.45 9.70
CA ASP A 43 -4.39 -8.48 9.34
C ASP A 43 -4.01 -8.30 7.88
N ILE A 44 -4.91 -7.80 7.09
CA ILE A 44 -4.60 -7.57 5.66
C ILE A 44 -3.93 -6.21 5.52
N LEU A 45 -4.40 -5.26 6.27
CA LEU A 45 -3.80 -3.91 6.21
C LEU A 45 -2.53 -3.90 7.04
N GLY A 46 -2.48 -4.73 8.04
CA GLY A 46 -1.25 -4.79 8.87
C GLY A 46 -0.16 -5.46 8.05
N ARG A 47 -0.59 -6.28 7.12
CA ARG A 47 0.39 -6.98 6.25
C ARG A 47 0.46 -6.30 4.88
N VAL A 48 -0.62 -5.72 4.42
CA VAL A 48 -0.57 -5.05 3.09
C VAL A 48 0.28 -3.79 3.21
N TRP A 49 0.18 -3.11 4.33
CA TRP A 49 1.02 -1.90 4.52
C TRP A 49 2.49 -2.31 4.53
N GLU A 50 2.83 -3.29 5.32
CA GLU A 50 4.25 -3.72 5.40
C GLU A 50 4.80 -3.98 4.00
N LEU A 51 4.18 -4.88 3.29
CA LEU A 51 4.67 -5.17 1.90
C LEU A 51 4.54 -3.89 1.07
N SER A 52 3.72 -2.97 1.52
CA SER A 52 3.55 -1.69 0.78
C SER A 52 4.64 -0.71 1.24
N ASP A 53 5.01 -0.79 2.49
CA ASP A 53 6.07 0.11 3.02
C ASP A 53 7.42 -0.30 2.42
N ILE A 54 7.81 0.31 1.34
CA ILE A 54 9.10 -0.07 0.70
C ILE A 54 10.29 0.50 1.47
N ASP A 55 10.10 1.53 2.24
CA ASP A 55 11.24 2.12 3.00
C ASP A 55 11.08 1.87 4.50
N HIS A 56 9.94 1.38 4.91
CA HIS A 56 9.74 1.12 6.37
C HIS A 56 9.90 2.42 7.17
N ASP A 57 9.32 3.49 6.70
CA ASP A 57 9.45 4.79 7.43
C ASP A 57 8.13 5.13 8.12
N GLY A 58 7.21 4.22 8.13
CA GLY A 58 5.90 4.49 8.78
C GLY A 58 5.03 5.31 7.83
N MET A 59 5.27 5.21 6.54
CA MET A 59 4.43 5.98 5.57
C MET A 59 4.37 5.25 4.23
N LEU A 60 3.42 5.58 3.40
CA LEU A 60 3.33 4.91 2.07
C LEU A 60 3.51 5.96 0.97
N ASP A 61 4.66 6.01 0.36
CA ASP A 61 4.88 7.02 -0.72
C ASP A 61 4.04 6.65 -1.95
N ARG A 62 4.03 7.52 -2.92
CA ARG A 62 3.22 7.24 -4.15
C ARG A 62 3.52 5.84 -4.69
N ASP A 63 4.72 5.37 -4.54
CA ASP A 63 5.05 4.00 -5.04
C ASP A 63 4.72 2.96 -3.99
N GLU A 64 4.82 3.33 -2.73
CA GLU A 64 4.50 2.36 -1.66
C GLU A 64 2.98 2.29 -1.50
N PHE A 65 2.32 3.41 -1.58
CA PHE A 65 0.84 3.42 -1.46
C PHE A 65 0.25 2.64 -2.63
N ALA A 66 0.97 2.54 -3.71
CA ALA A 66 0.45 1.78 -4.89
C ALA A 66 0.44 0.29 -4.59
N VAL A 67 1.54 -0.23 -4.13
CA VAL A 67 1.61 -1.68 -3.80
C VAL A 67 0.54 -2.04 -2.76
N ALA A 68 0.13 -1.10 -1.97
CA ALA A 68 -0.91 -1.40 -0.92
C ALA A 68 -2.33 -1.21 -1.45
N MET A 69 -2.48 -0.74 -2.67
CA MET A 69 -3.85 -0.55 -3.21
C MET A 69 -4.34 -1.82 -3.90
N PHE A 70 -3.50 -2.44 -4.69
CA PHE A 70 -3.93 -3.70 -5.35
C PHE A 70 -3.86 -4.83 -4.33
N LEU A 71 -3.07 -4.65 -3.30
CA LEU A 71 -2.98 -5.67 -2.24
C LEU A 71 -4.25 -5.63 -1.38
N VAL A 72 -4.89 -4.49 -1.36
CA VAL A 72 -6.14 -4.34 -0.57
C VAL A 72 -7.35 -4.68 -1.44
N TYR A 73 -7.35 -4.24 -2.67
CA TYR A 73 -8.51 -4.50 -3.56
C TYR A 73 -8.53 -5.98 -3.97
N CYS A 74 -7.42 -6.65 -3.91
CA CYS A 74 -7.40 -8.07 -4.30
C CYS A 74 -7.85 -8.94 -3.12
N ALA A 75 -7.77 -8.42 -1.92
CA ALA A 75 -8.21 -9.20 -0.74
C ALA A 75 -9.73 -9.12 -0.62
N LEU A 76 -10.33 -8.23 -1.36
CA LEU A 76 -11.80 -8.09 -1.30
C LEU A 76 -12.47 -8.97 -2.35
N GLU A 77 -11.92 -9.02 -3.52
CA GLU A 77 -12.55 -9.83 -4.61
C GLU A 77 -11.55 -10.84 -5.21
N LYS A 78 -10.29 -10.76 -4.88
CA LYS A 78 -9.33 -11.73 -5.47
C LYS A 78 -8.80 -12.73 -4.43
N GLU A 79 -7.73 -12.40 -3.77
CA GLU A 79 -7.17 -13.35 -2.75
C GLU A 79 -6.55 -12.58 -1.59
N PRO A 80 -6.16 -13.31 -0.58
CA PRO A 80 -5.54 -12.70 0.62
C PRO A 80 -4.16 -12.12 0.28
N VAL A 81 -3.40 -11.75 1.27
CA VAL A 81 -2.06 -11.16 1.00
C VAL A 81 -0.98 -11.88 1.82
N PRO A 82 0.12 -12.14 1.17
CA PRO A 82 1.24 -12.82 1.86
C PRO A 82 2.07 -11.75 2.60
N MET A 83 3.05 -12.14 3.35
CA MET A 83 3.86 -11.11 4.08
C MET A 83 5.23 -10.98 3.45
N SER A 84 5.41 -11.44 2.25
CA SER A 84 6.76 -11.35 1.65
C SER A 84 6.81 -10.38 0.47
N LEU A 85 7.26 -9.20 0.71
CA LEU A 85 7.39 -8.20 -0.38
C LEU A 85 8.05 -8.86 -1.60
N PRO A 86 7.24 -9.15 -2.59
CA PRO A 86 7.76 -9.79 -3.82
C PRO A 86 8.59 -8.79 -4.64
N PRO A 87 9.56 -9.32 -5.34
CA PRO A 87 10.46 -8.48 -6.17
C PRO A 87 9.70 -7.93 -7.39
N ALA A 88 8.56 -8.49 -7.68
CA ALA A 88 7.77 -7.98 -8.84
C ALA A 88 6.92 -6.79 -8.41
N LEU A 89 6.96 -6.45 -7.15
CA LEU A 89 6.15 -5.31 -6.66
C LEU A 89 7.07 -4.10 -6.39
N VAL A 90 8.36 -4.30 -6.45
CA VAL A 90 9.30 -3.18 -6.19
C VAL A 90 9.33 -2.21 -7.37
N PRO A 91 9.18 -0.95 -7.07
CA PRO A 91 9.19 0.10 -8.13
C PRO A 91 10.62 0.27 -8.67
N PRO A 92 10.74 1.09 -9.67
CA PRO A 92 12.06 1.33 -10.30
C PRO A 92 12.95 2.18 -9.38
N SER A 93 12.37 2.91 -8.46
CA SER A 93 13.20 3.73 -7.54
C SER A 93 14.04 2.82 -6.64
N LYS A 94 13.70 1.56 -6.57
CA LYS A 94 14.50 0.64 -5.73
C LYS A 94 15.50 -0.11 -6.60
N ARG A 95 15.63 0.28 -7.84
CA ARG A 95 16.60 -0.41 -8.74
C ARG A 95 18.02 -0.28 -8.18
N SER B 6 8.75 0.30 16.68
CA SER B 6 7.39 -0.19 16.33
C SER B 6 6.96 0.35 14.96
N THR B 7 5.90 -0.17 14.41
CA THR B 7 5.44 0.32 13.08
C THR B 7 4.10 -0.33 12.71
N ASN B 8 3.71 -0.22 11.46
CA ASN B 8 2.41 -0.84 11.05
C ASN B 8 1.31 -0.50 12.06
N PRO B 9 0.68 0.62 11.82
CA PRO B 9 -0.41 1.10 12.71
C PRO B 9 -1.71 0.29 12.53
N PHE B 10 -1.65 -0.90 11.99
CA PHE B 10 -2.90 -1.71 11.83
C PHE B 10 -2.95 -2.74 12.96
N ARG B 11 -1.97 -3.61 13.00
CA ARG B 11 -1.95 -4.65 14.07
C ARG B 11 -1.90 -3.98 15.45
CA CA C . 7.34 3.14 3.69
N PRO A 1 6.20 -7.90 -15.26
CA PRO A 1 5.99 -6.44 -15.10
C PRO A 1 5.66 -6.12 -13.64
N TRP A 2 5.31 -4.89 -13.36
CA TRP A 2 4.97 -4.50 -11.96
C TRP A 2 3.54 -4.93 -11.63
N ALA A 3 3.36 -5.67 -10.57
CA ALA A 3 2.00 -6.13 -10.19
C ALA A 3 0.99 -5.00 -10.35
N VAL A 4 1.43 -3.78 -10.21
CA VAL A 4 0.49 -2.63 -10.34
C VAL A 4 0.55 -2.06 -11.76
N LYS A 5 -0.56 -1.60 -12.27
CA LYS A 5 -0.57 -1.03 -13.65
C LYS A 5 -0.85 0.48 -13.57
N PRO A 6 -0.90 1.09 -14.73
CA PRO A 6 -1.16 2.55 -14.79
C PRO A 6 -2.59 2.85 -14.34
N GLU A 7 -3.51 1.99 -14.65
CA GLU A 7 -4.92 2.21 -14.24
C GLU A 7 -5.06 2.02 -12.73
N ASP A 8 -4.26 1.17 -12.15
CA ASP A 8 -4.35 0.96 -10.68
C ASP A 8 -3.52 2.04 -10.00
N LYS A 9 -2.40 2.39 -10.56
CA LYS A 9 -1.56 3.45 -9.97
C LYS A 9 -2.28 4.80 -10.11
N ALA A 10 -3.24 4.85 -10.99
CA ALA A 10 -4.00 6.11 -11.18
C ALA A 10 -5.03 6.24 -10.05
N LYS A 11 -5.66 5.16 -9.68
CA LYS A 11 -6.63 5.22 -8.57
C LYS A 11 -5.87 5.18 -7.25
N TYR A 12 -4.67 4.67 -7.27
CA TYR A 12 -3.86 4.63 -6.02
C TYR A 12 -3.28 6.01 -5.76
N ASP A 13 -2.96 6.73 -6.81
CA ASP A 13 -2.40 8.10 -6.64
C ASP A 13 -3.50 9.08 -6.21
N ALA A 14 -4.74 8.73 -6.43
CA ALA A 14 -5.83 9.64 -6.02
C ALA A 14 -6.14 9.39 -4.55
N ILE A 15 -6.00 8.17 -4.12
CA ILE A 15 -6.23 7.85 -2.70
C ILE A 15 -5.00 8.29 -1.91
N PHE A 16 -3.87 8.24 -2.54
CA PHE A 16 -2.60 8.66 -1.87
C PHE A 16 -2.61 10.18 -1.73
N ASP A 17 -3.09 10.86 -2.74
CA ASP A 17 -3.14 12.35 -2.68
C ASP A 17 -4.47 12.81 -2.10
N SER A 18 -5.37 11.89 -1.87
CA SER A 18 -6.68 12.27 -1.28
C SER A 18 -6.51 12.47 0.23
N LEU A 19 -5.35 12.13 0.73
CA LEU A 19 -5.07 12.30 2.17
C LEU A 19 -4.23 13.56 2.38
N SER A 20 -3.12 13.62 1.67
CA SER A 20 -2.17 14.78 1.75
C SER A 20 -0.73 14.23 1.77
N PRO A 21 -0.13 14.23 0.62
CA PRO A 21 1.26 13.71 0.50
C PRO A 21 2.25 14.70 1.10
N VAL A 22 3.32 14.19 1.64
CA VAL A 22 4.35 15.08 2.25
C VAL A 22 5.69 14.87 1.53
N ASN A 23 6.01 15.74 0.61
CA ASN A 23 7.28 15.57 -0.14
C ASN A 23 7.28 14.24 -0.89
N GLY A 24 6.14 13.63 -1.02
CA GLY A 24 6.06 12.33 -1.74
C GLY A 24 5.85 11.18 -0.75
N PHE A 25 5.15 11.42 0.33
CA PHE A 25 4.93 10.33 1.32
C PHE A 25 3.59 10.46 2.04
N LEU A 26 3.05 9.36 2.46
CA LEU A 26 1.76 9.38 3.22
C LEU A 26 2.02 8.76 4.59
N SER A 27 1.41 9.27 5.61
CA SER A 27 1.65 8.66 6.96
C SER A 27 0.66 7.54 7.21
N GLY A 28 1.11 6.48 7.84
CA GLY A 28 0.18 5.36 8.13
C GLY A 28 -1.14 5.94 8.67
N ASP A 29 -1.07 7.10 9.26
CA ASP A 29 -2.30 7.76 9.80
C ASP A 29 -3.25 8.12 8.65
N LYS A 30 -2.73 8.25 7.45
CA LYS A 30 -3.61 8.58 6.30
C LYS A 30 -3.94 7.29 5.57
N VAL A 31 -2.99 6.40 5.53
CA VAL A 31 -3.22 5.09 4.85
C VAL A 31 -4.03 4.17 5.75
N LYS A 32 -3.71 4.15 7.02
CA LYS A 32 -4.44 3.27 7.97
C LYS A 32 -5.94 3.28 7.67
N PRO A 33 -6.53 4.45 7.62
CA PRO A 33 -7.98 4.56 7.34
C PRO A 33 -8.26 4.17 5.89
N VAL A 34 -7.36 4.46 5.01
CA VAL A 34 -7.56 4.08 3.58
C VAL A 34 -7.64 2.56 3.47
N LEU A 35 -6.93 1.87 4.32
CA LEU A 35 -6.96 0.38 4.27
C LEU A 35 -8.09 -0.15 5.13
N LEU A 36 -8.49 0.59 6.12
CA LEU A 36 -9.60 0.13 6.99
C LEU A 36 -10.92 0.27 6.23
N ASN A 37 -10.89 0.94 5.11
CA ASN A 37 -12.14 1.12 4.34
C ASN A 37 -12.31 -0.02 3.33
N SER A 38 -11.35 -0.91 3.25
CA SER A 38 -11.46 -2.04 2.30
C SER A 38 -12.27 -3.18 2.92
N LYS A 39 -12.96 -2.91 4.00
CA LYS A 39 -13.76 -3.98 4.67
C LYS A 39 -12.85 -5.13 5.09
N LEU A 40 -11.57 -4.93 5.07
CA LEU A 40 -10.63 -6.01 5.48
C LEU A 40 -10.17 -5.78 6.91
N PRO A 41 -9.75 -6.85 7.53
CA PRO A 41 -9.27 -6.76 8.92
C PRO A 41 -7.88 -6.12 8.96
N VAL A 42 -7.39 -5.81 10.13
CA VAL A 42 -6.05 -5.19 10.23
C VAL A 42 -4.98 -6.23 9.88
N ASP A 43 -5.39 -7.45 9.68
CA ASP A 43 -4.41 -8.50 9.32
C ASP A 43 -4.01 -8.32 7.86
N ILE A 44 -4.93 -7.83 7.07
CA ILE A 44 -4.61 -7.60 5.64
C ILE A 44 -3.91 -6.26 5.50
N LEU A 45 -4.38 -5.29 6.24
CA LEU A 45 -3.76 -3.96 6.20
C LEU A 45 -2.47 -3.99 7.00
N GLY A 46 -2.40 -4.87 7.97
CA GLY A 46 -1.17 -4.97 8.79
C GLY A 46 -0.08 -5.61 7.93
N ARG A 47 -0.50 -6.44 7.01
CA ARG A 47 0.48 -7.10 6.11
C ARG A 47 0.50 -6.39 4.76
N VAL A 48 -0.58 -5.78 4.37
CA VAL A 48 -0.56 -5.07 3.06
C VAL A 48 0.29 -3.82 3.21
N TRP A 49 0.22 -3.19 4.34
CA TRP A 49 1.04 -1.97 4.54
C TRP A 49 2.52 -2.36 4.54
N GLU A 50 2.88 -3.34 5.32
CA GLU A 50 4.31 -3.75 5.38
C GLU A 50 4.83 -3.99 3.97
N LEU A 51 4.26 -4.91 3.25
CA LEU A 51 4.73 -5.16 1.87
C LEU A 51 4.52 -3.87 1.05
N SER A 52 3.72 -2.97 1.56
CA SER A 52 3.47 -1.68 0.85
C SER A 52 4.47 -0.63 1.36
N ASP A 53 5.07 -0.88 2.49
CA ASP A 53 6.05 0.09 3.06
C ASP A 53 7.47 -0.24 2.57
N ILE A 54 7.80 0.20 1.40
CA ILE A 54 9.16 -0.07 0.86
C ILE A 54 10.20 0.59 1.76
N ASP A 55 9.81 1.62 2.47
CA ASP A 55 10.76 2.32 3.38
C ASP A 55 10.47 1.93 4.83
N HIS A 56 9.40 1.22 5.06
CA HIS A 56 9.04 0.80 6.44
C HIS A 56 9.35 1.92 7.44
N ASP A 57 8.88 3.11 7.18
CA ASP A 57 9.13 4.24 8.11
C ASP A 57 7.79 4.76 8.63
N GLY A 58 6.77 3.97 8.54
CA GLY A 58 5.43 4.41 9.00
C GLY A 58 4.83 5.34 7.94
N MET A 59 5.17 5.15 6.70
CA MET A 59 4.61 6.03 5.63
C MET A 59 4.49 5.28 4.30
N LEU A 60 3.69 5.79 3.40
CA LEU A 60 3.53 5.13 2.07
C LEU A 60 3.72 6.16 0.95
N ASP A 61 4.77 6.05 0.20
CA ASP A 61 5.00 7.03 -0.90
C ASP A 61 3.97 6.84 -2.03
N ARG A 62 3.91 7.77 -2.94
CA ARG A 62 2.94 7.62 -4.06
C ARG A 62 3.08 6.25 -4.70
N ASP A 63 4.29 5.80 -4.87
CA ASP A 63 4.51 4.45 -5.49
C ASP A 63 4.32 3.37 -4.43
N GLU A 64 4.66 3.68 -3.21
CA GLU A 64 4.50 2.70 -2.12
C GLU A 64 3.01 2.54 -1.81
N PHE A 65 2.36 3.64 -1.61
CA PHE A 65 0.91 3.59 -1.32
C PHE A 65 0.23 2.79 -2.42
N ALA A 66 0.85 2.70 -3.56
CA ALA A 66 0.25 1.92 -4.68
C ALA A 66 0.27 0.44 -4.34
N VAL A 67 1.42 -0.07 -3.98
CA VAL A 67 1.53 -1.50 -3.62
C VAL A 67 0.50 -1.87 -2.56
N ALA A 68 0.06 -0.91 -1.79
CA ALA A 68 -0.93 -1.22 -0.70
C ALA A 68 -2.38 -1.13 -1.19
N MET A 69 -2.63 -0.59 -2.35
CA MET A 69 -4.05 -0.50 -2.82
C MET A 69 -4.46 -1.79 -3.53
N PHE A 70 -3.65 -2.27 -4.42
CA PHE A 70 -4.01 -3.52 -5.12
C PHE A 70 -3.81 -4.68 -4.14
N LEU A 71 -3.01 -4.47 -3.13
CA LEU A 71 -2.82 -5.52 -2.10
C LEU A 71 -4.07 -5.58 -1.23
N VAL A 72 -4.78 -4.47 -1.16
CA VAL A 72 -6.03 -4.44 -0.35
C VAL A 72 -7.21 -4.82 -1.24
N TYR A 73 -7.23 -4.30 -2.45
CA TYR A 73 -8.35 -4.62 -3.38
C TYR A 73 -8.28 -6.09 -3.81
N CYS A 74 -7.14 -6.71 -3.65
CA CYS A 74 -7.01 -8.14 -4.03
C CYS A 74 -7.49 -9.02 -2.88
N ALA A 75 -7.43 -8.53 -1.68
CA ALA A 75 -7.90 -9.34 -0.53
C ALA A 75 -9.43 -9.38 -0.55
N LEU A 76 -10.02 -8.47 -1.28
CA LEU A 76 -11.51 -8.43 -1.36
C LEU A 76 -12.00 -9.27 -2.55
N GLU A 77 -11.33 -9.18 -3.66
CA GLU A 77 -11.79 -9.95 -4.87
C GLU A 77 -10.70 -10.90 -5.37
N LYS A 78 -9.49 -10.80 -4.90
CA LYS A 78 -8.43 -11.73 -5.40
C LYS A 78 -8.09 -12.80 -4.35
N GLU A 79 -7.22 -12.51 -3.43
CA GLU A 79 -6.86 -13.53 -2.40
C GLU A 79 -6.19 -12.84 -1.21
N PRO A 80 -5.84 -13.63 -0.23
CA PRO A 80 -5.18 -13.07 0.98
C PRO A 80 -3.81 -12.52 0.63
N VAL A 81 -3.19 -11.83 1.55
CA VAL A 81 -1.85 -11.25 1.27
C VAL A 81 -0.78 -11.91 2.12
N PRO A 82 0.31 -12.24 1.51
CA PRO A 82 1.43 -12.87 2.24
C PRO A 82 2.29 -11.78 2.88
N MET A 83 3.40 -12.13 3.46
CA MET A 83 4.26 -11.07 4.07
C MET A 83 5.55 -10.94 3.27
N SER A 84 5.63 -11.54 2.13
CA SER A 84 6.89 -11.45 1.35
C SER A 84 6.73 -10.56 0.12
N LEU A 85 7.20 -9.37 0.21
CA LEU A 85 7.11 -8.44 -0.96
C LEU A 85 7.66 -9.14 -2.21
N PRO A 86 6.77 -9.52 -3.08
CA PRO A 86 7.18 -10.22 -4.32
C PRO A 86 7.90 -9.26 -5.28
N PRO A 87 8.75 -9.82 -6.08
CA PRO A 87 9.53 -9.01 -7.07
C PRO A 87 8.65 -8.53 -8.22
N ALA A 88 7.45 -9.02 -8.31
CA ALA A 88 6.56 -8.57 -9.42
C ALA A 88 5.86 -7.28 -9.01
N LEU A 89 5.68 -7.10 -7.74
CA LEU A 89 5.02 -5.86 -7.23
C LEU A 89 6.08 -4.92 -6.66
N VAL A 90 7.28 -5.41 -6.49
CA VAL A 90 8.37 -4.55 -5.93
C VAL A 90 9.08 -3.79 -7.06
N PRO A 91 9.34 -2.53 -6.80
CA PRO A 91 10.03 -1.67 -7.79
C PRO A 91 11.52 -2.07 -7.88
N PRO A 92 12.21 -1.44 -8.79
CA PRO A 92 13.65 -1.73 -8.97
C PRO A 92 14.46 -1.26 -7.75
N SER A 93 15.74 -1.46 -7.77
CA SER A 93 16.58 -1.05 -6.61
C SER A 93 16.31 -1.96 -5.42
N LYS A 94 15.08 -2.08 -5.02
CA LYS A 94 14.75 -2.97 -3.88
C LYS A 94 14.51 -4.38 -4.41
N ARG A 95 14.93 -4.63 -5.63
CA ARG A 95 14.73 -5.99 -6.23
C ARG A 95 15.41 -7.06 -5.36
N SER B 6 4.84 -0.43 15.88
CA SER B 6 5.56 0.86 15.67
C SER B 6 5.67 1.16 14.17
N THR B 7 5.89 0.14 13.38
CA THR B 7 6.02 0.37 11.91
C THR B 7 4.68 0.11 11.22
N ASN B 8 3.86 -0.74 11.78
CA ASN B 8 2.54 -1.04 11.15
C ASN B 8 1.40 -0.51 12.02
N PRO B 9 0.75 0.51 11.52
CA PRO B 9 -0.38 1.15 12.25
C PRO B 9 -1.63 0.25 12.25
N PHE B 10 -1.55 -0.92 11.68
CA PHE B 10 -2.74 -1.83 11.67
C PHE B 10 -2.57 -2.89 12.75
N ARG B 11 -1.44 -3.51 12.80
CA ARG B 11 -1.20 -4.56 13.83
C ARG B 11 -0.92 -3.92 15.20
CA CA C . 7.54 4.39 3.14
N PRO A 1 5.60 -7.44 -15.56
CA PRO A 1 6.01 -6.08 -15.15
C PRO A 1 5.74 -5.87 -13.66
N TRP A 2 5.94 -4.67 -13.16
CA TRP A 2 5.68 -4.40 -11.72
C TRP A 2 4.27 -4.88 -11.36
N ALA A 3 4.13 -5.56 -10.26
CA ALA A 3 2.79 -6.05 -9.84
C ALA A 3 1.74 -4.97 -10.09
N VAL A 4 2.13 -3.74 -10.05
CA VAL A 4 1.16 -2.64 -10.28
C VAL A 4 1.49 -1.90 -11.58
N LYS A 5 0.51 -1.63 -12.39
CA LYS A 5 0.77 -0.92 -13.67
C LYS A 5 0.59 0.60 -13.48
N PRO A 6 0.79 1.32 -14.55
CA PRO A 6 0.64 2.80 -14.49
C PRO A 6 -0.84 3.18 -14.33
N GLU A 7 -1.71 2.41 -14.93
CA GLU A 7 -3.18 2.71 -14.80
C GLU A 7 -3.66 2.24 -13.43
N ASP A 8 -3.10 1.19 -12.93
CA ASP A 8 -3.51 0.69 -11.58
C ASP A 8 -2.88 1.59 -10.53
N LYS A 9 -1.69 2.06 -10.78
CA LYS A 9 -1.03 2.96 -9.81
C LYS A 9 -1.65 4.36 -9.93
N ALA A 10 -2.29 4.62 -11.05
CA ALA A 10 -2.94 5.95 -11.24
C ALA A 10 -4.12 6.06 -10.29
N LYS A 11 -4.92 5.03 -10.21
CA LYS A 11 -6.08 5.07 -9.28
C LYS A 11 -5.53 5.00 -7.84
N TYR A 12 -4.34 4.51 -7.70
CA TYR A 12 -3.71 4.43 -6.35
C TYR A 12 -3.15 5.80 -5.98
N ASP A 13 -2.75 6.56 -6.98
CA ASP A 13 -2.20 7.92 -6.71
C ASP A 13 -3.33 8.88 -6.38
N ALA A 14 -4.53 8.55 -6.76
CA ALA A 14 -5.68 9.45 -6.45
C ALA A 14 -6.12 9.19 -5.01
N ILE A 15 -5.99 7.97 -4.56
CA ILE A 15 -6.36 7.65 -3.17
C ILE A 15 -5.21 8.10 -2.27
N PHE A 16 -4.01 8.02 -2.77
CA PHE A 16 -2.83 8.47 -1.98
C PHE A 16 -2.89 9.99 -1.81
N ASP A 17 -3.39 10.68 -2.79
CA ASP A 17 -3.50 12.16 -2.70
C ASP A 17 -4.85 12.56 -2.12
N SER A 18 -5.73 11.61 -1.92
CA SER A 18 -7.07 11.94 -1.35
C SER A 18 -6.93 12.12 0.15
N LEU A 19 -5.83 11.69 0.69
CA LEU A 19 -5.59 11.83 2.15
C LEU A 19 -4.84 13.13 2.41
N SER A 20 -3.71 13.26 1.75
CA SER A 20 -2.82 14.49 1.88
C SER A 20 -1.37 14.05 1.83
N PRO A 21 -0.83 14.07 0.65
CA PRO A 21 0.57 13.66 0.43
C PRO A 21 1.53 14.72 0.94
N VAL A 22 2.69 14.31 1.38
CA VAL A 22 3.70 15.27 1.88
C VAL A 22 5.01 15.05 1.13
N ASN A 23 5.33 15.90 0.20
CA ASN A 23 6.58 15.70 -0.59
C ASN A 23 6.50 14.40 -1.38
N GLY A 24 5.34 13.83 -1.48
CA GLY A 24 5.18 12.56 -2.23
C GLY A 24 5.11 11.39 -1.25
N PHE A 25 4.53 11.61 -0.10
CA PHE A 25 4.43 10.50 0.90
C PHE A 25 3.16 10.59 1.73
N LEU A 26 2.65 9.46 2.14
CA LEU A 26 1.44 9.45 3.00
C LEU A 26 1.84 8.92 4.36
N SER A 27 1.09 9.20 5.38
CA SER A 27 1.48 8.68 6.71
C SER A 27 0.56 7.52 7.09
N GLY A 28 1.07 6.53 7.75
CA GLY A 28 0.21 5.39 8.15
C GLY A 28 -1.11 5.93 8.70
N ASP A 29 -1.09 7.14 9.19
CA ASP A 29 -2.34 7.75 9.74
C ASP A 29 -3.32 8.09 8.61
N LYS A 30 -2.82 8.28 7.41
CA LYS A 30 -3.72 8.59 6.28
C LYS A 30 -4.07 7.29 5.56
N VAL A 31 -3.13 6.40 5.51
CA VAL A 31 -3.39 5.09 4.84
C VAL A 31 -4.19 4.17 5.76
N LYS A 32 -3.85 4.15 7.02
CA LYS A 32 -4.56 3.26 7.97
C LYS A 32 -6.07 3.27 7.68
N PRO A 33 -6.65 4.44 7.65
CA PRO A 33 -8.10 4.56 7.35
C PRO A 33 -8.38 4.14 5.91
N VAL A 34 -7.46 4.41 5.02
CA VAL A 34 -7.65 4.02 3.60
C VAL A 34 -7.76 2.49 3.51
N LEU A 35 -7.03 1.81 4.35
CA LEU A 35 -7.06 0.33 4.33
C LEU A 35 -8.16 -0.18 5.25
N LEU A 36 -8.48 0.55 6.27
CA LEU A 36 -9.57 0.13 7.18
C LEU A 36 -10.90 0.26 6.45
N ASN A 37 -10.89 0.94 5.34
CA ASN A 37 -12.15 1.12 4.58
C ASN A 37 -12.29 0.01 3.53
N SER A 38 -11.29 -0.83 3.41
CA SER A 38 -11.36 -1.94 2.41
C SER A 38 -12.13 -3.13 2.97
N LYS A 39 -12.88 -2.92 4.03
CA LYS A 39 -13.64 -4.06 4.63
C LYS A 39 -12.67 -5.16 5.08
N LEU A 40 -11.40 -4.86 5.12
CA LEU A 40 -10.40 -5.88 5.54
C LEU A 40 -10.01 -5.66 7.00
N PRO A 41 -9.61 -6.73 7.62
CA PRO A 41 -9.18 -6.66 9.03
C PRO A 41 -7.77 -6.03 9.09
N VAL A 42 -7.25 -5.82 10.26
CA VAL A 42 -5.90 -5.22 10.37
C VAL A 42 -4.86 -6.26 9.98
N ASP A 43 -5.28 -7.46 9.70
CA ASP A 43 -4.29 -8.51 9.32
C ASP A 43 -3.95 -8.36 7.84
N ILE A 44 -4.88 -7.88 7.07
CA ILE A 44 -4.58 -7.69 5.63
C ILE A 44 -3.98 -6.31 5.44
N LEU A 45 -4.49 -5.34 6.15
CA LEU A 45 -3.95 -3.97 6.04
C LEU A 45 -2.62 -3.93 6.78
N GLY A 46 -2.46 -4.77 7.76
CA GLY A 46 -1.17 -4.81 8.50
C GLY A 46 -0.14 -5.49 7.59
N ARG A 47 -0.64 -6.26 6.67
CA ARG A 47 0.26 -6.97 5.71
C ARG A 47 0.31 -6.19 4.40
N VAL A 48 -0.78 -5.58 4.03
CA VAL A 48 -0.78 -4.80 2.75
C VAL A 48 0.11 -3.58 2.94
N TRP A 49 0.16 -3.08 4.13
CA TRP A 49 1.03 -1.90 4.39
C TRP A 49 2.49 -2.36 4.46
N GLU A 50 2.80 -3.29 5.32
CA GLU A 50 4.22 -3.73 5.45
C GLU A 50 4.77 -4.09 4.07
N LEU A 51 4.16 -5.02 3.39
CA LEU A 51 4.66 -5.37 2.03
C LEU A 51 4.61 -4.12 1.15
N SER A 52 3.87 -3.12 1.58
CA SER A 52 3.77 -1.86 0.80
C SER A 52 4.86 -0.88 1.26
N ASP A 53 5.09 -0.81 2.55
CA ASP A 53 6.12 0.12 3.09
C ASP A 53 7.50 -0.32 2.62
N ILE A 54 8.01 0.28 1.57
CA ILE A 54 9.36 -0.10 1.07
C ILE A 54 10.43 0.39 2.04
N ASP A 55 10.18 1.50 2.69
CA ASP A 55 11.19 2.04 3.65
C ASP A 55 10.72 1.79 5.08
N HIS A 56 9.49 1.37 5.24
CA HIS A 56 8.95 1.10 6.61
C HIS A 56 9.17 2.33 7.51
N ASP A 57 8.79 3.48 7.05
CA ASP A 57 8.97 4.69 7.89
C ASP A 57 7.60 5.21 8.35
N GLY A 58 6.62 4.36 8.34
CA GLY A 58 5.26 4.79 8.76
C GLY A 58 4.64 5.64 7.66
N MET A 59 4.95 5.35 6.41
CA MET A 59 4.38 6.17 5.30
C MET A 59 4.22 5.35 4.02
N LEU A 60 3.40 5.84 3.11
CA LEU A 60 3.20 5.13 1.81
C LEU A 60 3.30 6.15 0.67
N ASP A 61 4.43 6.23 0.01
CA ASP A 61 4.56 7.20 -1.11
C ASP A 61 3.72 6.76 -2.32
N ARG A 62 3.43 7.67 -3.20
CA ARG A 62 2.60 7.33 -4.40
C ARG A 62 2.91 5.92 -4.91
N ASP A 63 4.17 5.56 -4.97
CA ASP A 63 4.52 4.20 -5.45
C ASP A 63 4.28 3.18 -4.33
N GLU A 64 4.51 3.57 -3.11
CA GLU A 64 4.29 2.64 -1.97
C GLU A 64 2.79 2.43 -1.79
N PHE A 65 2.05 3.49 -1.78
CA PHE A 65 0.58 3.39 -1.62
C PHE A 65 0.01 2.58 -2.79
N ALA A 66 0.79 2.39 -3.82
CA ALA A 66 0.30 1.60 -4.99
C ALA A 66 0.38 0.11 -4.67
N VAL A 67 1.48 -0.33 -4.15
CA VAL A 67 1.62 -1.77 -3.80
C VAL A 67 0.54 -2.14 -2.78
N ALA A 68 0.13 -1.20 -1.99
CA ALA A 68 -0.91 -1.47 -0.96
C ALA A 68 -2.31 -1.21 -1.51
N MET A 69 -2.42 -0.75 -2.73
CA MET A 69 -3.78 -0.50 -3.28
C MET A 69 -4.33 -1.76 -3.92
N PHE A 70 -3.56 -2.40 -4.74
CA PHE A 70 -4.06 -3.65 -5.38
C PHE A 70 -4.01 -4.77 -4.34
N LEU A 71 -3.14 -4.61 -3.36
CA LEU A 71 -3.06 -5.62 -2.28
C LEU A 71 -4.32 -5.53 -1.43
N VAL A 72 -4.92 -4.38 -1.39
CA VAL A 72 -6.16 -4.19 -0.60
C VAL A 72 -7.39 -4.47 -1.47
N TYR A 73 -7.25 -4.35 -2.77
CA TYR A 73 -8.41 -4.62 -3.67
C TYR A 73 -8.51 -6.12 -3.95
N CYS A 74 -7.39 -6.80 -3.88
CA CYS A 74 -7.41 -8.27 -4.15
C CYS A 74 -7.87 -9.01 -2.90
N ALA A 75 -7.84 -8.36 -1.77
CA ALA A 75 -8.29 -9.03 -0.52
C ALA A 75 -9.80 -8.85 -0.38
N LEU A 76 -10.38 -8.04 -1.22
CA LEU A 76 -11.85 -7.81 -1.15
C LEU A 76 -12.54 -8.82 -2.06
N GLU A 77 -12.02 -9.00 -3.24
CA GLU A 77 -12.63 -9.97 -4.17
C GLU A 77 -12.37 -11.40 -3.69
N LYS A 78 -11.13 -11.72 -3.42
CA LYS A 78 -10.81 -13.09 -2.94
C LYS A 78 -9.31 -13.26 -2.71
N GLU A 79 -8.49 -12.57 -3.45
CA GLU A 79 -7.01 -12.72 -3.30
C GLU A 79 -6.56 -12.21 -1.92
N PRO A 80 -6.15 -13.13 -1.09
CA PRO A 80 -5.68 -12.77 0.27
C PRO A 80 -4.31 -12.08 0.18
N VAL A 81 -3.67 -11.86 1.29
CA VAL A 81 -2.34 -11.18 1.25
C VAL A 81 -1.35 -11.85 2.22
N PRO A 82 -0.23 -12.24 1.69
CA PRO A 82 0.81 -12.89 2.51
C PRO A 82 1.68 -11.82 3.18
N MET A 83 2.71 -12.21 3.88
CA MET A 83 3.57 -11.19 4.54
C MET A 83 4.93 -11.14 3.87
N SER A 84 5.08 -11.76 2.74
CA SER A 84 6.41 -11.76 2.08
C SER A 84 6.41 -10.91 0.83
N LEU A 85 6.94 -9.74 0.93
CA LEU A 85 7.01 -8.85 -0.27
C LEU A 85 7.69 -9.57 -1.42
N PRO A 86 6.90 -9.95 -2.39
CA PRO A 86 7.43 -10.67 -3.58
C PRO A 86 8.28 -9.72 -4.43
N PRO A 87 8.95 -10.28 -5.39
CA PRO A 87 9.82 -9.48 -6.27
C PRO A 87 8.99 -8.68 -7.29
N ALA A 88 7.79 -9.11 -7.56
CA ALA A 88 6.94 -8.36 -8.53
C ALA A 88 6.29 -7.18 -7.82
N LEU A 89 6.63 -6.97 -6.58
CA LEU A 89 6.01 -5.85 -5.82
C LEU A 89 7.06 -4.79 -5.46
N VAL A 90 8.24 -4.87 -6.01
CA VAL A 90 9.28 -3.87 -5.68
C VAL A 90 9.81 -3.21 -6.95
N PRO A 91 9.44 -1.97 -7.12
CA PRO A 91 9.91 -1.20 -8.31
C PRO A 91 11.36 -0.80 -8.11
N PRO A 92 11.97 -0.32 -9.17
CA PRO A 92 13.38 0.11 -9.11
C PRO A 92 13.51 1.39 -8.30
N SER A 93 14.72 1.83 -8.07
CA SER A 93 14.96 3.07 -7.26
C SER A 93 14.87 2.75 -5.77
N LYS A 94 14.02 1.82 -5.40
CA LYS A 94 13.93 1.45 -3.96
C LYS A 94 14.94 0.34 -3.68
N ARG A 95 15.68 -0.07 -4.68
CA ARG A 95 16.68 -1.15 -4.47
C ARG A 95 17.68 -0.74 -3.38
N SER B 6 7.07 -2.87 13.60
CA SER B 6 7.01 -1.54 14.28
C SER B 6 6.28 -0.53 13.40
N THR B 7 6.79 -0.27 12.23
CA THR B 7 6.12 0.71 11.32
C THR B 7 4.84 0.09 10.75
N ASN B 8 3.86 -0.11 11.58
CA ASN B 8 2.59 -0.71 11.08
C ASN B 8 1.41 -0.23 11.94
N PRO B 9 0.70 0.73 11.41
CA PRO B 9 -0.47 1.32 12.11
C PRO B 9 -1.68 0.36 12.12
N PHE B 10 -1.52 -0.84 11.62
CA PHE B 10 -2.67 -1.80 11.65
C PHE B 10 -2.44 -2.85 12.73
N ARG B 11 -1.47 -3.69 12.53
CA ARG B 11 -1.19 -4.73 13.56
C ARG B 11 -1.00 -4.09 14.93
CA CA C . 7.15 4.50 2.98
N PRO A 1 1.08 2.87 12.40
CA PRO A 1 6.90 -6.82 -14.17
C PRO A 1 6.31 -6.29 -12.86
N TRP A 2 5.89 -5.05 -12.82
CA TRP A 2 5.31 -4.51 -11.57
C TRP A 2 3.80 -4.74 -11.57
N ALA A 3 3.31 -5.44 -10.57
CA ALA A 3 1.84 -5.71 -10.51
C ALA A 3 1.06 -4.41 -10.63
N VAL A 4 1.67 -3.31 -10.28
CA VAL A 4 0.95 -2.00 -10.37
C VAL A 4 1.32 -1.29 -11.67
N LYS A 5 0.35 -1.08 -12.52
CA LYS A 5 0.63 -0.38 -13.81
C LYS A 5 0.35 1.12 -13.65
N PRO A 6 0.51 1.85 -14.72
CA PRO A 6 0.27 3.31 -14.68
C PRO A 6 -1.23 3.58 -14.48
N GLU A 7 -2.07 2.74 -15.01
CA GLU A 7 -3.53 2.95 -14.83
C GLU A 7 -3.94 2.56 -13.41
N ASP A 8 -3.29 1.58 -12.84
CA ASP A 8 -3.63 1.17 -11.45
C ASP A 8 -2.93 2.12 -10.48
N LYS A 9 -1.74 2.53 -10.81
CA LYS A 9 -1.02 3.48 -9.92
C LYS A 9 -1.63 4.87 -10.07
N ALA A 10 -2.41 5.07 -11.09
CA ALA A 10 -3.06 6.40 -11.29
C ALA A 10 -4.23 6.51 -10.33
N LYS A 11 -4.97 5.46 -10.15
CA LYS A 11 -6.11 5.51 -9.20
C LYS A 11 -5.53 5.45 -7.78
N TYR A 12 -4.37 4.89 -7.64
CA TYR A 12 -3.72 4.82 -6.30
C TYR A 12 -3.23 6.22 -5.94
N ASP A 13 -2.76 6.95 -6.91
CA ASP A 13 -2.26 8.31 -6.65
C ASP A 13 -3.43 9.23 -6.27
N ALA A 14 -4.62 8.88 -6.67
CA ALA A 14 -5.79 9.71 -6.31
C ALA A 14 -6.18 9.41 -4.86
N ILE A 15 -5.93 8.19 -4.45
CA ILE A 15 -6.24 7.81 -3.05
C ILE A 15 -5.08 8.28 -2.17
N PHE A 16 -3.89 8.20 -2.69
CA PHE A 16 -2.71 8.64 -1.91
C PHE A 16 -2.72 10.17 -1.83
N ASP A 17 -3.13 10.81 -2.89
CA ASP A 17 -3.18 12.29 -2.91
C ASP A 17 -4.52 12.77 -2.33
N SER A 18 -5.38 11.86 -1.98
CA SER A 18 -6.70 12.27 -1.39
C SER A 18 -6.53 12.46 0.11
N LEU A 19 -5.40 12.06 0.63
CA LEU A 19 -5.13 12.21 2.08
C LEU A 19 -4.20 13.40 2.31
N SER A 20 -3.59 13.87 1.24
CA SER A 20 -2.64 15.03 1.33
C SER A 20 -1.23 14.51 1.65
N PRO A 21 -0.48 14.28 0.61
CA PRO A 21 0.90 13.76 0.75
C PRO A 21 1.85 14.85 1.23
N VAL A 22 2.90 14.47 1.89
CA VAL A 22 3.89 15.46 2.38
C VAL A 22 5.26 15.14 1.77
N ASN A 23 5.69 15.92 0.82
CA ASN A 23 7.00 15.63 0.16
C ASN A 23 6.90 14.31 -0.59
N GLY A 24 5.71 13.79 -0.75
CA GLY A 24 5.54 12.50 -1.46
C GLY A 24 5.40 11.37 -0.45
N PHE A 25 4.79 11.64 0.67
CA PHE A 25 4.62 10.57 1.70
C PHE A 25 3.27 10.64 2.39
N LEU A 26 2.71 9.50 2.66
CA LEU A 26 1.42 9.46 3.38
C LEU A 26 1.68 8.82 4.74
N SER A 27 1.13 9.35 5.77
CA SER A 27 1.39 8.75 7.10
C SER A 27 0.44 7.59 7.34
N GLY A 28 0.90 6.58 8.02
CA GLY A 28 0.01 5.42 8.30
C GLY A 28 -1.36 5.95 8.74
N ASP A 29 -1.37 7.13 9.31
CA ASP A 29 -2.65 7.73 9.75
C ASP A 29 -3.54 8.05 8.54
N LYS A 30 -2.94 8.26 7.39
CA LYS A 30 -3.75 8.54 6.18
C LYS A 30 -4.02 7.22 5.47
N VAL A 31 -3.08 6.32 5.54
CA VAL A 31 -3.26 5.00 4.88
C VAL A 31 -4.12 4.08 5.75
N LYS A 32 -3.80 4.01 7.03
CA LYS A 32 -4.58 3.11 7.94
C LYS A 32 -6.07 3.17 7.61
N PRO A 33 -6.61 4.36 7.54
CA PRO A 33 -8.06 4.50 7.21
C PRO A 33 -8.29 4.10 5.75
N VAL A 34 -7.34 4.37 4.91
CA VAL A 34 -7.48 3.98 3.48
C VAL A 34 -7.58 2.45 3.40
N LEU A 35 -6.91 1.78 4.30
CA LEU A 35 -6.94 0.29 4.30
C LEU A 35 -8.07 -0.21 5.18
N LEU A 36 -8.43 0.56 6.17
CA LEU A 36 -9.55 0.14 7.06
C LEU A 36 -10.87 0.33 6.33
N ASN A 37 -10.83 0.99 5.20
CA ASN A 37 -12.09 1.21 4.44
C ASN A 37 -12.31 0.07 3.43
N SER A 38 -11.32 -0.77 3.27
CA SER A 38 -11.47 -1.90 2.31
C SER A 38 -12.30 -3.02 2.94
N LYS A 39 -12.84 -2.79 4.11
CA LYS A 39 -13.66 -3.85 4.78
C LYS A 39 -12.78 -5.00 5.23
N LEU A 40 -11.49 -4.83 5.14
CA LEU A 40 -10.56 -5.91 5.57
C LEU A 40 -10.13 -5.72 7.01
N PRO A 41 -9.72 -6.79 7.61
CA PRO A 41 -9.25 -6.75 9.00
C PRO A 41 -7.85 -6.13 9.05
N VAL A 42 -7.33 -5.86 10.22
CA VAL A 42 -5.97 -5.27 10.30
C VAL A 42 -4.94 -6.33 9.90
N ASP A 43 -5.37 -7.55 9.67
CA ASP A 43 -4.43 -8.61 9.28
C ASP A 43 -4.05 -8.42 7.82
N ILE A 44 -4.95 -7.88 7.04
CA ILE A 44 -4.64 -7.63 5.61
C ILE A 44 -3.97 -6.27 5.48
N LEU A 45 -4.41 -5.33 6.27
CA LEU A 45 -3.81 -3.98 6.22
C LEU A 45 -2.50 -4.00 7.00
N GLY A 46 -2.39 -4.89 7.95
CA GLY A 46 -1.13 -4.99 8.73
C GLY A 46 -0.09 -5.61 7.82
N ARG A 47 -0.54 -6.33 6.83
CA ARG A 47 0.38 -6.97 5.87
C ARG A 47 0.45 -6.14 4.59
N VAL A 48 -0.63 -5.51 4.23
CA VAL A 48 -0.61 -4.70 2.98
C VAL A 48 0.28 -3.48 3.19
N TRP A 49 0.25 -2.89 4.36
CA TRP A 49 1.12 -1.71 4.60
C TRP A 49 2.58 -2.17 4.61
N GLU A 50 2.88 -3.21 5.34
CA GLU A 50 4.29 -3.67 5.41
C GLU A 50 4.80 -4.02 4.01
N LEU A 51 4.15 -4.93 3.34
CA LEU A 51 4.59 -5.28 1.97
C LEU A 51 4.53 -4.01 1.11
N SER A 52 3.82 -3.03 1.57
CA SER A 52 3.72 -1.74 0.82
C SER A 52 4.86 -0.83 1.25
N ASP A 53 5.11 -0.74 2.52
CA ASP A 53 6.21 0.14 3.03
C ASP A 53 7.54 -0.32 2.45
N ILE A 54 7.95 0.25 1.36
CA ILE A 54 9.24 -0.16 0.75
C ILE A 54 10.41 0.28 1.65
N ASP A 55 10.24 1.36 2.37
CA ASP A 55 11.33 1.83 3.26
C ASP A 55 10.94 1.62 4.73
N HIS A 56 9.68 1.38 4.99
CA HIS A 56 9.24 1.17 6.40
C HIS A 56 9.50 2.43 7.25
N ASP A 57 9.25 3.58 6.70
CA ASP A 57 9.48 4.83 7.46
C ASP A 57 8.19 5.26 8.18
N GLY A 58 7.16 4.47 8.07
CA GLY A 58 5.88 4.82 8.73
C GLY A 58 5.03 5.66 7.78
N MET A 59 5.28 5.54 6.50
CA MET A 59 4.47 6.32 5.50
C MET A 59 4.43 5.60 4.16
N LEU A 60 3.50 5.95 3.33
CA LEU A 60 3.42 5.30 1.99
C LEU A 60 3.59 6.36 0.88
N ASP A 61 4.68 6.31 0.16
CA ASP A 61 4.91 7.32 -0.91
C ASP A 61 3.93 7.11 -2.06
N ARG A 62 3.71 8.11 -2.86
CA ARG A 62 2.77 7.98 -4.00
C ARG A 62 2.96 6.62 -4.68
N ASP A 63 4.19 6.22 -4.85
CA ASP A 63 4.45 4.90 -5.49
C ASP A 63 4.31 3.79 -4.45
N GLU A 64 4.69 4.08 -3.24
CA GLU A 64 4.57 3.06 -2.16
C GLU A 64 3.09 2.83 -1.85
N PHE A 65 2.37 3.90 -1.65
CA PHE A 65 0.92 3.77 -1.36
C PHE A 65 0.25 3.02 -2.51
N ALA A 66 0.89 3.00 -3.65
CA ALA A 66 0.30 2.28 -4.82
C ALA A 66 0.34 0.78 -4.57
N VAL A 67 1.49 0.29 -4.21
CA VAL A 67 1.64 -1.16 -3.94
C VAL A 67 0.61 -1.61 -2.90
N ALA A 68 0.16 -0.71 -2.07
CA ALA A 68 -0.82 -1.08 -1.01
C ALA A 68 -2.27 -0.97 -1.53
N MET A 69 -2.49 -0.41 -2.67
CA MET A 69 -3.90 -0.30 -3.16
C MET A 69 -4.32 -1.58 -3.87
N PHE A 70 -3.48 -2.12 -4.69
CA PHE A 70 -3.86 -3.38 -5.38
C PHE A 70 -3.73 -4.52 -4.35
N LEU A 71 -2.93 -4.30 -3.34
CA LEU A 71 -2.78 -5.34 -2.27
C LEU A 71 -4.05 -5.36 -1.43
N VAL A 72 -4.79 -4.28 -1.46
CA VAL A 72 -6.06 -4.22 -0.68
C VAL A 72 -7.22 -4.69 -1.57
N TYR A 73 -7.25 -4.24 -2.80
CA TYR A 73 -8.35 -4.64 -3.71
C TYR A 73 -8.29 -6.14 -4.01
N CYS A 74 -7.14 -6.73 -3.94
CA CYS A 74 -7.04 -8.19 -4.21
C CYS A 74 -7.55 -8.95 -3.00
N ALA A 75 -7.56 -8.30 -1.86
CA ALA A 75 -8.06 -8.95 -0.63
C ALA A 75 -9.57 -8.76 -0.52
N LEU A 76 -10.13 -7.95 -1.40
CA LEU A 76 -11.60 -7.73 -1.36
C LEU A 76 -12.29 -8.75 -2.26
N GLU A 77 -11.71 -9.03 -3.39
CA GLU A 77 -12.32 -10.01 -4.31
C GLU A 77 -12.23 -11.40 -3.68
N LYS A 78 -11.05 -11.80 -3.29
CA LYS A 78 -10.91 -13.14 -2.67
C LYS A 78 -9.44 -13.46 -2.35
N GLU A 79 -8.52 -12.86 -3.06
CA GLU A 79 -7.08 -13.16 -2.80
C GLU A 79 -6.56 -12.39 -1.59
N PRO A 80 -6.25 -13.12 -0.55
CA PRO A 80 -5.73 -12.50 0.70
C PRO A 80 -4.35 -11.90 0.46
N VAL A 81 -3.63 -11.61 1.50
CA VAL A 81 -2.27 -11.01 1.32
C VAL A 81 -1.23 -11.75 2.18
N PRO A 82 -0.18 -12.17 1.53
CA PRO A 82 0.91 -12.88 2.24
C PRO A 82 1.83 -11.85 2.88
N MET A 83 2.87 -12.27 3.55
CA MET A 83 3.79 -11.27 4.17
C MET A 83 5.06 -11.17 3.36
N SER A 84 5.09 -11.74 2.19
CA SER A 84 6.33 -11.70 1.40
C SER A 84 6.21 -10.79 0.19
N LEU A 85 6.79 -9.63 0.27
CA LEU A 85 6.75 -8.70 -0.89
C LEU A 85 7.05 -9.48 -2.17
N PRO A 86 6.03 -9.71 -2.94
CA PRO A 86 6.20 -10.48 -4.21
C PRO A 86 7.03 -9.69 -5.22
N PRO A 87 7.80 -10.41 -5.99
CA PRO A 87 8.68 -9.79 -7.02
C PRO A 87 7.84 -9.21 -8.17
N ALA A 88 6.57 -9.48 -8.17
CA ALA A 88 5.70 -8.93 -9.26
C ALA A 88 5.02 -7.68 -8.74
N LEU A 89 5.62 -7.04 -7.77
CA LEU A 89 5.03 -5.81 -7.19
C LEU A 89 6.14 -4.93 -6.60
N VAL A 90 7.15 -5.54 -6.05
CA VAL A 90 8.26 -4.76 -5.45
C VAL A 90 9.14 -4.16 -6.55
N PRO A 91 9.49 -2.91 -6.37
CA PRO A 91 10.34 -2.22 -7.35
C PRO A 91 11.79 -2.70 -7.23
N PRO A 92 12.53 -2.52 -8.30
CA PRO A 92 13.95 -2.93 -8.33
C PRO A 92 14.80 -2.00 -7.47
N SER A 93 14.20 -1.00 -6.88
CA SER A 93 14.99 -0.08 -6.01
C SER A 93 15.40 -0.79 -4.73
N LYS A 94 14.74 -1.86 -4.40
CA LYS A 94 15.09 -2.61 -3.17
C LYS A 94 16.00 -3.79 -3.54
N ARG A 95 16.48 -3.82 -4.76
CA ARG A 95 17.37 -4.94 -5.18
C ARG A 95 18.60 -4.39 -5.91
N SER B 6 7.97 -1.85 15.97
CA SER B 6 6.84 -2.66 15.43
C SER B 6 6.21 -1.95 14.23
N THR B 7 6.19 -0.65 14.24
CA THR B 7 5.59 0.10 13.10
C THR B 7 4.26 -0.54 12.68
N ASN B 8 3.79 -0.22 11.51
CA ASN B 8 2.50 -0.81 11.03
C ASN B 8 1.35 -0.38 11.95
N PRO B 9 0.67 0.65 11.53
CA PRO B 9 -0.47 1.21 12.31
C PRO B 9 -1.69 0.27 12.30
N PHE B 10 -1.58 -0.90 11.74
CA PHE B 10 -2.75 -1.83 11.72
C PHE B 10 -2.59 -2.86 12.84
N ARG B 11 -1.57 -3.67 12.77
CA ARG B 11 -1.35 -4.68 13.84
C ARG B 11 -1.13 -3.98 15.18
CA CA C . 7.21 3.05 3.73
N PRO A 1 7.35 -7.44 -15.15
CA PRO A 1 6.53 -6.21 -15.17
C PRO A 1 6.09 -5.84 -13.74
N TRP A 2 5.39 -4.76 -13.59
CA TRP A 2 4.94 -4.36 -12.23
C TRP A 2 3.49 -4.79 -12.00
N ALA A 3 3.24 -5.54 -10.95
CA ALA A 3 1.86 -6.00 -10.66
C ALA A 3 0.89 -4.82 -10.74
N VAL A 4 1.37 -3.64 -10.48
CA VAL A 4 0.48 -2.44 -10.54
C VAL A 4 0.55 -1.83 -11.94
N LYS A 5 -0.56 -1.71 -12.61
CA LYS A 5 -0.54 -1.13 -13.98
C LYS A 5 -0.49 0.40 -13.90
N PRO A 6 -0.40 1.00 -15.05
CA PRO A 6 -0.36 2.48 -15.12
C PRO A 6 -1.72 3.06 -14.76
N GLU A 7 -2.77 2.36 -15.10
CA GLU A 7 -4.13 2.86 -14.77
C GLU A 7 -4.44 2.53 -13.31
N ASP A 8 -3.77 1.56 -12.76
CA ASP A 8 -4.00 1.20 -11.34
C ASP A 8 -3.19 2.14 -10.45
N LYS A 9 -2.00 2.46 -10.88
CA LYS A 9 -1.15 3.39 -10.08
C LYS A 9 -1.70 4.81 -10.23
N ALA A 10 -2.56 5.02 -11.20
CA ALA A 10 -3.15 6.37 -11.39
C ALA A 10 -4.24 6.60 -10.36
N LYS A 11 -5.06 5.61 -10.14
CA LYS A 11 -6.13 5.76 -9.11
C LYS A 11 -5.47 5.71 -7.72
N TYR A 12 -4.33 5.06 -7.63
CA TYR A 12 -3.63 4.98 -6.32
C TYR A 12 -3.03 6.35 -6.01
N ASP A 13 -2.59 7.04 -7.03
CA ASP A 13 -1.99 8.39 -6.83
C ASP A 13 -3.09 9.40 -6.48
N ALA A 14 -4.30 9.12 -6.86
CA ALA A 14 -5.41 10.05 -6.53
C ALA A 14 -5.83 9.81 -5.09
N ILE A 15 -5.71 8.58 -4.65
CA ILE A 15 -6.07 8.26 -3.25
C ILE A 15 -4.89 8.64 -2.36
N PHE A 16 -3.70 8.52 -2.88
CA PHE A 16 -2.48 8.89 -2.11
C PHE A 16 -2.41 10.42 -1.99
N ASP A 17 -2.80 11.11 -3.04
CA ASP A 17 -2.77 12.59 -3.04
C ASP A 17 -4.09 13.14 -2.50
N SER A 18 -5.02 12.28 -2.18
CA SER A 18 -6.32 12.75 -1.63
C SER A 18 -6.23 12.84 -0.10
N LEU A 19 -5.12 12.42 0.44
CA LEU A 19 -4.91 12.46 1.91
C LEU A 19 -3.90 13.55 2.24
N SER A 20 -3.27 14.10 1.22
CA SER A 20 -2.23 15.17 1.39
C SER A 20 -0.87 14.53 1.60
N PRO A 21 -0.16 14.40 0.51
CA PRO A 21 1.19 13.78 0.54
C PRO A 21 2.20 14.70 1.20
N VAL A 22 3.18 14.14 1.86
CA VAL A 22 4.22 14.97 2.52
C VAL A 22 5.58 14.63 1.92
N ASN A 23 6.06 15.45 1.02
CA ASN A 23 7.38 15.16 0.39
C ASN A 23 7.28 13.86 -0.42
N GLY A 24 6.08 13.43 -0.70
CA GLY A 24 5.92 12.17 -1.48
C GLY A 24 5.65 11.01 -0.51
N PHE A 25 4.99 11.26 0.58
CA PHE A 25 4.72 10.17 1.56
C PHE A 25 3.41 10.38 2.29
N LEU A 26 2.75 9.32 2.64
CA LEU A 26 1.49 9.43 3.42
C LEU A 26 1.72 8.76 4.76
N SER A 27 1.31 9.36 5.82
CA SER A 27 1.53 8.71 7.14
C SER A 27 0.50 7.63 7.35
N GLY A 28 0.86 6.57 8.03
CA GLY A 28 -0.12 5.48 8.27
C GLY A 28 -1.44 6.12 8.70
N ASP A 29 -1.37 7.27 9.28
CA ASP A 29 -2.60 7.98 9.72
C ASP A 29 -3.49 8.28 8.51
N LYS A 30 -2.91 8.39 7.34
CA LYS A 30 -3.72 8.66 6.13
C LYS A 30 -3.98 7.34 5.42
N VAL A 31 -3.04 6.44 5.51
CA VAL A 31 -3.23 5.11 4.86
C VAL A 31 -4.04 4.17 5.76
N LYS A 32 -3.68 4.08 7.01
CA LYS A 32 -4.43 3.18 7.95
C LYS A 32 -5.94 3.26 7.69
N PRO A 33 -6.48 4.45 7.70
CA PRO A 33 -7.93 4.64 7.46
C PRO A 33 -8.25 4.27 6.01
N VAL A 34 -7.31 4.48 5.13
CA VAL A 34 -7.54 4.13 3.70
C VAL A 34 -7.62 2.60 3.55
N LEU A 35 -6.93 1.89 4.40
CA LEU A 35 -6.95 0.40 4.32
C LEU A 35 -8.09 -0.15 5.16
N LEU A 36 -8.46 0.55 6.19
CA LEU A 36 -9.57 0.08 7.05
C LEU A 36 -10.88 0.24 6.30
N ASN A 37 -10.85 0.93 5.19
CA ASN A 37 -12.10 1.12 4.41
C ASN A 37 -12.27 0.00 3.38
N SER A 38 -11.31 -0.86 3.26
CA SER A 38 -11.42 -1.97 2.27
C SER A 38 -12.22 -3.15 2.86
N LYS A 39 -12.89 -2.92 3.95
CA LYS A 39 -13.69 -4.02 4.56
C LYS A 39 -12.78 -5.17 5.02
N LEU A 40 -11.50 -4.98 4.98
CA LEU A 40 -10.57 -6.06 5.41
C LEU A 40 -10.19 -5.85 6.87
N PRO A 41 -9.77 -6.92 7.50
CA PRO A 41 -9.37 -6.83 8.91
C PRO A 41 -7.99 -6.16 9.00
N VAL A 42 -7.53 -5.90 10.18
CA VAL A 42 -6.21 -5.26 10.34
C VAL A 42 -5.11 -6.29 10.05
N ASP A 43 -5.48 -7.51 9.76
CA ASP A 43 -4.47 -8.54 9.46
C ASP A 43 -4.04 -8.40 8.00
N ILE A 44 -4.94 -7.95 7.16
CA ILE A 44 -4.58 -7.75 5.72
C ILE A 44 -3.90 -6.41 5.59
N LEU A 45 -4.41 -5.43 6.28
CA LEU A 45 -3.81 -4.07 6.21
C LEU A 45 -2.50 -4.07 6.99
N GLY A 46 -2.38 -4.94 7.94
CA GLY A 46 -1.11 -4.99 8.72
C GLY A 46 -0.04 -5.61 7.82
N ARG A 47 -0.47 -6.40 6.87
CA ARG A 47 0.49 -7.04 5.95
C ARG A 47 0.52 -6.28 4.62
N VAL A 48 -0.56 -5.64 4.26
CA VAL A 48 -0.55 -4.89 2.98
C VAL A 48 0.30 -3.64 3.16
N TRP A 49 0.21 -2.99 4.29
CA TRP A 49 1.06 -1.79 4.51
C TRP A 49 2.52 -2.22 4.53
N GLU A 50 2.85 -3.21 5.31
CA GLU A 50 4.27 -3.66 5.38
C GLU A 50 4.75 -4.03 3.99
N LEU A 51 4.05 -4.89 3.33
CA LEU A 51 4.46 -5.25 1.94
C LEU A 51 4.34 -4.00 1.07
N SER A 52 3.70 -2.98 1.57
CA SER A 52 3.57 -1.71 0.79
C SER A 52 4.68 -0.76 1.23
N ASP A 53 5.11 -0.87 2.46
CA ASP A 53 6.18 0.01 2.98
C ASP A 53 7.53 -0.43 2.40
N ILE A 54 8.01 0.24 1.40
CA ILE A 54 9.31 -0.16 0.81
C ILE A 54 10.48 0.38 1.65
N ASP A 55 10.29 1.48 2.32
CA ASP A 55 11.41 2.05 3.15
C ASP A 55 11.18 1.73 4.63
N HIS A 56 9.97 1.41 5.00
CA HIS A 56 9.69 1.11 6.44
C HIS A 56 9.87 2.38 7.27
N ASP A 57 9.41 3.49 6.78
CA ASP A 57 9.56 4.76 7.54
C ASP A 57 8.25 5.13 8.23
N GLY A 58 7.21 4.38 8.00
CA GLY A 58 5.90 4.70 8.64
C GLY A 58 5.04 5.52 7.68
N MET A 59 5.27 5.40 6.40
CA MET A 59 4.45 6.19 5.42
C MET A 59 4.37 5.45 4.08
N LEU A 60 3.41 5.81 3.26
CA LEU A 60 3.27 5.16 1.93
C LEU A 60 3.41 6.22 0.82
N ASP A 61 4.54 6.31 0.18
CA ASP A 61 4.69 7.32 -0.90
C ASP A 61 3.88 6.94 -2.13
N ARG A 62 3.72 7.86 -3.05
CA ARG A 62 2.92 7.58 -4.27
C ARG A 62 3.13 6.15 -4.78
N ASP A 63 4.36 5.70 -4.85
CA ASP A 63 4.62 4.32 -5.35
C ASP A 63 4.28 3.28 -4.28
N GLU A 64 4.56 3.59 -3.04
CA GLU A 64 4.24 2.61 -1.96
C GLU A 64 2.72 2.55 -1.77
N PHE A 65 2.08 3.69 -1.74
CA PHE A 65 0.61 3.71 -1.59
C PHE A 65 -0.01 2.95 -2.77
N ALA A 66 0.74 2.76 -3.81
CA ALA A 66 0.20 2.03 -4.99
C ALA A 66 0.23 0.53 -4.71
N VAL A 67 1.32 0.05 -4.20
CA VAL A 67 1.45 -1.40 -3.89
C VAL A 67 0.40 -1.79 -2.85
N ALA A 68 -0.03 -0.85 -2.04
CA ALA A 68 -1.04 -1.17 -1.00
C ALA A 68 -2.46 -0.96 -1.52
N MET A 69 -2.61 -0.41 -2.69
CA MET A 69 -3.99 -0.19 -3.24
C MET A 69 -4.50 -1.47 -3.91
N PHE A 70 -3.71 -2.08 -4.73
CA PHE A 70 -4.16 -3.35 -5.38
C PHE A 70 -4.08 -4.46 -4.33
N LEU A 71 -3.18 -4.31 -3.40
CA LEU A 71 -3.07 -5.33 -2.32
C LEU A 71 -4.33 -5.27 -1.45
N VAL A 72 -4.94 -4.12 -1.39
CA VAL A 72 -6.18 -3.97 -0.58
C VAL A 72 -7.40 -4.22 -1.44
N TYR A 73 -7.29 -4.05 -2.72
CA TYR A 73 -8.46 -4.30 -3.61
C TYR A 73 -8.47 -5.75 -4.08
N CYS A 74 -7.32 -6.35 -4.18
CA CYS A 74 -7.26 -7.77 -4.62
C CYS A 74 -7.47 -8.68 -3.42
N ALA A 75 -7.34 -8.17 -2.23
CA ALA A 75 -7.57 -9.02 -1.04
C ALA A 75 -9.08 -9.11 -0.79
N LEU A 76 -9.83 -8.29 -1.49
CA LEU A 76 -11.30 -8.28 -1.33
C LEU A 76 -11.94 -9.22 -2.34
N GLU A 77 -11.55 -9.13 -3.59
CA GLU A 77 -12.17 -10.00 -4.63
C GLU A 77 -11.12 -10.71 -5.49
N LYS A 78 -9.98 -11.05 -4.95
CA LYS A 78 -8.96 -11.74 -5.78
C LYS A 78 -8.10 -12.68 -4.94
N GLU A 79 -7.03 -12.19 -4.39
CA GLU A 79 -6.15 -13.05 -3.56
C GLU A 79 -5.76 -12.33 -2.27
N PRO A 80 -5.46 -13.11 -1.27
CA PRO A 80 -5.07 -12.55 0.05
C PRO A 80 -3.74 -11.80 -0.06
N VAL A 81 -3.07 -11.62 1.05
CA VAL A 81 -1.78 -10.89 1.02
C VAL A 81 -0.63 -11.84 1.38
N PRO A 82 0.51 -11.61 0.78
CA PRO A 82 1.68 -12.46 1.05
C PRO A 82 2.43 -11.93 2.27
N MET A 83 3.61 -12.42 2.51
CA MET A 83 4.36 -11.95 3.71
C MET A 83 5.74 -11.41 3.32
N SER A 84 5.97 -11.16 2.06
CA SER A 84 7.34 -10.65 1.69
C SER A 84 7.31 -9.93 0.35
N LEU A 85 6.16 -9.52 -0.04
CA LEU A 85 6.04 -8.79 -1.33
C LEU A 85 6.54 -9.64 -2.50
N PRO A 86 5.68 -9.84 -3.46
CA PRO A 86 6.05 -10.63 -4.66
C PRO A 86 7.04 -9.83 -5.53
N PRO A 87 7.88 -10.56 -6.21
CA PRO A 87 8.91 -9.93 -7.08
C PRO A 87 8.28 -9.31 -8.33
N ALA A 88 7.00 -9.41 -8.47
CA ALA A 88 6.34 -8.82 -9.66
C ALA A 88 5.60 -7.55 -9.26
N LEU A 89 5.86 -7.07 -8.08
CA LEU A 89 5.17 -5.85 -7.59
C LEU A 89 6.18 -4.89 -6.92
N VAL A 90 7.41 -5.34 -6.75
CA VAL A 90 8.42 -4.46 -6.10
C VAL A 90 9.17 -3.63 -7.15
N PRO A 91 9.30 -2.35 -6.87
CA PRO A 91 10.01 -1.44 -7.80
C PRO A 91 11.50 -1.79 -7.86
N PRO A 92 12.19 -1.12 -8.74
CA PRO A 92 13.65 -1.36 -8.94
C PRO A 92 14.46 -0.82 -7.75
N SER A 93 13.86 -0.01 -6.93
CA SER A 93 14.62 0.54 -5.76
C SER A 93 14.96 -0.58 -4.77
N LYS A 94 14.21 -1.63 -4.80
CA LYS A 94 14.48 -2.76 -3.87
C LYS A 94 15.35 -3.81 -4.58
N ARG A 95 15.88 -3.46 -5.72
CA ARG A 95 16.72 -4.44 -6.47
C ARG A 95 18.04 -4.70 -5.73
N SER B 6 8.58 -1.13 12.85
CA SER B 6 8.03 -1.03 11.47
C SER B 6 6.68 -0.32 11.50
N THR B 7 6.47 0.53 12.48
CA THR B 7 5.18 1.27 12.57
C THR B 7 3.99 0.34 12.31
N ASN B 8 3.57 0.21 11.09
CA ASN B 8 2.41 -0.68 10.78
C ASN B 8 1.26 -0.35 11.75
N PRO B 9 0.54 0.68 11.41
CA PRO B 9 -0.61 1.16 12.23
C PRO B 9 -1.79 0.17 12.23
N PHE B 10 -1.63 -1.01 11.70
CA PHE B 10 -2.76 -1.99 11.71
C PHE B 10 -2.50 -3.02 12.79
N ARG B 11 -1.49 -3.84 12.62
CA ARG B 11 -1.19 -4.87 13.64
C ARG B 11 -1.08 -4.21 15.03
CA CA C . 7.88 4.27 3.05
N PRO A 1 8.54 -6.97 -14.78
CA PRO A 1 7.35 -6.09 -14.75
C PRO A 1 6.99 -5.72 -13.31
N TRP A 2 6.25 -4.66 -13.12
CA TRP A 2 5.87 -4.26 -11.73
C TRP A 2 4.49 -4.82 -11.38
N ALA A 3 4.41 -5.58 -10.33
CA ALA A 3 3.09 -6.16 -9.93
C ALA A 3 1.99 -5.13 -10.09
N VAL A 4 2.31 -3.88 -9.89
CA VAL A 4 1.27 -2.82 -10.03
C VAL A 4 1.46 -2.09 -11.37
N LYS A 5 0.40 -1.82 -12.05
CA LYS A 5 0.52 -1.13 -13.37
C LYS A 5 0.50 0.39 -13.17
N PRO A 6 0.70 1.10 -14.24
CA PRO A 6 0.69 2.57 -14.20
C PRO A 6 -0.74 3.08 -13.95
N GLU A 7 -1.70 2.38 -14.49
CA GLU A 7 -3.12 2.80 -14.28
C GLU A 7 -3.58 2.40 -12.88
N ASP A 8 -2.93 1.44 -12.29
CA ASP A 8 -3.32 0.99 -10.92
C ASP A 8 -2.67 1.92 -9.90
N LYS A 9 -1.47 2.35 -10.17
CA LYS A 9 -0.79 3.28 -9.22
C LYS A 9 -1.31 4.69 -9.47
N ALA A 10 -1.79 4.94 -10.65
CA ALA A 10 -2.34 6.29 -10.96
C ALA A 10 -3.59 6.52 -10.12
N LYS A 11 -4.41 5.52 -9.95
CA LYS A 11 -5.62 5.69 -9.11
C LYS A 11 -5.18 5.70 -7.65
N TYR A 12 -4.11 5.04 -7.35
CA TYR A 12 -3.60 5.04 -5.94
C TYR A 12 -3.05 6.42 -5.62
N ASP A 13 -2.43 7.04 -6.59
CA ASP A 13 -1.86 8.40 -6.36
C ASP A 13 -2.97 9.40 -6.06
N ALA A 14 -4.18 9.08 -6.43
CA ALA A 14 -5.31 10.01 -6.14
C ALA A 14 -5.74 9.80 -4.69
N ILE A 15 -5.67 8.58 -4.23
CA ILE A 15 -6.05 8.30 -2.82
C ILE A 15 -4.88 8.70 -1.94
N PHE A 16 -3.68 8.58 -2.44
CA PHE A 16 -2.49 8.98 -1.65
C PHE A 16 -2.47 10.50 -1.54
N ASP A 17 -2.94 11.16 -2.56
CA ASP A 17 -2.96 12.66 -2.53
C ASP A 17 -4.25 13.14 -1.87
N SER A 18 -5.15 12.25 -1.55
CA SER A 18 -6.41 12.66 -0.89
C SER A 18 -6.18 12.75 0.62
N LEU A 19 -5.03 12.29 1.07
CA LEU A 19 -4.71 12.34 2.52
C LEU A 19 -3.80 13.52 2.80
N SER A 20 -3.21 14.05 1.76
CA SER A 20 -2.26 15.22 1.87
C SER A 20 -0.83 14.71 2.11
N PRO A 21 -0.17 14.48 1.02
CA PRO A 21 1.23 13.98 1.04
C PRO A 21 2.19 15.07 1.49
N VAL A 22 3.27 14.69 2.09
CA VAL A 22 4.28 15.68 2.55
C VAL A 22 5.62 15.37 1.88
N ASN A 23 6.00 16.14 0.90
CA ASN A 23 7.29 15.88 0.19
C ASN A 23 7.20 14.53 -0.52
N GLY A 24 6.02 14.03 -0.73
CA GLY A 24 5.85 12.72 -1.41
C GLY A 24 5.75 11.61 -0.37
N PHE A 25 5.13 11.89 0.75
CA PHE A 25 5.02 10.84 1.80
C PHE A 25 3.67 10.89 2.50
N LEU A 26 3.09 9.75 2.74
CA LEU A 26 1.81 9.68 3.48
C LEU A 26 2.12 9.06 4.83
N SER A 27 1.30 9.28 5.80
CA SER A 27 1.60 8.67 7.13
C SER A 27 0.70 7.47 7.37
N GLY A 28 1.21 6.45 8.01
CA GLY A 28 0.38 5.26 8.29
C GLY A 28 -1.00 5.73 8.78
N ASP A 29 -1.05 6.90 9.35
CA ASP A 29 -2.34 7.44 9.85
C ASP A 29 -3.25 7.83 8.68
N LYS A 30 -2.68 8.12 7.54
CA LYS A 30 -3.50 8.47 6.36
C LYS A 30 -3.84 7.18 5.63
N VAL A 31 -2.92 6.28 5.62
CA VAL A 31 -3.15 4.97 4.95
C VAL A 31 -4.03 4.08 5.82
N LYS A 32 -3.76 4.06 7.10
CA LYS A 32 -4.56 3.21 8.02
C LYS A 32 -6.04 3.24 7.66
N PRO A 33 -6.59 4.41 7.53
CA PRO A 33 -8.03 4.54 7.16
C PRO A 33 -8.24 4.12 5.71
N VAL A 34 -7.27 4.39 4.87
CA VAL A 34 -7.39 4.00 3.45
C VAL A 34 -7.51 2.48 3.36
N LEU A 35 -6.87 1.79 4.26
CA LEU A 35 -6.92 0.30 4.26
C LEU A 35 -8.09 -0.18 5.11
N LEU A 36 -8.46 0.57 6.10
CA LEU A 36 -9.59 0.17 6.96
C LEU A 36 -10.88 0.30 6.14
N ASN A 37 -10.79 0.89 4.98
CA ASN A 37 -12.01 1.08 4.14
C ASN A 37 -12.20 -0.11 3.19
N SER A 38 -11.24 -0.99 3.11
CA SER A 38 -11.38 -2.16 2.19
C SER A 38 -12.21 -3.27 2.85
N LYS A 39 -12.91 -2.96 3.91
CA LYS A 39 -13.72 -4.00 4.59
C LYS A 39 -12.84 -5.15 5.06
N LEU A 40 -11.54 -4.95 5.07
CA LEU A 40 -10.61 -6.02 5.52
C LEU A 40 -10.21 -5.78 6.97
N PRO A 41 -9.79 -6.83 7.60
CA PRO A 41 -9.35 -6.73 9.00
C PRO A 41 -7.97 -6.06 9.05
N VAL A 42 -7.54 -5.65 10.20
CA VAL A 42 -6.22 -4.99 10.32
C VAL A 42 -5.12 -6.02 10.04
N ASP A 43 -5.49 -7.26 9.91
CA ASP A 43 -4.46 -8.29 9.63
C ASP A 43 -4.05 -8.19 8.17
N ILE A 44 -4.94 -7.77 7.32
CA ILE A 44 -4.58 -7.62 5.89
C ILE A 44 -3.89 -6.27 5.69
N LEU A 45 -4.41 -5.28 6.35
CA LEU A 45 -3.80 -3.92 6.24
C LEU A 45 -2.46 -3.92 6.97
N GLY A 46 -2.34 -4.71 7.98
CA GLY A 46 -1.05 -4.77 8.74
C GLY A 46 -0.03 -5.49 7.86
N ARG A 47 -0.50 -6.32 6.99
CA ARG A 47 0.42 -7.07 6.08
C ARG A 47 0.43 -6.39 4.71
N VAL A 48 -0.64 -5.75 4.33
CA VAL A 48 -0.64 -5.07 3.00
C VAL A 48 0.22 -3.83 3.12
N TRP A 49 0.18 -3.19 4.26
CA TRP A 49 1.02 -1.99 4.45
C TRP A 49 2.49 -2.38 4.42
N GLU A 50 2.87 -3.33 5.24
CA GLU A 50 4.31 -3.74 5.27
C GLU A 50 4.84 -3.97 3.86
N LEU A 51 4.23 -4.85 3.13
CA LEU A 51 4.71 -5.09 1.74
C LEU A 51 4.53 -3.80 0.93
N SER A 52 3.78 -2.87 1.47
CA SER A 52 3.55 -1.56 0.78
C SER A 52 4.63 -0.56 1.23
N ASP A 53 4.91 -0.52 2.51
CA ASP A 53 5.93 0.41 3.04
C ASP A 53 7.32 0.06 2.50
N ILE A 54 7.62 0.42 1.30
CA ILE A 54 8.96 0.09 0.72
C ILE A 54 10.06 0.54 1.68
N ASP A 55 9.82 1.55 2.46
CA ASP A 55 10.86 2.04 3.41
C ASP A 55 10.56 1.57 4.84
N HIS A 56 9.33 1.21 5.09
CA HIS A 56 8.96 0.73 6.46
C HIS A 56 9.24 1.83 7.49
N ASP A 57 8.82 3.04 7.21
CA ASP A 57 9.07 4.15 8.18
C ASP A 57 7.74 4.69 8.71
N GLY A 58 6.66 4.00 8.44
CA GLY A 58 5.34 4.47 8.92
C GLY A 58 4.76 5.46 7.91
N MET A 59 5.10 5.32 6.66
CA MET A 59 4.57 6.26 5.63
C MET A 59 4.45 5.56 4.26
N LEU A 60 3.67 6.12 3.37
CA LEU A 60 3.51 5.52 2.02
C LEU A 60 3.70 6.60 0.93
N ASP A 61 4.78 6.54 0.21
CA ASP A 61 5.02 7.56 -0.85
C ASP A 61 4.02 7.37 -2.00
N ARG A 62 3.80 8.37 -2.80
CA ARG A 62 2.85 8.24 -3.94
C ARG A 62 3.04 6.88 -4.63
N ASP A 63 4.25 6.46 -4.81
CA ASP A 63 4.49 5.15 -5.47
C ASP A 63 4.37 4.03 -4.44
N GLU A 64 4.74 4.31 -3.22
CA GLU A 64 4.64 3.29 -2.15
C GLU A 64 3.18 3.03 -1.83
N PHE A 65 2.44 4.08 -1.62
CA PHE A 65 1.00 3.94 -1.32
C PHE A 65 0.34 3.17 -2.45
N ALA A 66 0.95 3.18 -3.61
CA ALA A 66 0.36 2.45 -4.77
C ALA A 66 0.41 0.94 -4.51
N VAL A 67 1.54 0.46 -4.10
CA VAL A 67 1.68 -1.00 -3.83
C VAL A 67 0.67 -1.43 -2.76
N ALA A 68 0.23 -0.51 -1.94
CA ALA A 68 -0.73 -0.88 -0.86
C ALA A 68 -2.19 -0.86 -1.34
N MET A 69 -2.45 -0.30 -2.50
CA MET A 69 -3.87 -0.27 -2.97
C MET A 69 -4.22 -1.54 -3.71
N PHE A 70 -3.30 -2.10 -4.45
CA PHE A 70 -3.61 -3.36 -5.17
C PHE A 70 -3.53 -4.53 -4.18
N LEU A 71 -2.74 -4.37 -3.16
CA LEU A 71 -2.63 -5.45 -2.13
C LEU A 71 -3.92 -5.50 -1.31
N VAL A 72 -4.65 -4.41 -1.30
CA VAL A 72 -5.93 -4.36 -0.54
C VAL A 72 -7.09 -4.78 -1.44
N TYR A 73 -7.01 -4.48 -2.71
CA TYR A 73 -8.11 -4.86 -3.62
C TYR A 73 -8.02 -6.34 -3.98
N CYS A 74 -6.84 -6.90 -3.87
CA CYS A 74 -6.69 -8.34 -4.20
C CYS A 74 -7.10 -9.20 -3.01
N ALA A 75 -7.23 -8.59 -1.85
CA ALA A 75 -7.65 -9.38 -0.66
C ALA A 75 -9.17 -9.43 -0.61
N LEU A 76 -9.82 -8.59 -1.36
CA LEU A 76 -11.32 -8.58 -1.36
C LEU A 76 -11.86 -9.50 -2.46
N GLU A 77 -11.32 -9.41 -3.64
CA GLU A 77 -11.87 -10.26 -4.75
C GLU A 77 -10.83 -11.23 -5.31
N LYS A 78 -9.58 -11.10 -4.97
CA LYS A 78 -8.56 -12.04 -5.53
C LYS A 78 -8.09 -13.05 -4.48
N GLU A 79 -7.07 -12.70 -3.74
CA GLU A 79 -6.54 -13.64 -2.71
C GLU A 79 -6.05 -12.85 -1.50
N PRO A 80 -5.79 -13.56 -0.42
CA PRO A 80 -5.30 -12.90 0.81
C PRO A 80 -3.96 -12.22 0.57
N VAL A 81 -3.37 -11.65 1.58
CA VAL A 81 -2.07 -10.95 1.39
C VAL A 81 -0.96 -11.64 2.16
N PRO A 82 0.06 -12.05 1.43
CA PRO A 82 1.22 -12.72 2.05
C PRO A 82 2.16 -11.65 2.63
N MET A 83 3.35 -12.02 2.99
CA MET A 83 4.30 -11.02 3.55
C MET A 83 5.54 -10.92 2.68
N SER A 84 5.48 -11.38 1.48
CA SER A 84 6.71 -11.36 0.65
C SER A 84 6.74 -10.20 -0.34
N LEU A 85 7.69 -9.33 -0.19
CA LEU A 85 7.84 -8.18 -1.11
C LEU A 85 8.95 -8.46 -2.14
N PRO A 86 8.64 -9.29 -3.10
CA PRO A 86 9.63 -9.65 -4.16
C PRO A 86 9.96 -8.43 -5.03
N PRO A 87 10.88 -8.63 -5.93
CA PRO A 87 11.32 -7.53 -6.84
C PRO A 87 10.23 -7.20 -7.85
N ALA A 88 9.18 -7.97 -7.89
CA ALA A 88 8.08 -7.69 -8.85
C ALA A 88 7.22 -6.56 -8.31
N LEU A 89 7.45 -6.14 -7.10
CA LEU A 89 6.65 -5.05 -6.52
C LEU A 89 7.55 -3.92 -6.00
N VAL A 90 8.82 -4.04 -6.23
CA VAL A 90 9.75 -2.98 -5.71
C VAL A 90 10.21 -2.04 -6.84
N PRO A 91 9.94 -0.78 -6.63
CA PRO A 91 10.35 0.25 -7.63
C PRO A 91 11.88 0.40 -7.59
N PRO A 92 12.39 1.27 -8.42
CA PRO A 92 13.86 1.49 -8.47
C PRO A 92 14.34 2.38 -7.31
N SER A 93 13.66 2.37 -6.20
CA SER A 93 14.11 3.21 -5.05
C SER A 93 14.72 2.32 -3.98
N LYS A 94 14.11 1.19 -3.73
CA LYS A 94 14.67 0.26 -2.72
C LYS A 94 15.62 -0.71 -3.44
N ARG A 95 15.96 -0.42 -4.66
CA ARG A 95 16.88 -1.32 -5.41
C ARG A 95 18.33 -1.07 -5.00
N SER B 6 3.97 4.03 14.94
CA SER B 6 4.46 2.88 15.75
C SER B 6 4.72 1.67 14.85
N THR B 7 5.26 1.90 13.68
CA THR B 7 5.55 0.77 12.75
C THR B 7 4.26 -0.01 12.47
N ASN B 8 3.75 0.08 11.27
CA ASN B 8 2.49 -0.66 10.93
C ASN B 8 1.35 -0.21 11.86
N PRO B 9 0.64 0.78 11.41
CA PRO B 9 -0.51 1.34 12.18
C PRO B 9 -1.69 0.35 12.25
N PHE B 10 -1.55 -0.83 11.70
CA PHE B 10 -2.66 -1.82 11.77
C PHE B 10 -2.34 -2.88 12.83
N ARG B 11 -1.29 -3.62 12.62
CA ARG B 11 -0.90 -4.66 13.61
C ARG B 11 -0.56 -4.01 14.95
CA CA C . 7.78 4.66 3.31
N PRO A 1 7.05 -7.51 -15.13
CA PRO A 1 6.94 -6.06 -14.83
C PRO A 1 6.48 -5.82 -13.39
N TRP A 2 6.24 -4.58 -13.04
CA TRP A 2 5.78 -4.26 -11.66
C TRP A 2 4.35 -4.75 -11.46
N ALA A 3 4.13 -5.57 -10.48
CA ALA A 3 2.75 -6.09 -10.23
C ALA A 3 1.74 -4.97 -10.32
N VAL A 4 2.15 -3.77 -10.05
CA VAL A 4 1.21 -2.62 -10.12
C VAL A 4 1.44 -1.84 -11.41
N LYS A 5 0.38 -1.43 -12.07
CA LYS A 5 0.55 -0.68 -13.34
C LYS A 5 0.13 0.78 -13.17
N PRO A 6 0.32 1.55 -14.21
CA PRO A 6 -0.06 2.99 -14.16
C PRO A 6 -1.57 3.14 -14.02
N GLU A 7 -2.33 2.30 -14.66
CA GLU A 7 -3.82 2.41 -14.53
C GLU A 7 -4.22 2.03 -13.11
N ASP A 8 -3.55 1.07 -12.53
CA ASP A 8 -3.87 0.67 -11.14
C ASP A 8 -3.19 1.65 -10.18
N LYS A 9 -2.00 2.08 -10.53
CA LYS A 9 -1.29 3.06 -9.67
C LYS A 9 -1.90 4.44 -9.89
N ALA A 10 -2.64 4.60 -10.95
CA ALA A 10 -3.28 5.90 -11.23
C ALA A 10 -4.43 6.10 -10.23
N LYS A 11 -5.17 5.06 -9.97
CA LYS A 11 -6.27 5.17 -8.99
C LYS A 11 -5.66 5.19 -7.58
N TYR A 12 -4.51 4.59 -7.43
CA TYR A 12 -3.83 4.59 -6.11
C TYR A 12 -3.32 6.00 -5.80
N ASP A 13 -2.91 6.70 -6.82
CA ASP A 13 -2.40 8.08 -6.61
C ASP A 13 -3.54 9.02 -6.20
N ALA A 14 -4.76 8.66 -6.50
CA ALA A 14 -5.90 9.52 -6.09
C ALA A 14 -6.21 9.26 -4.63
N ILE A 15 -6.07 8.02 -4.22
CA ILE A 15 -6.33 7.68 -2.80
C ILE A 15 -5.13 8.14 -1.99
N PHE A 16 -3.97 8.11 -2.61
CA PHE A 16 -2.75 8.56 -1.90
C PHE A 16 -2.77 10.09 -1.78
N ASP A 17 -3.21 10.75 -2.82
CA ASP A 17 -3.27 12.23 -2.78
C ASP A 17 -4.59 12.69 -2.17
N SER A 18 -5.40 11.77 -1.73
CA SER A 18 -6.70 12.16 -1.10
C SER A 18 -6.50 12.35 0.40
N LEU A 19 -5.37 11.94 0.90
CA LEU A 19 -5.07 12.08 2.35
C LEU A 19 -4.18 13.30 2.56
N SER A 20 -3.59 13.78 1.48
CA SER A 20 -2.67 14.97 1.54
C SER A 20 -1.25 14.51 1.87
N PRO A 21 -0.60 14.07 0.85
CA PRO A 21 0.80 13.56 0.96
C PRO A 21 1.78 14.70 1.23
N VAL A 22 2.87 14.39 1.87
CA VAL A 22 3.89 15.43 2.15
C VAL A 22 5.19 15.03 1.47
N ASN A 23 5.66 15.81 0.55
CA ASN A 23 6.91 15.42 -0.17
C ASN A 23 6.64 14.13 -0.95
N GLY A 24 5.39 13.77 -1.07
CA GLY A 24 5.04 12.51 -1.81
C GLY A 24 5.00 11.34 -0.82
N PHE A 25 4.59 11.58 0.40
CA PHE A 25 4.55 10.49 1.40
C PHE A 25 3.26 10.51 2.20
N LEU A 26 2.70 9.36 2.43
CA LEU A 26 1.47 9.28 3.25
C LEU A 26 1.82 8.65 4.59
N SER A 27 1.32 9.16 5.65
CA SER A 27 1.65 8.57 6.97
C SER A 27 0.71 7.40 7.27
N GLY A 28 1.22 6.36 7.87
CA GLY A 28 0.35 5.21 8.20
C GLY A 28 -0.98 5.73 8.76
N ASP A 29 -0.96 6.91 9.34
CA ASP A 29 -2.22 7.48 9.90
C ASP A 29 -3.18 7.86 8.76
N LYS A 30 -2.68 8.10 7.58
CA LYS A 30 -3.58 8.44 6.44
C LYS A 30 -3.92 7.15 5.71
N VAL A 31 -2.98 6.24 5.65
CA VAL A 31 -3.25 4.95 4.97
C VAL A 31 -4.12 4.05 5.84
N LYS A 32 -3.85 4.03 7.12
CA LYS A 32 -4.64 3.16 8.03
C LYS A 32 -6.13 3.22 7.68
N PRO A 33 -6.68 4.40 7.65
CA PRO A 33 -8.12 4.57 7.32
C PRO A 33 -8.37 4.18 5.87
N VAL A 34 -7.42 4.41 5.02
CA VAL A 34 -7.57 4.05 3.59
C VAL A 34 -7.71 2.53 3.47
N LEU A 35 -7.06 1.81 4.34
CA LEU A 35 -7.13 0.33 4.30
C LEU A 35 -8.28 -0.17 5.16
N LEU A 36 -8.64 0.57 6.16
CA LEU A 36 -9.78 0.15 7.02
C LEU A 36 -11.06 0.22 6.20
N ASN A 37 -11.01 0.90 5.09
CA ASN A 37 -12.22 1.03 4.25
C ASN A 37 -12.29 -0.10 3.22
N SER A 38 -11.30 -0.96 3.19
CA SER A 38 -11.31 -2.07 2.20
C SER A 38 -12.15 -3.23 2.72
N LYS A 39 -12.93 -3.02 3.75
CA LYS A 39 -13.77 -4.13 4.30
C LYS A 39 -12.88 -5.25 4.84
N LEU A 40 -11.60 -5.01 4.93
CA LEU A 40 -10.67 -6.05 5.44
C LEU A 40 -10.32 -5.79 6.90
N PRO A 41 -9.87 -6.84 7.55
CA PRO A 41 -9.47 -6.73 8.96
C PRO A 41 -8.11 -6.05 9.06
N VAL A 42 -7.68 -5.73 10.24
CA VAL A 42 -6.35 -5.07 10.39
C VAL A 42 -5.24 -6.09 10.13
N ASP A 43 -5.60 -7.32 9.89
CA ASP A 43 -4.57 -8.35 9.61
C ASP A 43 -4.12 -8.23 8.16
N ILE A 44 -5.00 -7.79 7.31
CA ILE A 44 -4.62 -7.62 5.88
C ILE A 44 -3.95 -6.25 5.72
N LEU A 45 -4.49 -5.27 6.40
CA LEU A 45 -3.91 -3.91 6.31
C LEU A 45 -2.58 -3.90 7.07
N GLY A 46 -2.44 -4.76 8.03
CA GLY A 46 -1.17 -4.81 8.82
C GLY A 46 -0.11 -5.46 7.94
N ARG A 47 -0.54 -6.28 7.03
CA ARG A 47 0.42 -6.97 6.13
C ARG A 47 0.46 -6.27 4.77
N VAL A 48 -0.61 -5.61 4.40
CA VAL A 48 -0.60 -4.91 3.09
C VAL A 48 0.28 -3.67 3.19
N TRP A 49 0.26 -3.01 4.30
CA TRP A 49 1.12 -1.81 4.47
C TRP A 49 2.58 -2.24 4.49
N GLU A 50 2.90 -3.24 5.27
CA GLU A 50 4.31 -3.68 5.36
C GLU A 50 4.86 -3.96 3.96
N LEU A 51 4.24 -4.84 3.23
CA LEU A 51 4.74 -5.11 1.86
C LEU A 51 4.60 -3.84 1.02
N SER A 52 3.81 -2.91 1.49
CA SER A 52 3.64 -1.62 0.77
C SER A 52 4.74 -0.66 1.22
N ASP A 53 5.18 -0.79 2.45
CA ASP A 53 6.26 0.09 2.96
C ASP A 53 7.60 -0.27 2.29
N ILE A 54 8.01 0.49 1.31
CA ILE A 54 9.29 0.19 0.62
C ILE A 54 10.48 0.58 1.49
N ASP A 55 10.43 1.72 2.13
CA ASP A 55 11.58 2.15 2.97
C ASP A 55 11.26 1.97 4.47
N HIS A 56 10.05 1.58 4.79
CA HIS A 56 9.68 1.39 6.22
C HIS A 56 9.83 2.70 7.00
N ASP A 57 9.36 3.78 6.43
CA ASP A 57 9.46 5.08 7.15
C ASP A 57 8.11 5.40 7.78
N GLY A 58 7.35 4.39 8.09
CA GLY A 58 6.01 4.64 8.71
C GLY A 58 5.20 5.51 7.75
N MET A 59 5.42 5.36 6.47
CA MET A 59 4.67 6.17 5.47
C MET A 59 4.52 5.41 4.15
N LEU A 60 3.59 5.81 3.34
CA LEU A 60 3.41 5.12 2.03
C LEU A 60 3.52 6.16 0.91
N ASP A 61 4.64 6.21 0.24
CA ASP A 61 4.80 7.21 -0.86
C ASP A 61 3.90 6.84 -2.03
N ARG A 62 3.56 7.80 -2.86
CA ARG A 62 2.69 7.51 -4.04
C ARG A 62 3.00 6.13 -4.63
N ASP A 63 4.25 5.78 -4.69
CA ASP A 63 4.63 4.44 -5.25
C ASP A 63 4.41 3.36 -4.19
N GLU A 64 4.64 3.67 -2.95
CA GLU A 64 4.42 2.65 -1.88
C GLU A 64 2.93 2.49 -1.64
N PHE A 65 2.22 3.58 -1.62
CA PHE A 65 0.75 3.51 -1.41
C PHE A 65 0.12 2.72 -2.54
N ALA A 66 0.78 2.67 -3.68
CA ALA A 66 0.22 1.91 -4.83
C ALA A 66 0.31 0.41 -4.57
N VAL A 67 1.43 -0.03 -4.09
CA VAL A 67 1.59 -1.49 -3.80
C VAL A 67 0.62 -1.92 -2.71
N ALA A 68 0.17 -1.00 -1.91
CA ALA A 68 -0.79 -1.35 -0.81
C ALA A 68 -2.23 -1.25 -1.31
N MET A 69 -2.43 -0.78 -2.51
CA MET A 69 -3.83 -0.68 -3.03
C MET A 69 -4.23 -1.99 -3.69
N PHE A 70 -3.37 -2.56 -4.49
CA PHE A 70 -3.71 -3.85 -5.14
C PHE A 70 -3.58 -4.95 -4.10
N LEU A 71 -2.76 -4.74 -3.12
CA LEU A 71 -2.60 -5.75 -2.03
C LEU A 71 -3.90 -5.81 -1.24
N VAL A 72 -4.61 -4.71 -1.21
CA VAL A 72 -5.89 -4.67 -0.48
C VAL A 72 -7.04 -5.01 -1.42
N TYR A 73 -7.22 -4.24 -2.44
CA TYR A 73 -8.33 -4.50 -3.40
C TYR A 73 -8.39 -5.99 -3.80
N CYS A 74 -7.29 -6.66 -3.75
CA CYS A 74 -7.29 -8.09 -4.14
C CYS A 74 -7.77 -8.95 -2.96
N ALA A 75 -7.86 -8.38 -1.79
CA ALA A 75 -8.33 -9.16 -0.64
C ALA A 75 -9.85 -9.04 -0.52
N LEU A 76 -10.43 -8.12 -1.24
CA LEU A 76 -11.90 -7.95 -1.17
C LEU A 76 -12.55 -8.83 -2.24
N GLU A 77 -12.00 -8.84 -3.41
CA GLU A 77 -12.59 -9.68 -4.49
C GLU A 77 -12.28 -11.15 -4.22
N LYS A 78 -11.02 -11.48 -4.12
CA LYS A 78 -10.64 -12.91 -3.85
C LYS A 78 -9.11 -13.05 -3.85
N GLU A 79 -8.44 -12.72 -2.78
CA GLU A 79 -6.96 -12.87 -2.77
C GLU A 79 -6.37 -12.41 -1.43
N PRO A 80 -5.93 -13.37 -0.66
CA PRO A 80 -5.33 -13.06 0.66
C PRO A 80 -4.00 -12.33 0.48
N VAL A 81 -3.51 -11.71 1.52
CA VAL A 81 -2.22 -10.97 1.41
C VAL A 81 -1.13 -11.63 2.25
N PRO A 82 -0.10 -12.07 1.58
CA PRO A 82 1.03 -12.71 2.28
C PRO A 82 2.01 -11.66 2.79
N MET A 83 3.16 -12.06 3.23
CA MET A 83 4.17 -11.07 3.73
C MET A 83 5.35 -11.03 2.78
N SER A 84 5.18 -11.50 1.59
CA SER A 84 6.32 -11.54 0.65
C SER A 84 6.38 -10.31 -0.25
N LEU A 85 7.45 -9.57 -0.13
CA LEU A 85 7.64 -8.37 -0.99
C LEU A 85 8.59 -8.69 -2.14
N PRO A 86 8.09 -9.41 -3.12
CA PRO A 86 8.93 -9.78 -4.29
C PRO A 86 9.34 -8.52 -5.06
N PRO A 87 10.31 -8.68 -5.91
CA PRO A 87 10.80 -7.53 -6.71
C PRO A 87 9.78 -7.15 -7.77
N ALA A 88 8.73 -7.90 -7.89
CA ALA A 88 7.69 -7.56 -8.88
C ALA A 88 6.75 -6.50 -8.29
N LEU A 89 7.11 -5.95 -7.16
CA LEU A 89 6.25 -4.92 -6.53
C LEU A 89 7.00 -3.60 -6.35
N VAL A 90 8.31 -3.66 -6.36
CA VAL A 90 9.10 -2.41 -6.16
C VAL A 90 8.89 -1.44 -7.32
N PRO A 91 8.80 -0.18 -6.99
CA PRO A 91 8.60 0.87 -8.02
C PRO A 91 9.88 1.02 -8.85
N PRO A 92 9.80 1.85 -9.85
CA PRO A 92 10.97 2.07 -10.74
C PRO A 92 12.09 2.80 -10.00
N SER A 93 11.78 3.47 -8.92
CA SER A 93 12.85 4.17 -8.18
C SER A 93 13.79 3.16 -7.53
N LYS A 94 13.30 2.01 -7.19
CA LYS A 94 14.16 0.98 -6.57
C LYS A 94 14.78 0.09 -7.66
N ARG A 95 14.67 0.50 -8.90
CA ARG A 95 15.23 -0.32 -10.01
C ARG A 95 16.51 0.32 -10.56
N SER B 6 5.55 -2.31 15.48
CA SER B 6 6.24 -1.08 15.93
C SER B 6 5.79 0.11 15.09
N THR B 7 5.66 -0.05 13.80
CA THR B 7 5.23 1.09 12.94
C THR B 7 3.88 0.76 12.26
N ASN B 8 3.74 -0.43 11.76
CA ASN B 8 2.45 -0.81 11.10
C ASN B 8 1.27 -0.30 11.93
N PRO B 9 0.56 0.65 11.37
CA PRO B 9 -0.61 1.26 12.07
C PRO B 9 -1.80 0.30 12.15
N PHE B 10 -1.67 -0.90 11.64
CA PHE B 10 -2.80 -1.87 11.72
C PHE B 10 -2.49 -2.93 12.78
N ARG B 11 -1.43 -3.65 12.61
CA ARG B 11 -1.06 -4.70 13.61
C ARG B 11 -0.88 -4.08 15.00
CA CA C . 7.56 4.33 2.97
N PRO A 1 7.96 -7.50 -14.88
CA PRO A 1 7.36 -6.14 -14.85
C PRO A 1 6.90 -5.78 -13.44
N TRP A 2 6.21 -4.69 -13.28
CA TRP A 2 5.72 -4.30 -11.92
C TRP A 2 4.31 -4.84 -11.69
N ALA A 3 4.10 -5.54 -10.62
CA ALA A 3 2.75 -6.10 -10.33
C ALA A 3 1.69 -5.01 -10.51
N VAL A 4 2.07 -3.78 -10.32
CA VAL A 4 1.08 -2.67 -10.46
C VAL A 4 1.14 -2.09 -11.88
N LYS A 5 0.04 -1.59 -12.36
CA LYS A 5 0.02 -1.01 -13.73
C LYS A 5 0.00 0.52 -13.64
N PRO A 6 0.18 1.16 -14.77
CA PRO A 6 0.18 2.65 -14.80
C PRO A 6 -1.22 3.17 -14.48
N GLU A 7 -2.23 2.46 -14.89
CA GLU A 7 -3.62 2.91 -14.59
C GLU A 7 -3.95 2.65 -13.13
N ASP A 8 -3.30 1.68 -12.51
CA ASP A 8 -3.56 1.40 -11.08
C ASP A 8 -2.77 2.40 -10.23
N LYS A 9 -1.57 2.67 -10.64
CA LYS A 9 -0.76 3.66 -9.88
C LYS A 9 -1.36 5.05 -10.06
N ALA A 10 -2.25 5.18 -11.00
CA ALA A 10 -2.91 6.50 -11.23
C ALA A 10 -4.04 6.67 -10.21
N LYS A 11 -4.65 5.59 -9.83
CA LYS A 11 -5.72 5.65 -8.81
C LYS A 11 -5.05 5.61 -7.45
N TYR A 12 -4.01 4.83 -7.35
CA TYR A 12 -3.26 4.75 -6.08
C TYR A 12 -2.66 6.12 -5.83
N ASP A 13 -2.48 6.88 -6.88
CA ASP A 13 -1.90 8.24 -6.73
C ASP A 13 -3.01 9.25 -6.40
N ALA A 14 -4.22 8.94 -6.75
CA ALA A 14 -5.33 9.88 -6.43
C ALA A 14 -5.74 9.66 -4.98
N ILE A 15 -5.63 8.43 -4.53
CA ILE A 15 -5.98 8.12 -3.13
C ILE A 15 -4.79 8.53 -2.26
N PHE A 16 -3.61 8.42 -2.80
CA PHE A 16 -2.39 8.82 -2.02
C PHE A 16 -2.35 10.34 -1.92
N ASP A 17 -2.69 11.01 -2.99
CA ASP A 17 -2.70 12.50 -2.98
C ASP A 17 -4.03 13.01 -2.44
N SER A 18 -4.91 12.13 -2.05
CA SER A 18 -6.21 12.57 -1.50
C SER A 18 -6.11 12.65 0.02
N LEU A 19 -4.99 12.25 0.55
CA LEU A 19 -4.78 12.31 2.03
C LEU A 19 -3.80 13.44 2.34
N SER A 20 -3.23 14.03 1.33
CA SER A 20 -2.22 15.13 1.52
C SER A 20 -0.85 14.51 1.79
N PRO A 21 -0.12 14.32 0.73
CA PRO A 21 1.23 13.71 0.82
C PRO A 21 2.23 14.69 1.43
N VAL A 22 3.21 14.18 2.11
CA VAL A 22 4.25 15.05 2.72
C VAL A 22 5.60 14.71 2.09
N ASN A 23 6.08 15.55 1.21
CA ASN A 23 7.38 15.24 0.53
C ASN A 23 7.22 13.99 -0.33
N GLY A 24 6.00 13.56 -0.55
CA GLY A 24 5.78 12.35 -1.39
C GLY A 24 5.52 11.15 -0.48
N PHE A 25 4.92 11.37 0.66
CA PHE A 25 4.67 10.23 1.59
C PHE A 25 3.33 10.38 2.31
N LEU A 26 2.77 9.27 2.70
CA LEU A 26 1.49 9.31 3.46
C LEU A 26 1.74 8.66 4.81
N SER A 27 1.23 9.23 5.85
CA SER A 27 1.46 8.62 7.18
C SER A 27 0.49 7.48 7.40
N GLY A 28 0.94 6.43 8.04
CA GLY A 28 0.03 5.27 8.31
C GLY A 28 -1.34 5.82 8.73
N ASP A 29 -1.37 6.98 9.30
CA ASP A 29 -2.67 7.58 9.73
C ASP A 29 -3.54 7.90 8.51
N LYS A 30 -2.94 8.15 7.38
CA LYS A 30 -3.73 8.45 6.16
C LYS A 30 -3.97 7.14 5.41
N VAL A 31 -3.01 6.26 5.48
CA VAL A 31 -3.17 4.95 4.79
C VAL A 31 -3.98 3.99 5.65
N LYS A 32 -3.68 3.92 6.93
CA LYS A 32 -4.44 2.99 7.82
C LYS A 32 -5.95 3.07 7.53
N PRO A 33 -6.49 4.26 7.55
CA PRO A 33 -7.94 4.43 7.27
C PRO A 33 -8.22 4.04 5.83
N VAL A 34 -7.29 4.29 4.95
CA VAL A 34 -7.48 3.91 3.52
C VAL A 34 -7.56 2.39 3.44
N LEU A 35 -6.76 1.71 4.22
CA LEU A 35 -6.79 0.22 4.20
C LEU A 35 -7.94 -0.26 5.08
N LEU A 36 -8.27 0.50 6.09
CA LEU A 36 -9.39 0.10 6.98
C LEU A 36 -10.71 0.32 6.23
N ASN A 37 -10.66 1.04 5.15
CA ASN A 37 -11.92 1.29 4.38
C ASN A 37 -12.13 0.17 3.36
N SER A 38 -11.17 -0.69 3.19
CA SER A 38 -11.31 -1.80 2.22
C SER A 38 -12.14 -2.94 2.83
N LYS A 39 -12.73 -2.70 3.97
CA LYS A 39 -13.54 -3.77 4.63
C LYS A 39 -12.65 -4.92 5.08
N LEU A 40 -11.37 -4.70 5.08
CA LEU A 40 -10.43 -5.79 5.52
C LEU A 40 -10.03 -5.57 6.97
N PRO A 41 -9.69 -6.65 7.61
CA PRO A 41 -9.27 -6.58 9.02
C PRO A 41 -7.85 -6.02 9.10
N VAL A 42 -7.36 -5.73 10.26
CA VAL A 42 -5.99 -5.18 10.38
C VAL A 42 -4.97 -6.26 10.03
N ASP A 43 -5.43 -7.47 9.83
CA ASP A 43 -4.48 -8.56 9.48
C ASP A 43 -4.08 -8.42 8.02
N ILE A 44 -4.98 -7.92 7.22
CA ILE A 44 -4.64 -7.73 5.78
C ILE A 44 -3.93 -6.40 5.61
N LEU A 45 -4.41 -5.40 6.30
CA LEU A 45 -3.78 -4.06 6.23
C LEU A 45 -2.46 -4.11 7.00
N GLY A 46 -2.40 -4.95 7.99
CA GLY A 46 -1.15 -5.07 8.77
C GLY A 46 -0.10 -5.69 7.85
N ARG A 47 -0.57 -6.40 6.86
CA ARG A 47 0.36 -7.04 5.89
C ARG A 47 0.40 -6.19 4.61
N VAL A 48 -0.71 -5.64 4.20
CA VAL A 48 -0.70 -4.82 2.96
C VAL A 48 0.19 -3.59 3.17
N TRP A 49 0.13 -2.99 4.33
CA TRP A 49 1.00 -1.80 4.57
C TRP A 49 2.46 -2.24 4.60
N GLU A 50 2.78 -3.24 5.38
CA GLU A 50 4.20 -3.68 5.45
C GLU A 50 4.72 -3.96 4.05
N LEU A 51 4.06 -4.82 3.33
CA LEU A 51 4.51 -5.11 1.94
C LEU A 51 4.43 -3.82 1.12
N SER A 52 3.73 -2.84 1.62
CA SER A 52 3.61 -1.54 0.91
C SER A 52 4.69 -0.57 1.40
N ASP A 53 5.03 -0.66 2.66
CA ASP A 53 6.07 0.25 3.23
C ASP A 53 7.44 -0.10 2.62
N ILE A 54 7.63 0.18 1.36
CA ILE A 54 8.94 -0.13 0.71
C ILE A 54 10.09 0.44 1.55
N ASP A 55 9.86 1.51 2.24
CA ASP A 55 10.95 2.12 3.07
C ASP A 55 10.67 1.86 4.56
N HIS A 56 9.46 1.46 4.89
CA HIS A 56 9.13 1.16 6.31
C HIS A 56 9.39 2.37 7.22
N ASP A 57 8.98 3.54 6.83
CA ASP A 57 9.20 4.73 7.70
C ASP A 57 7.86 5.16 8.31
N GLY A 58 6.97 4.23 8.51
CA GLY A 58 5.64 4.58 9.09
C GLY A 58 4.89 5.46 8.10
N MET A 59 5.20 5.34 6.84
CA MET A 59 4.51 6.17 5.80
C MET A 59 4.47 5.43 4.47
N LEU A 60 3.60 5.83 3.58
CA LEU A 60 3.53 5.16 2.25
C LEU A 60 3.76 6.18 1.14
N ASP A 61 4.87 6.10 0.47
CA ASP A 61 5.15 7.06 -0.63
C ASP A 61 4.19 6.81 -1.80
N ARG A 62 4.07 7.75 -2.69
CA ARG A 62 3.16 7.56 -3.85
C ARG A 62 3.42 6.20 -4.51
N ASP A 63 4.64 5.72 -4.45
CA ASP A 63 4.96 4.40 -5.06
C ASP A 63 4.68 3.29 -4.05
N GLU A 64 4.90 3.58 -2.79
CA GLU A 64 4.62 2.56 -1.75
C GLU A 64 3.11 2.47 -1.55
N PHE A 65 2.46 3.60 -1.49
CA PHE A 65 1.00 3.58 -1.34
C PHE A 65 0.41 2.73 -2.45
N ALA A 66 1.02 2.76 -3.60
CA ALA A 66 0.52 1.94 -4.74
C ALA A 66 0.50 0.46 -4.37
N VAL A 67 1.63 -0.06 -4.00
CA VAL A 67 1.71 -1.50 -3.61
C VAL A 67 0.63 -1.82 -2.56
N ALA A 68 0.18 -0.83 -1.85
CA ALA A 68 -0.86 -1.08 -0.80
C ALA A 68 -2.27 -0.98 -1.37
N MET A 69 -2.44 -0.51 -2.57
CA MET A 69 -3.82 -0.41 -3.12
C MET A 69 -4.22 -1.69 -3.82
N PHE A 70 -3.35 -2.24 -4.63
CA PHE A 70 -3.68 -3.51 -5.32
C PHE A 70 -3.58 -4.65 -4.31
N LEU A 71 -2.88 -4.42 -3.23
CA LEU A 71 -2.74 -5.47 -2.18
C LEU A 71 -4.02 -5.48 -1.32
N VAL A 72 -4.70 -4.36 -1.26
CA VAL A 72 -5.95 -4.29 -0.46
C VAL A 72 -7.14 -4.64 -1.35
N TYR A 73 -7.16 -4.15 -2.55
CA TYR A 73 -8.30 -4.45 -3.47
C TYR A 73 -8.30 -5.94 -3.84
N CYS A 74 -7.16 -6.57 -3.79
CA CYS A 74 -7.09 -8.01 -4.12
C CYS A 74 -7.56 -8.85 -2.92
N ALA A 75 -7.64 -8.23 -1.78
CA ALA A 75 -8.10 -8.97 -0.57
C ALA A 75 -9.62 -8.87 -0.48
N LEU A 76 -10.20 -8.03 -1.29
CA LEU A 76 -11.68 -7.87 -1.26
C LEU A 76 -12.31 -8.85 -2.24
N GLU A 77 -11.73 -8.99 -3.39
CA GLU A 77 -12.28 -9.92 -4.40
C GLU A 77 -12.09 -11.35 -3.92
N LYS A 78 -10.88 -11.71 -3.59
CA LYS A 78 -10.62 -13.10 -3.11
C LYS A 78 -9.13 -13.33 -2.86
N GLU A 79 -8.28 -12.60 -3.53
CA GLU A 79 -6.81 -12.79 -3.35
C GLU A 79 -6.35 -12.38 -1.95
N PRO A 80 -5.85 -13.34 -1.21
CA PRO A 80 -5.36 -13.07 0.15
C PRO A 80 -4.03 -12.31 0.07
N VAL A 81 -3.45 -11.94 1.18
CA VAL A 81 -2.16 -11.20 1.12
C VAL A 81 -1.11 -11.86 2.02
N PRO A 82 -0.02 -12.24 1.41
CA PRO A 82 1.09 -12.85 2.17
C PRO A 82 1.99 -11.75 2.73
N MET A 83 2.87 -12.07 3.64
CA MET A 83 3.76 -11.00 4.21
C MET A 83 5.03 -10.90 3.40
N SER A 84 5.07 -11.47 2.23
CA SER A 84 6.32 -11.40 1.43
C SER A 84 6.12 -10.48 0.24
N LEU A 85 6.63 -9.30 0.32
CA LEU A 85 6.50 -8.36 -0.82
C LEU A 85 7.23 -8.97 -2.02
N PRO A 86 6.45 -9.39 -2.99
CA PRO A 86 7.02 -10.02 -4.21
C PRO A 86 7.85 -9.03 -5.02
N PRO A 87 8.86 -9.55 -5.65
CA PRO A 87 9.78 -8.73 -6.48
C PRO A 87 9.09 -8.26 -7.76
N ALA A 88 7.90 -8.75 -8.01
CA ALA A 88 7.18 -8.32 -9.23
C ALA A 88 6.45 -7.02 -8.92
N LEU A 89 6.05 -6.87 -7.70
CA LEU A 89 5.35 -5.63 -7.27
C LEU A 89 6.39 -4.63 -6.74
N VAL A 90 7.55 -5.12 -6.39
CA VAL A 90 8.61 -4.21 -5.87
C VAL A 90 9.12 -3.28 -6.97
N PRO A 91 9.39 -2.06 -6.60
CA PRO A 91 9.89 -1.06 -7.58
C PRO A 91 11.34 -1.38 -7.98
N PRO A 92 11.76 -0.78 -9.04
CA PRO A 92 13.14 -1.00 -9.55
C PRO A 92 14.18 -0.31 -8.67
N SER A 93 13.83 0.81 -8.08
CA SER A 93 14.81 1.50 -7.20
C SER A 93 15.16 0.63 -5.99
N LYS A 94 14.27 -0.26 -5.63
CA LYS A 94 14.55 -1.14 -4.47
C LYS A 94 15.10 -2.48 -4.97
N ARG A 95 15.49 -2.54 -6.22
CA ARG A 95 16.04 -3.81 -6.77
C ARG A 95 17.56 -3.84 -6.63
N SER B 6 6.92 0.24 17.08
CA SER B 6 5.91 -0.45 16.21
C SER B 6 6.29 -0.25 14.73
N THR B 7 6.04 -1.23 13.91
CA THR B 7 6.38 -1.10 12.46
C THR B 7 5.10 -1.08 11.62
N ASN B 8 3.99 -1.43 12.19
CA ASN B 8 2.72 -1.43 11.42
C ASN B 8 1.57 -0.85 12.26
N PRO B 9 0.99 0.22 11.75
CA PRO B 9 -0.12 0.89 12.45
C PRO B 9 -1.45 0.12 12.32
N PHE B 10 -1.40 -1.11 11.86
CA PHE B 10 -2.67 -1.90 11.75
C PHE B 10 -2.69 -2.97 12.85
N ARG B 11 -1.74 -3.86 12.82
CA ARG B 11 -1.69 -4.93 13.87
C ARG B 11 -1.96 -4.32 15.25
CA CA C . 7.73 3.91 3.40
N PRO A 1 5.03 -7.44 -15.98
CA PRO A 1 5.45 -6.08 -15.58
C PRO A 1 5.12 -5.84 -14.10
N TRP A 2 5.32 -4.64 -13.62
CA TRP A 2 5.01 -4.36 -12.19
C TRP A 2 3.58 -4.78 -11.90
N ALA A 3 3.38 -5.62 -10.92
CA ALA A 3 2.01 -6.09 -10.59
C ALA A 3 1.02 -4.93 -10.69
N VAL A 4 1.48 -3.73 -10.47
CA VAL A 4 0.57 -2.55 -10.55
C VAL A 4 0.72 -1.89 -11.93
N LYS A 5 -0.38 -1.70 -12.62
CA LYS A 5 -0.30 -1.08 -13.97
C LYS A 5 -0.25 0.45 -13.84
N PRO A 6 -0.05 1.09 -14.96
CA PRO A 6 0.00 2.58 -14.99
C PRO A 6 -1.38 3.13 -14.68
N GLU A 7 -2.40 2.45 -15.11
CA GLU A 7 -3.80 2.93 -14.82
C GLU A 7 -4.18 2.55 -13.39
N ASP A 8 -3.49 1.61 -12.82
CA ASP A 8 -3.79 1.19 -11.43
C ASP A 8 -3.09 2.14 -10.47
N LYS A 9 -1.86 2.46 -10.74
CA LYS A 9 -1.12 3.40 -9.86
C LYS A 9 -1.68 4.81 -10.06
N ALA A 10 -2.39 5.01 -11.14
CA ALA A 10 -2.98 6.35 -11.40
C ALA A 10 -4.17 6.56 -10.48
N LYS A 11 -4.96 5.53 -10.30
CA LYS A 11 -6.12 5.64 -9.39
C LYS A 11 -5.60 5.55 -7.95
N TYR A 12 -4.46 4.94 -7.77
CA TYR A 12 -3.88 4.82 -6.41
C TYR A 12 -3.30 6.18 -6.01
N ASP A 13 -2.79 6.90 -6.98
CA ASP A 13 -2.21 8.24 -6.68
C ASP A 13 -3.33 9.22 -6.31
N ALA A 14 -4.53 8.93 -6.73
CA ALA A 14 -5.67 9.83 -6.38
C ALA A 14 -6.08 9.55 -4.95
N ILE A 15 -5.94 8.32 -4.53
CA ILE A 15 -6.30 7.96 -3.14
C ILE A 15 -5.12 8.33 -2.24
N PHE A 16 -3.93 8.23 -2.77
CA PHE A 16 -2.73 8.59 -1.98
C PHE A 16 -2.66 10.11 -1.86
N ASP A 17 -3.14 10.81 -2.86
CA ASP A 17 -3.11 12.30 -2.82
C ASP A 17 -4.41 12.82 -2.20
N SER A 18 -5.34 11.95 -1.88
CA SER A 18 -6.62 12.40 -1.26
C SER A 18 -6.45 12.48 0.26
N LEU A 19 -5.35 12.00 0.76
CA LEU A 19 -5.09 12.04 2.23
C LEU A 19 -4.19 13.22 2.54
N SER A 20 -3.58 13.77 1.50
CA SER A 20 -2.64 14.93 1.63
C SER A 20 -1.21 14.40 1.72
N PRO A 21 -0.60 14.29 0.57
CA PRO A 21 0.79 13.78 0.48
C PRO A 21 1.78 14.81 1.01
N VAL A 22 2.85 14.34 1.60
CA VAL A 22 3.88 15.26 2.12
C VAL A 22 5.17 15.06 1.34
N ASN A 23 5.45 15.92 0.41
CA ASN A 23 6.70 15.76 -0.40
C ASN A 23 6.62 14.47 -1.21
N GLY A 24 5.45 13.90 -1.33
CA GLY A 24 5.31 12.64 -2.12
C GLY A 24 5.25 11.44 -1.16
N PHE A 25 4.70 11.62 0.01
CA PHE A 25 4.63 10.48 0.97
C PHE A 25 3.35 10.54 1.81
N LEU A 26 2.85 9.41 2.19
CA LEU A 26 1.64 9.37 3.05
C LEU A 26 2.03 8.78 4.40
N SER A 27 1.27 9.02 5.41
CA SER A 27 1.63 8.45 6.74
C SER A 27 0.72 7.28 7.06
N GLY A 28 1.25 6.28 7.70
CA GLY A 28 0.39 5.11 8.06
C GLY A 28 -0.92 5.62 8.62
N ASP A 29 -0.92 6.81 9.17
CA ASP A 29 -2.17 7.38 9.73
C ASP A 29 -3.14 7.77 8.60
N LYS A 30 -2.63 8.02 7.42
CA LYS A 30 -3.53 8.37 6.29
C LYS A 30 -3.89 7.09 5.55
N VAL A 31 -2.98 6.17 5.52
CA VAL A 31 -3.26 4.87 4.83
C VAL A 31 -4.14 3.98 5.72
N LYS A 32 -3.91 3.98 7.00
CA LYS A 32 -4.73 3.13 7.90
C LYS A 32 -6.20 3.18 7.50
N PRO A 33 -6.73 4.39 7.44
CA PRO A 33 -8.15 4.56 7.05
C PRO A 33 -8.35 4.12 5.61
N VAL A 34 -7.35 4.31 4.79
CA VAL A 34 -7.47 3.88 3.38
C VAL A 34 -7.59 2.36 3.34
N LEU A 35 -6.98 1.69 4.28
CA LEU A 35 -7.06 0.20 4.33
C LEU A 35 -8.20 -0.24 5.21
N LEU A 36 -8.51 0.52 6.22
CA LEU A 36 -9.64 0.16 7.11
C LEU A 36 -10.94 0.36 6.37
N ASN A 37 -10.87 1.03 5.24
CA ASN A 37 -12.11 1.27 4.46
C ASN A 37 -12.34 0.14 3.45
N SER A 38 -11.38 -0.73 3.28
CA SER A 38 -11.54 -1.85 2.31
C SER A 38 -12.35 -2.98 2.95
N LYS A 39 -12.95 -2.75 4.09
CA LYS A 39 -13.74 -3.82 4.75
C LYS A 39 -12.81 -4.97 5.16
N LEU A 40 -11.53 -4.73 5.16
CA LEU A 40 -10.56 -5.81 5.54
C LEU A 40 -10.17 -5.65 7.01
N PRO A 41 -9.78 -6.75 7.59
CA PRO A 41 -9.34 -6.75 9.00
C PRO A 41 -7.95 -6.14 9.09
N VAL A 42 -7.48 -5.85 10.27
CA VAL A 42 -6.12 -5.24 10.40
C VAL A 42 -5.05 -6.30 10.05
N ASP A 43 -5.47 -7.51 9.77
CA ASP A 43 -4.47 -8.54 9.42
C ASP A 43 -4.07 -8.37 7.96
N ILE A 44 -4.95 -7.83 7.16
CA ILE A 44 -4.61 -7.62 5.73
C ILE A 44 -3.94 -6.26 5.60
N LEU A 45 -4.40 -5.31 6.36
CA LEU A 45 -3.81 -3.96 6.30
C LEU A 45 -2.48 -3.97 7.04
N GLY A 46 -2.34 -4.85 7.99
CA GLY A 46 -1.06 -4.93 8.74
C GLY A 46 -0.03 -5.58 7.82
N ARG A 47 -0.51 -6.36 6.89
CA ARG A 47 0.40 -7.03 5.94
C ARG A 47 0.39 -6.30 4.60
N VAL A 48 -0.72 -5.70 4.24
CA VAL A 48 -0.74 -4.97 2.94
C VAL A 48 0.13 -3.73 3.09
N TRP A 49 0.13 -3.15 4.25
CA TRP A 49 0.98 -1.96 4.47
C TRP A 49 2.45 -2.37 4.43
N GLU A 50 2.85 -3.30 5.25
CA GLU A 50 4.28 -3.72 5.25
C GLU A 50 4.78 -3.86 3.82
N LEU A 51 4.24 -4.78 3.08
CA LEU A 51 4.71 -4.96 1.67
C LEU A 51 4.56 -3.62 0.93
N SER A 52 3.74 -2.74 1.46
CA SER A 52 3.57 -1.40 0.81
C SER A 52 4.56 -0.41 1.44
N ASP A 53 5.06 -0.72 2.61
CA ASP A 53 6.04 0.18 3.28
C ASP A 53 7.46 -0.30 2.98
N ILE A 54 8.03 0.12 1.88
CA ILE A 54 9.40 -0.33 1.53
C ILE A 54 10.44 0.64 2.09
N ASP A 55 10.02 1.81 2.51
CA ASP A 55 10.99 2.78 3.08
C ASP A 55 11.08 2.62 4.59
N HIS A 56 10.16 1.89 5.16
CA HIS A 56 10.18 1.67 6.64
C HIS A 56 10.14 3.01 7.39
N ASP A 57 9.27 3.90 7.00
CA ASP A 57 9.19 5.21 7.69
C ASP A 57 7.75 5.49 8.12
N GLY A 58 6.98 4.45 8.31
CA GLY A 58 5.56 4.66 8.71
C GLY A 58 4.86 5.50 7.64
N MET A 59 5.16 5.26 6.39
CA MET A 59 4.52 6.06 5.31
C MET A 59 4.39 5.27 4.01
N LEU A 60 3.51 5.72 3.14
CA LEU A 60 3.34 5.04 1.82
C LEU A 60 3.53 6.07 0.70
N ASP A 61 4.65 6.05 0.04
CA ASP A 61 4.86 7.06 -1.04
C ASP A 61 3.99 6.74 -2.26
N ARG A 62 3.79 7.71 -3.11
CA ARG A 62 2.94 7.50 -4.33
C ARG A 62 3.13 6.10 -4.90
N ASP A 63 4.35 5.65 -5.00
CA ASP A 63 4.60 4.30 -5.58
C ASP A 63 4.33 3.22 -4.54
N GLU A 64 4.58 3.50 -3.30
CA GLU A 64 4.32 2.47 -2.25
C GLU A 64 2.83 2.38 -2.00
N PHE A 65 2.17 3.50 -1.88
CA PHE A 65 0.70 3.47 -1.66
C PHE A 65 0.06 2.72 -2.83
N ALA A 66 0.76 2.59 -3.91
CA ALA A 66 0.19 1.86 -5.08
C ALA A 66 0.21 0.36 -4.80
N VAL A 67 1.32 -0.13 -4.32
CA VAL A 67 1.43 -1.58 -4.00
C VAL A 67 0.36 -1.96 -2.95
N ALA A 68 -0.05 -0.99 -2.16
CA ALA A 68 -1.07 -1.27 -1.11
C ALA A 68 -2.49 -1.03 -1.64
N MET A 69 -2.62 -0.54 -2.83
CA MET A 69 -3.98 -0.29 -3.38
C MET A 69 -4.54 -1.55 -4.00
N PHE A 70 -3.78 -2.20 -4.83
CA PHE A 70 -4.27 -3.47 -5.44
C PHE A 70 -4.21 -4.54 -4.35
N LEU A 71 -3.30 -4.38 -3.42
CA LEU A 71 -3.19 -5.35 -2.29
C LEU A 71 -4.47 -5.27 -1.46
N VAL A 72 -5.10 -4.13 -1.46
CA VAL A 72 -6.35 -3.97 -0.68
C VAL A 72 -7.57 -4.30 -1.54
N TYR A 73 -7.45 -4.20 -2.83
CA TYR A 73 -8.61 -4.52 -3.71
C TYR A 73 -8.61 -6.01 -4.04
N CYS A 74 -7.47 -6.63 -3.96
CA CYS A 74 -7.40 -8.09 -4.27
C CYS A 74 -7.78 -8.88 -3.02
N ALA A 75 -7.84 -8.24 -1.89
CA ALA A 75 -8.23 -8.96 -0.64
C ALA A 75 -9.75 -8.95 -0.50
N LEU A 76 -10.40 -8.11 -1.27
CA LEU A 76 -11.89 -8.02 -1.21
C LEU A 76 -12.48 -8.98 -2.23
N GLU A 77 -11.88 -9.04 -3.37
CA GLU A 77 -12.39 -9.94 -4.43
C GLU A 77 -12.18 -11.39 -4.01
N LYS A 78 -10.96 -11.75 -3.72
CA LYS A 78 -10.67 -13.15 -3.29
C LYS A 78 -9.17 -13.38 -3.08
N GLU A 79 -8.35 -12.58 -3.70
CA GLU A 79 -6.87 -12.78 -3.55
C GLU A 79 -6.41 -12.38 -2.15
N PRO A 80 -5.88 -13.34 -1.45
CA PRO A 80 -5.38 -13.10 -0.07
C PRO A 80 -4.10 -12.28 -0.13
N VAL A 81 -3.69 -11.72 0.97
CA VAL A 81 -2.45 -10.91 0.98
C VAL A 81 -1.36 -11.61 1.79
N PRO A 82 -0.20 -11.74 1.19
CA PRO A 82 0.93 -12.39 1.85
C PRO A 82 1.74 -11.35 2.61
N MET A 83 2.95 -11.68 2.94
CA MET A 83 3.82 -10.72 3.67
C MET A 83 5.16 -10.62 2.98
N SER A 84 5.33 -11.29 1.88
CA SER A 84 6.64 -11.27 1.20
C SER A 84 6.60 -10.41 -0.05
N LEU A 85 7.12 -9.24 0.03
CA LEU A 85 7.14 -8.34 -1.15
C LEU A 85 7.76 -9.08 -2.34
N PRO A 86 6.93 -9.47 -3.27
CA PRO A 86 7.40 -10.20 -4.46
C PRO A 86 8.22 -9.27 -5.37
N PRO A 87 8.93 -9.86 -6.28
CA PRO A 87 9.78 -9.09 -7.21
C PRO A 87 8.94 -8.34 -8.26
N ALA A 88 7.77 -8.82 -8.54
CA ALA A 88 6.91 -8.13 -9.54
C ALA A 88 6.12 -7.01 -8.86
N LEU A 89 6.39 -6.78 -7.61
CA LEU A 89 5.63 -5.72 -6.88
C LEU A 89 6.56 -4.59 -6.42
N VAL A 90 7.82 -4.70 -6.69
CA VAL A 90 8.76 -3.64 -6.24
C VAL A 90 9.31 -2.82 -7.40
N PRO A 91 9.36 -1.53 -7.19
CA PRO A 91 9.90 -0.61 -8.22
C PRO A 91 11.41 -0.82 -8.36
N PRO A 92 12.00 -0.13 -9.29
CA PRO A 92 13.47 -0.26 -9.53
C PRO A 92 14.26 0.36 -8.37
N SER A 93 13.60 1.09 -7.50
CA SER A 93 14.33 1.69 -6.36
C SER A 93 14.54 0.65 -5.27
N LYS A 94 13.86 -0.46 -5.38
CA LYS A 94 14.03 -1.53 -4.36
C LYS A 94 15.16 -2.47 -4.79
N ARG A 95 15.71 -2.25 -5.96
CA ARG A 95 16.82 -3.12 -6.44
C ARG A 95 18.16 -2.66 -5.85
N SER B 6 6.87 -4.07 10.58
CA SER B 6 7.09 -3.96 12.04
C SER B 6 6.00 -3.10 12.68
N THR B 7 5.29 -3.66 13.63
CA THR B 7 4.21 -2.87 14.31
C THR B 7 3.11 -2.48 13.32
N ASN B 8 3.42 -1.67 12.35
CA ASN B 8 2.39 -1.24 11.37
C ASN B 8 1.26 -0.53 12.11
N PRO B 9 0.64 0.40 11.47
CA PRO B 9 -0.48 1.13 12.10
C PRO B 9 -1.72 0.21 12.19
N PHE B 10 -1.63 -0.99 11.68
CA PHE B 10 -2.78 -1.94 11.78
C PHE B 10 -2.44 -3.01 12.82
N ARG B 11 -1.47 -3.83 12.53
CA ARG B 11 -1.08 -4.90 13.48
C ARG B 11 -0.99 -4.34 14.90
CA CA C . 7.51 3.59 2.88
N PRO A 1 8.03 -6.39 -15.14
CA PRO A 1 6.97 -5.36 -15.06
C PRO A 1 6.42 -5.24 -13.63
N TRP A 2 5.86 -4.11 -13.30
CA TRP A 2 5.30 -3.92 -11.94
C TRP A 2 3.86 -4.44 -11.88
N ALA A 3 3.54 -5.23 -10.90
CA ALA A 3 2.16 -5.79 -10.80
C ALA A 3 1.11 -4.70 -10.99
N VAL A 4 1.44 -3.48 -10.65
CA VAL A 4 0.43 -2.38 -10.80
C VAL A 4 0.57 -1.71 -12.17
N LYS A 5 -0.53 -1.26 -12.72
CA LYS A 5 -0.49 -0.59 -14.04
C LYS A 5 -0.61 0.92 -13.87
N PRO A 6 -0.52 1.63 -14.97
CA PRO A 6 -0.63 3.11 -14.92
C PRO A 6 -2.06 3.52 -14.55
N GLU A 7 -3.04 2.78 -15.00
CA GLU A 7 -4.44 3.13 -14.65
C GLU A 7 -4.74 2.76 -13.21
N ASP A 8 -4.07 1.76 -12.69
CA ASP A 8 -4.31 1.37 -11.27
C ASP A 8 -3.49 2.27 -10.36
N LYS A 9 -2.36 2.71 -10.82
CA LYS A 9 -1.52 3.61 -9.98
C LYS A 9 -2.09 5.03 -10.07
N ALA A 10 -2.98 5.26 -11.01
CA ALA A 10 -3.59 6.61 -11.12
C ALA A 10 -4.69 6.74 -10.08
N LYS A 11 -5.47 5.72 -9.89
CA LYS A 11 -6.52 5.78 -8.85
C LYS A 11 -5.85 5.70 -7.47
N TYR A 12 -4.69 5.09 -7.42
CA TYR A 12 -3.95 4.99 -6.13
C TYR A 12 -3.37 6.37 -5.81
N ASP A 13 -2.96 7.08 -6.83
CA ASP A 13 -2.39 8.43 -6.62
C ASP A 13 -3.49 9.41 -6.19
N ALA A 14 -4.70 9.11 -6.53
CA ALA A 14 -5.82 10.00 -6.12
C ALA A 14 -6.15 9.71 -4.66
N ILE A 15 -6.02 8.48 -4.26
CA ILE A 15 -6.28 8.11 -2.85
C ILE A 15 -5.06 8.49 -2.04
N PHE A 16 -3.91 8.42 -2.64
CA PHE A 16 -2.66 8.78 -1.94
C PHE A 16 -2.58 10.31 -1.85
N ASP A 17 -3.03 10.98 -2.88
CA ASP A 17 -3.00 12.47 -2.87
C ASP A 17 -4.32 13.00 -2.31
N SER A 18 -5.18 12.12 -1.85
CA SER A 18 -6.47 12.57 -1.27
C SER A 18 -6.30 12.75 0.25
N LEU A 19 -5.18 12.31 0.75
CA LEU A 19 -4.90 12.44 2.21
C LEU A 19 -3.89 13.56 2.40
N SER A 20 -3.36 14.06 1.31
CA SER A 20 -2.32 15.15 1.35
C SER A 20 -0.94 14.52 1.50
N PRO A 21 -0.27 14.44 0.39
CA PRO A 21 1.09 13.84 0.34
C PRO A 21 2.09 14.77 1.02
N VAL A 22 3.07 14.20 1.63
CA VAL A 22 4.11 15.02 2.32
C VAL A 22 5.45 14.79 1.63
N ASN A 23 5.82 15.65 0.72
CA ASN A 23 7.11 15.46 0.00
C ASN A 23 7.05 14.18 -0.83
N GLY A 24 5.86 13.71 -1.12
CA GLY A 24 5.71 12.47 -1.92
C GLY A 24 5.58 11.27 -0.98
N PHE A 25 4.95 11.46 0.14
CA PHE A 25 4.79 10.33 1.11
C PHE A 25 3.52 10.48 1.93
N LEU A 26 2.91 9.37 2.25
CA LEU A 26 1.69 9.40 3.10
C LEU A 26 2.04 8.75 4.43
N SER A 27 1.42 9.16 5.49
CA SER A 27 1.76 8.53 6.79
C SER A 27 0.73 7.48 7.15
N GLY A 28 1.15 6.42 7.77
CA GLY A 28 0.21 5.34 8.16
C GLY A 28 -1.09 5.97 8.67
N ASP A 29 -1.00 7.15 9.21
CA ASP A 29 -2.22 7.83 9.74
C ASP A 29 -3.19 8.15 8.60
N LYS A 30 -2.70 8.26 7.40
CA LYS A 30 -3.60 8.54 6.24
C LYS A 30 -3.89 7.25 5.51
N VAL A 31 -2.96 6.34 5.52
CA VAL A 31 -3.19 5.04 4.83
C VAL A 31 -4.02 4.12 5.72
N LYS A 32 -3.72 4.07 6.99
CA LYS A 32 -4.49 3.17 7.89
C LYS A 32 -6.00 3.23 7.59
N PRO A 33 -6.55 4.40 7.59
CA PRO A 33 -7.99 4.55 7.30
C PRO A 33 -8.26 4.19 5.84
N VAL A 34 -7.33 4.46 4.98
CA VAL A 34 -7.50 4.12 3.55
C VAL A 34 -7.57 2.59 3.42
N LEU A 35 -6.93 1.89 4.32
CA LEU A 35 -6.95 0.40 4.25
C LEU A 35 -8.09 -0.15 5.11
N LEU A 36 -8.48 0.59 6.11
CA LEU A 36 -9.59 0.11 6.98
C LEU A 36 -10.90 0.25 6.23
N ASN A 37 -10.88 0.89 5.08
CA ASN A 37 -12.13 1.07 4.31
C ASN A 37 -12.35 -0.09 3.34
N SER A 38 -11.41 -0.99 3.25
CA SER A 38 -11.56 -2.13 2.30
C SER A 38 -12.37 -3.26 2.96
N LYS A 39 -12.96 -3.00 4.10
CA LYS A 39 -13.76 -4.05 4.79
C LYS A 39 -12.83 -5.18 5.27
N LEU A 40 -11.54 -4.98 5.15
CA LEU A 40 -10.59 -6.03 5.61
C LEU A 40 -10.14 -5.76 7.04
N PRO A 41 -9.71 -6.79 7.69
CA PRO A 41 -9.23 -6.68 9.08
C PRO A 41 -7.83 -6.06 9.10
N VAL A 42 -7.30 -5.81 10.26
CA VAL A 42 -5.93 -5.23 10.35
C VAL A 42 -4.90 -6.29 9.97
N ASP A 43 -5.33 -7.50 9.74
CA ASP A 43 -4.38 -8.57 9.37
C ASP A 43 -4.01 -8.42 7.90
N ILE A 44 -4.91 -7.89 7.13
CA ILE A 44 -4.62 -7.69 5.69
C ILE A 44 -3.93 -6.34 5.53
N LEU A 45 -4.41 -5.37 6.25
CA LEU A 45 -3.79 -4.02 6.17
C LEU A 45 -2.49 -4.05 6.95
N GLY A 46 -2.40 -4.89 7.94
CA GLY A 46 -1.15 -4.98 8.73
C GLY A 46 -0.09 -5.61 7.83
N ARG A 47 -0.55 -6.36 6.87
CA ARG A 47 0.38 -7.03 5.91
C ARG A 47 0.40 -6.27 4.59
N VAL A 48 -0.69 -5.69 4.19
CA VAL A 48 -0.70 -4.94 2.91
C VAL A 48 0.18 -3.70 3.07
N TRP A 49 0.17 -3.10 4.22
CA TRP A 49 1.03 -1.90 4.43
C TRP A 49 2.50 -2.33 4.38
N GLU A 50 2.87 -3.30 5.19
CA GLU A 50 4.30 -3.72 5.20
C GLU A 50 4.81 -3.92 3.77
N LEU A 51 4.18 -4.76 3.01
CA LEU A 51 4.65 -4.94 1.60
C LEU A 51 4.48 -3.63 0.84
N SER A 52 3.76 -2.69 1.40
CA SER A 52 3.57 -1.38 0.74
C SER A 52 4.61 -0.39 1.25
N ASP A 53 4.88 -0.41 2.54
CA ASP A 53 5.88 0.53 3.12
C ASP A 53 7.28 -0.06 2.97
N ILE A 54 7.79 -0.08 1.77
CA ILE A 54 9.14 -0.63 1.53
C ILE A 54 10.20 0.18 2.31
N ASP A 55 9.84 1.36 2.75
CA ASP A 55 10.81 2.18 3.52
C ASP A 55 10.65 1.90 5.02
N HIS A 56 9.56 1.28 5.39
CA HIS A 56 9.34 0.98 6.83
C HIS A 56 9.54 2.23 7.69
N ASP A 57 9.18 3.38 7.17
CA ASP A 57 9.35 4.63 7.97
C ASP A 57 8.00 5.08 8.53
N GLY A 58 6.98 4.30 8.33
CA GLY A 58 5.64 4.68 8.86
C GLY A 58 4.92 5.56 7.83
N MET A 59 5.25 5.42 6.57
CA MET A 59 4.57 6.25 5.53
C MET A 59 4.48 5.46 4.21
N LEU A 60 3.61 5.88 3.32
CA LEU A 60 3.49 5.18 2.01
C LEU A 60 3.69 6.19 0.87
N ASP A 61 4.77 6.08 0.15
CA ASP A 61 5.01 7.03 -0.97
C ASP A 61 4.01 6.79 -2.11
N ARG A 62 3.92 7.69 -3.03
CA ARG A 62 2.96 7.52 -4.16
C ARG A 62 3.13 6.14 -4.79
N ASP A 63 4.34 5.68 -4.91
CA ASP A 63 4.57 4.33 -5.51
C ASP A 63 4.29 3.25 -4.47
N GLU A 64 4.62 3.53 -3.23
CA GLU A 64 4.36 2.53 -2.16
C GLU A 64 2.87 2.47 -1.88
N PHE A 65 2.25 3.61 -1.73
CA PHE A 65 0.78 3.63 -1.48
C PHE A 65 0.08 2.91 -2.62
N ALA A 66 0.66 2.89 -3.78
CA ALA A 66 0.01 2.19 -4.93
C ALA A 66 0.00 0.67 -4.69
N VAL A 67 1.13 0.14 -4.32
CA VAL A 67 1.21 -1.33 -4.06
C VAL A 67 0.21 -1.72 -2.96
N ALA A 68 -0.19 -0.77 -2.16
CA ALA A 68 -1.14 -1.08 -1.04
C ALA A 68 -2.60 -0.96 -1.50
N MET A 69 -2.86 -0.39 -2.64
CA MET A 69 -4.29 -0.27 -3.07
C MET A 69 -4.75 -1.54 -3.79
N PHE A 70 -3.90 -2.10 -4.60
CA PHE A 70 -4.31 -3.36 -5.29
C PHE A 70 -4.18 -4.51 -4.29
N LEU A 71 -3.32 -4.34 -3.32
CA LEU A 71 -3.15 -5.39 -2.27
C LEU A 71 -4.35 -5.39 -1.34
N VAL A 72 -5.08 -4.31 -1.33
CA VAL A 72 -6.28 -4.22 -0.46
C VAL A 72 -7.51 -4.68 -1.23
N TYR A 73 -7.71 -4.15 -2.41
CA TYR A 73 -8.89 -4.54 -3.22
C TYR A 73 -8.82 -6.02 -3.59
N CYS A 74 -7.66 -6.50 -3.96
CA CYS A 74 -7.54 -7.93 -4.32
C CYS A 74 -7.46 -8.78 -3.05
N ALA A 75 -7.31 -8.14 -1.92
CA ALA A 75 -7.22 -8.91 -0.65
C ALA A 75 -8.61 -9.02 -0.04
N LEU A 76 -9.42 -8.03 -0.26
CA LEU A 76 -10.79 -8.00 0.28
C LEU A 76 -11.78 -8.63 -0.71
N GLU A 77 -11.44 -8.65 -1.97
CA GLU A 77 -12.35 -9.27 -2.97
C GLU A 77 -12.40 -10.78 -2.79
N LYS A 78 -11.27 -11.42 -2.87
CA LYS A 78 -11.24 -12.90 -2.68
C LYS A 78 -9.80 -13.43 -2.77
N GLU A 79 -8.91 -12.93 -1.93
CA GLU A 79 -7.50 -13.42 -1.98
C GLU A 79 -6.74 -12.98 -0.72
N PRO A 80 -5.94 -13.87 -0.22
CA PRO A 80 -5.13 -13.59 0.99
C PRO A 80 -3.90 -12.75 0.63
N VAL A 81 -3.22 -12.23 1.62
CA VAL A 81 -2.02 -11.40 1.33
C VAL A 81 -0.77 -12.01 2.01
N PRO A 82 0.24 -12.25 1.22
CA PRO A 82 1.49 -12.83 1.74
C PRO A 82 2.39 -11.72 2.30
N MET A 83 3.23 -12.03 3.24
CA MET A 83 4.12 -10.99 3.81
C MET A 83 5.40 -10.90 3.00
N SER A 84 5.40 -11.42 1.81
CA SER A 84 6.65 -11.37 1.02
C SER A 84 6.51 -10.48 -0.20
N LEU A 85 7.00 -9.29 -0.11
CA LEU A 85 6.93 -8.36 -1.27
C LEU A 85 7.62 -8.99 -2.47
N PRO A 86 6.83 -9.42 -3.42
CA PRO A 86 7.37 -10.06 -4.65
C PRO A 86 8.12 -9.02 -5.49
N PRO A 87 8.94 -9.52 -6.37
CA PRO A 87 9.75 -8.62 -7.25
C PRO A 87 8.87 -7.96 -8.31
N ALA A 88 7.69 -8.49 -8.54
CA ALA A 88 6.79 -7.87 -9.54
C ALA A 88 5.90 -6.84 -8.84
N LEU A 89 6.37 -6.31 -7.76
CA LEU A 89 5.55 -5.32 -6.99
C LEU A 89 6.36 -4.05 -6.71
N VAL A 90 7.64 -4.19 -6.55
CA VAL A 90 8.49 -2.99 -6.25
C VAL A 90 8.80 -2.22 -7.53
N PRO A 91 8.83 -0.93 -7.40
CA PRO A 91 9.15 -0.05 -8.55
C PRO A 91 10.61 -0.24 -8.94
N PRO A 92 10.97 0.30 -10.07
CA PRO A 92 12.37 0.18 -10.55
C PRO A 92 13.30 1.04 -9.70
N SER A 93 13.30 0.82 -8.42
CA SER A 93 14.19 1.58 -7.52
C SER A 93 14.66 0.66 -6.42
N LYS A 94 13.76 -0.06 -5.83
CA LYS A 94 14.15 -1.02 -4.78
C LYS A 94 14.44 -2.37 -5.45
N ARG A 95 14.45 -2.41 -6.76
CA ARG A 95 14.72 -3.70 -7.44
C ARG A 95 16.15 -4.16 -7.13
N SER B 6 7.85 -1.43 15.54
CA SER B 6 6.83 -0.36 15.79
C SER B 6 6.65 0.49 14.54
N THR B 7 5.68 0.18 13.72
CA THR B 7 5.45 0.99 12.49
C THR B 7 4.08 0.67 11.89
N ASN B 8 3.84 -0.58 11.56
CA ASN B 8 2.53 -0.96 10.98
C ASN B 8 1.39 -0.44 11.85
N PRO B 9 0.73 0.58 11.36
CA PRO B 9 -0.40 1.21 12.11
C PRO B 9 -1.65 0.31 12.13
N PHE B 10 -1.57 -0.89 11.63
CA PHE B 10 -2.76 -1.79 11.65
C PHE B 10 -2.61 -2.79 12.78
N ARG B 11 -1.61 -3.62 12.72
CA ARG B 11 -1.42 -4.63 13.80
C ARG B 11 -1.04 -3.93 15.11
CA CA C . 7.37 3.96 2.89
N PRO A 1 8.99 -7.43 -14.17
CA PRO A 1 8.43 -6.06 -14.13
C PRO A 1 7.78 -5.78 -12.78
N TRP A 2 7.04 -4.71 -12.68
CA TRP A 2 6.38 -4.37 -11.39
C TRP A 2 5.00 -5.02 -11.30
N ALA A 3 4.79 -5.85 -10.31
CA ALA A 3 3.47 -6.52 -10.15
C ALA A 3 2.34 -5.53 -10.42
N VAL A 4 2.58 -4.27 -10.18
CA VAL A 4 1.53 -3.24 -10.42
C VAL A 4 1.74 -2.58 -11.79
N LYS A 5 0.69 -2.11 -12.40
CA LYS A 5 0.83 -1.46 -13.73
C LYS A 5 0.68 0.06 -13.59
N PRO A 6 0.94 0.76 -14.66
CA PRO A 6 0.82 2.23 -14.64
C PRO A 6 -0.66 2.62 -14.49
N GLU A 7 -1.53 1.85 -15.09
CA GLU A 7 -2.98 2.15 -14.98
C GLU A 7 -3.43 1.85 -13.54
N ASP A 8 -2.81 0.89 -12.90
CA ASP A 8 -3.18 0.57 -11.49
C ASP A 8 -2.49 1.57 -10.57
N LYS A 9 -1.32 1.99 -10.93
CA LYS A 9 -0.58 2.97 -10.09
C LYS A 9 -1.22 4.35 -10.29
N ALA A 10 -2.00 4.49 -11.32
CA ALA A 10 -2.68 5.79 -11.58
C ALA A 10 -3.87 5.93 -10.63
N LYS A 11 -4.57 4.85 -10.40
CA LYS A 11 -5.72 4.91 -9.47
C LYS A 11 -5.17 4.88 -8.04
N TYR A 12 -4.01 4.32 -7.87
CA TYR A 12 -3.38 4.29 -6.52
C TYR A 12 -2.85 5.69 -6.21
N ASP A 13 -2.33 6.35 -7.20
CA ASP A 13 -1.80 7.73 -6.98
C ASP A 13 -2.95 8.69 -6.70
N ALA A 14 -4.16 8.31 -7.05
CA ALA A 14 -5.33 9.18 -6.78
C ALA A 14 -5.77 8.95 -5.34
N ILE A 15 -5.73 7.73 -4.90
CA ILE A 15 -6.11 7.43 -3.51
C ILE A 15 -4.97 7.88 -2.61
N PHE A 16 -3.76 7.75 -3.11
CA PHE A 16 -2.58 8.20 -2.32
C PHE A 16 -2.60 9.72 -2.21
N ASP A 17 -2.94 10.39 -3.27
CA ASP A 17 -2.99 11.88 -3.24
C ASP A 17 -4.36 12.34 -2.71
N SER A 18 -5.23 11.42 -2.38
CA SER A 18 -6.56 11.81 -1.84
C SER A 18 -6.45 11.99 -0.32
N LEU A 19 -5.33 11.60 0.23
CA LEU A 19 -5.12 11.75 1.70
C LEU A 19 -4.24 12.97 1.96
N SER A 20 -3.68 13.50 0.90
CA SER A 20 -2.76 14.69 1.00
C SER A 20 -1.35 14.20 1.30
N PRO A 21 -0.60 14.04 0.24
CA PRO A 21 0.79 13.55 0.37
C PRO A 21 1.71 14.64 0.91
N VAL A 22 2.74 14.26 1.58
CA VAL A 22 3.70 15.25 2.13
C VAL A 22 5.09 14.97 1.55
N ASN A 23 5.47 15.69 0.53
CA ASN A 23 6.79 15.45 -0.10
C ASN A 23 6.76 14.10 -0.83
N GLY A 24 5.59 13.63 -1.17
CA GLY A 24 5.48 12.33 -1.87
C GLY A 24 5.41 11.19 -0.86
N PHE A 25 4.73 11.40 0.24
CA PHE A 25 4.63 10.33 1.27
C PHE A 25 3.30 10.39 2.00
N LEU A 26 2.73 9.24 2.27
CA LEU A 26 1.47 9.20 3.05
C LEU A 26 1.77 8.63 4.41
N SER A 27 1.22 9.18 5.43
CA SER A 27 1.51 8.64 6.78
C SER A 27 0.59 7.46 7.08
N GLY A 28 1.10 6.45 7.73
CA GLY A 28 0.23 5.28 8.07
C GLY A 28 -1.10 5.81 8.57
N ASP A 29 -1.11 7.00 9.12
CA ASP A 29 -2.36 7.60 9.64
C ASP A 29 -3.30 7.97 8.48
N LYS A 30 -2.76 8.20 7.30
CA LYS A 30 -3.64 8.53 6.15
C LYS A 30 -3.98 7.23 5.45
N VAL A 31 -3.06 6.31 5.42
CA VAL A 31 -3.30 5.00 4.78
C VAL A 31 -4.11 4.10 5.70
N LYS A 32 -3.70 3.99 6.94
CA LYS A 32 -4.42 3.12 7.91
C LYS A 32 -5.93 3.21 7.69
N PRO A 33 -6.45 4.42 7.74
CA PRO A 33 -7.91 4.63 7.53
C PRO A 33 -8.28 4.27 6.11
N VAL A 34 -7.38 4.43 5.19
CA VAL A 34 -7.67 4.09 3.77
C VAL A 34 -7.77 2.57 3.64
N LEU A 35 -7.02 1.86 4.43
CA LEU A 35 -7.06 0.38 4.35
C LEU A 35 -8.20 -0.15 5.21
N LEU A 36 -8.54 0.57 6.25
CA LEU A 36 -9.66 0.12 7.11
C LEU A 36 -10.96 0.27 6.33
N ASN A 37 -10.91 0.92 5.21
CA ASN A 37 -12.13 1.11 4.41
C ASN A 37 -12.30 -0.04 3.41
N SER A 38 -11.33 -0.92 3.34
CA SER A 38 -11.43 -2.05 2.40
C SER A 38 -12.27 -3.18 3.01
N LYS A 39 -12.99 -2.89 4.06
CA LYS A 39 -13.82 -3.96 4.70
C LYS A 39 -12.93 -5.15 5.08
N LEU A 40 -11.65 -4.95 5.09
CA LEU A 40 -10.71 -6.05 5.46
C LEU A 40 -10.26 -5.87 6.91
N PRO A 41 -9.85 -6.95 7.50
CA PRO A 41 -9.38 -6.90 8.90
C PRO A 41 -7.99 -6.26 8.93
N VAL A 42 -7.58 -5.78 10.07
CA VAL A 42 -6.24 -5.14 10.17
C VAL A 42 -5.17 -6.17 9.86
N ASP A 43 -5.53 -7.42 9.81
CA ASP A 43 -4.53 -8.46 9.49
C ASP A 43 -4.12 -8.31 8.04
N ILE A 44 -5.01 -7.85 7.21
CA ILE A 44 -4.67 -7.66 5.79
C ILE A 44 -3.95 -6.33 5.63
N LEU A 45 -4.44 -5.33 6.29
CA LEU A 45 -3.81 -4.00 6.22
C LEU A 45 -2.50 -4.02 6.98
N GLY A 46 -2.42 -4.84 8.00
CA GLY A 46 -1.16 -4.93 8.78
C GLY A 46 -0.11 -5.56 7.88
N ARG A 47 -0.56 -6.33 6.93
CA ARG A 47 0.37 -7.00 5.99
C ARG A 47 0.41 -6.25 4.65
N VAL A 48 -0.69 -5.68 4.23
CA VAL A 48 -0.68 -4.95 2.94
C VAL A 48 0.23 -3.74 3.05
N TRP A 49 0.22 -3.08 4.18
CA TRP A 49 1.10 -1.89 4.36
C TRP A 49 2.57 -2.32 4.41
N GLU A 50 2.90 -3.28 5.23
CA GLU A 50 4.33 -3.70 5.34
C GLU A 50 4.89 -3.98 3.95
N LEU A 51 4.23 -4.80 3.18
CA LEU A 51 4.74 -5.06 1.80
C LEU A 51 4.67 -3.76 0.99
N SER A 52 4.00 -2.77 1.53
CA SER A 52 3.91 -1.46 0.82
C SER A 52 5.01 -0.53 1.31
N ASP A 53 5.20 -0.46 2.60
CA ASP A 53 6.27 0.42 3.17
C ASP A 53 7.64 -0.01 2.63
N ILE A 54 7.96 0.37 1.43
CA ILE A 54 9.28 -0.01 0.86
C ILE A 54 10.42 0.43 1.79
N ASP A 55 10.19 1.46 2.55
CA ASP A 55 11.26 1.94 3.49
C ASP A 55 10.87 1.61 4.94
N HIS A 56 9.64 1.25 5.16
CA HIS A 56 9.22 0.91 6.55
C HIS A 56 9.45 2.12 7.48
N ASP A 57 9.05 3.28 7.06
CA ASP A 57 9.23 4.48 7.92
C ASP A 57 7.89 4.97 8.44
N GLY A 58 6.88 4.15 8.37
CA GLY A 58 5.54 4.56 8.87
C GLY A 58 4.88 5.48 7.83
N MET A 59 5.19 5.30 6.58
CA MET A 59 4.58 6.17 5.53
C MET A 59 4.43 5.41 4.22
N LEU A 60 3.61 5.89 3.34
CA LEU A 60 3.41 5.21 2.03
C LEU A 60 3.60 6.18 0.87
N ASP A 61 4.68 6.09 0.16
CA ASP A 61 4.90 7.02 -0.99
C ASP A 61 3.92 6.66 -2.11
N ARG A 62 3.72 7.56 -3.02
CA ARG A 62 2.79 7.27 -4.15
C ARG A 62 3.07 5.87 -4.71
N ASP A 63 4.31 5.51 -4.84
CA ASP A 63 4.65 4.16 -5.39
C ASP A 63 4.42 3.09 -4.32
N GLU A 64 4.80 3.39 -3.12
CA GLU A 64 4.60 2.41 -2.02
C GLU A 64 3.10 2.23 -1.77
N PHE A 65 2.38 3.31 -1.81
CA PHE A 65 0.90 3.23 -1.60
C PHE A 65 0.29 2.41 -2.74
N ALA A 66 1.00 2.31 -3.83
CA ALA A 66 0.49 1.52 -4.98
C ALA A 66 0.56 0.02 -4.66
N VAL A 67 1.64 -0.39 -4.07
CA VAL A 67 1.79 -1.83 -3.72
C VAL A 67 0.69 -2.23 -2.71
N ALA A 68 0.25 -1.29 -1.94
CA ALA A 68 -0.80 -1.60 -0.92
C ALA A 68 -2.21 -1.39 -1.51
N MET A 69 -2.31 -0.96 -2.74
CA MET A 69 -3.66 -0.76 -3.33
C MET A 69 -4.12 -2.06 -3.99
N PHE A 70 -3.26 -2.68 -4.75
CA PHE A 70 -3.65 -3.98 -5.37
C PHE A 70 -3.59 -5.05 -4.30
N LEU A 71 -2.88 -4.79 -3.23
CA LEU A 71 -2.81 -5.77 -2.12
C LEU A 71 -4.10 -5.71 -1.32
N VAL A 72 -4.78 -4.60 -1.38
CA VAL A 72 -6.07 -4.45 -0.64
C VAL A 72 -7.23 -4.87 -1.55
N TYR A 73 -7.23 -4.40 -2.76
CA TYR A 73 -8.33 -4.75 -3.70
C TYR A 73 -8.39 -6.25 -3.98
N CYS A 74 -7.27 -6.92 -3.92
CA CYS A 74 -7.27 -8.38 -4.18
C CYS A 74 -7.71 -9.15 -2.94
N ALA A 75 -7.76 -8.49 -1.80
CA ALA A 75 -8.17 -9.19 -0.56
C ALA A 75 -9.70 -9.24 -0.50
N LEU A 76 -10.35 -8.38 -1.24
CA LEU A 76 -11.83 -8.37 -1.23
C LEU A 76 -12.39 -9.28 -2.31
N GLU A 77 -11.79 -9.23 -3.47
CA GLU A 77 -12.28 -10.05 -4.59
C GLU A 77 -12.01 -11.53 -4.32
N LYS A 78 -10.78 -11.88 -4.14
CA LYS A 78 -10.45 -13.31 -3.86
C LYS A 78 -8.94 -13.53 -3.76
N GLU A 79 -8.23 -12.73 -3.03
CA GLU A 79 -6.76 -12.93 -2.94
C GLU A 79 -6.23 -12.44 -1.59
N PRO A 80 -5.82 -13.37 -0.77
CA PRO A 80 -5.27 -13.02 0.56
C PRO A 80 -3.93 -12.30 0.39
N VAL A 81 -3.47 -11.65 1.42
CA VAL A 81 -2.17 -10.93 1.31
C VAL A 81 -1.09 -11.61 2.15
N PRO A 82 -0.05 -12.05 1.48
CA PRO A 82 1.06 -12.70 2.19
C PRO A 82 2.00 -11.63 2.75
N MET A 83 3.00 -12.00 3.49
CA MET A 83 3.93 -10.97 4.04
C MET A 83 5.18 -10.89 3.19
N SER A 84 5.17 -11.47 2.03
CA SER A 84 6.39 -11.43 1.21
C SER A 84 6.30 -10.37 0.13
N LEU A 85 7.12 -9.37 0.22
CA LEU A 85 7.12 -8.32 -0.81
C LEU A 85 8.29 -8.61 -1.76
N PRO A 86 8.02 -9.41 -2.76
CA PRO A 86 9.07 -9.82 -3.73
C PRO A 86 9.60 -8.61 -4.51
N PRO A 87 10.60 -8.87 -5.30
CA PRO A 87 11.24 -7.80 -6.12
C PRO A 87 10.33 -7.39 -7.27
N ALA A 88 9.32 -8.17 -7.56
CA ALA A 88 8.40 -7.79 -8.66
C ALA A 88 7.49 -6.66 -8.19
N LEU A 89 7.52 -6.37 -6.91
CA LEU A 89 6.67 -5.28 -6.37
C LEU A 89 7.48 -4.00 -6.20
N VAL A 90 8.78 -4.13 -6.08
CA VAL A 90 9.63 -2.91 -5.90
C VAL A 90 9.63 -2.06 -7.17
N PRO A 91 9.30 -0.81 -7.01
CA PRO A 91 9.27 0.12 -8.17
C PRO A 91 10.69 0.44 -8.64
N PRO A 92 10.78 1.08 -9.76
CA PRO A 92 12.09 1.46 -10.33
C PRO A 92 12.71 2.60 -9.53
N SER A 93 11.90 3.34 -8.82
CA SER A 93 12.45 4.46 -8.01
C SER A 93 13.12 3.90 -6.76
N LYS A 94 12.90 2.65 -6.47
CA LYS A 94 13.55 2.04 -5.28
C LYS A 94 14.91 1.46 -5.69
N ARG A 95 15.22 1.50 -6.96
CA ARG A 95 16.53 0.96 -7.43
C ARG A 95 17.58 2.08 -7.40
N SER B 6 5.76 4.27 15.57
CA SER B 6 6.29 4.39 14.18
C SER B 6 6.42 2.99 13.55
N THR B 7 5.31 2.35 13.30
CA THR B 7 5.37 0.98 12.68
C THR B 7 4.00 0.63 12.08
N ASN B 8 3.84 -0.57 11.62
CA ASN B 8 2.54 -0.97 11.02
C ASN B 8 1.38 -0.45 11.88
N PRO B 9 0.72 0.55 11.38
CA PRO B 9 -0.42 1.18 12.11
C PRO B 9 -1.64 0.25 12.17
N PHE B 10 -1.54 -0.94 11.66
CA PHE B 10 -2.71 -1.88 11.73
C PHE B 10 -2.46 -2.92 12.83
N ARG B 11 -1.36 -3.61 12.75
CA ARG B 11 -1.06 -4.64 13.79
C ARG B 11 -1.06 -4.01 15.18
CA CA C . 7.27 4.44 2.81
N PRO A 1 8.13 -6.77 -14.60
CA PRO A 1 7.46 -5.45 -14.45
C PRO A 1 6.82 -5.32 -13.08
N TRP A 2 6.17 -4.21 -12.83
CA TRP A 2 5.51 -4.02 -11.51
C TRP A 2 4.09 -4.57 -11.54
N ALA A 3 3.74 -5.39 -10.58
CA ALA A 3 2.38 -5.99 -10.57
C ALA A 3 1.32 -4.89 -10.76
N VAL A 4 1.62 -3.69 -10.38
CA VAL A 4 0.61 -2.60 -10.52
C VAL A 4 0.70 -1.96 -11.91
N LYS A 5 -0.41 -1.53 -12.43
CA LYS A 5 -0.42 -0.89 -13.78
C LYS A 5 -0.44 0.63 -13.64
N PRO A 6 -0.25 1.31 -14.73
CA PRO A 6 -0.26 2.79 -14.71
C PRO A 6 -1.66 3.29 -14.39
N GLU A 7 -2.66 2.59 -14.84
CA GLU A 7 -4.07 3.00 -14.53
C GLU A 7 -4.37 2.74 -13.06
N ASP A 8 -3.69 1.80 -12.47
CA ASP A 8 -3.93 1.50 -11.03
C ASP A 8 -3.19 2.55 -10.20
N LYS A 9 -1.99 2.87 -10.60
CA LYS A 9 -1.22 3.90 -9.85
C LYS A 9 -1.92 5.25 -10.00
N ALA A 10 -2.81 5.34 -10.95
CA ALA A 10 -3.55 6.61 -11.16
C ALA A 10 -4.62 6.73 -10.07
N LYS A 11 -5.22 5.62 -9.73
CA LYS A 11 -6.25 5.64 -8.66
C LYS A 11 -5.51 5.59 -7.34
N TYR A 12 -4.47 4.80 -7.29
CA TYR A 12 -3.65 4.72 -6.07
C TYR A 12 -3.05 6.08 -5.83
N ASP A 13 -2.92 6.85 -6.89
CA ASP A 13 -2.35 8.22 -6.77
C ASP A 13 -3.45 9.20 -6.37
N ALA A 14 -4.68 8.89 -6.69
CA ALA A 14 -5.78 9.81 -6.30
C ALA A 14 -6.12 9.56 -4.83
N ILE A 15 -5.96 8.34 -4.41
CA ILE A 15 -6.22 8.01 -2.99
C ILE A 15 -5.01 8.44 -2.17
N PHE A 16 -3.85 8.34 -2.75
CA PHE A 16 -2.62 8.77 -2.04
C PHE A 16 -2.62 10.30 -1.95
N ASP A 17 -3.05 10.95 -2.99
CA ASP A 17 -3.09 12.44 -2.99
C ASP A 17 -4.42 12.92 -2.41
N SER A 18 -5.26 12.02 -1.99
CA SER A 18 -6.57 12.43 -1.41
C SER A 18 -6.40 12.61 0.10
N LEU A 19 -5.25 12.25 0.61
CA LEU A 19 -4.98 12.38 2.07
C LEU A 19 -4.01 13.53 2.31
N SER A 20 -3.39 14.01 1.24
CA SER A 20 -2.39 15.12 1.33
C SER A 20 -1.03 14.54 1.64
N PRO A 21 -0.30 14.26 0.58
CA PRO A 21 1.05 13.67 0.70
C PRO A 21 2.06 14.69 1.19
N VAL A 22 3.08 14.24 1.86
CA VAL A 22 4.12 15.17 2.37
C VAL A 22 5.45 14.83 1.70
N ASN A 23 5.98 15.73 0.92
CA ASN A 23 7.26 15.42 0.22
C ASN A 23 7.08 14.15 -0.62
N GLY A 24 5.85 13.79 -0.87
CA GLY A 24 5.58 12.56 -1.67
C GLY A 24 5.43 11.36 -0.74
N PHE A 25 4.81 11.55 0.40
CA PHE A 25 4.67 10.41 1.36
C PHE A 25 3.40 10.52 2.21
N LEU A 26 2.72 9.42 2.38
CA LEU A 26 1.49 9.42 3.24
C LEU A 26 1.84 8.76 4.57
N SER A 27 1.27 9.21 5.63
CA SER A 27 1.58 8.57 6.93
C SER A 27 0.54 7.53 7.27
N GLY A 28 0.95 6.48 7.92
CA GLY A 28 -0.02 5.40 8.29
C GLY A 28 -1.32 6.05 8.78
N ASP A 29 -1.24 7.24 9.31
CA ASP A 29 -2.45 7.93 9.80
C ASP A 29 -3.40 8.22 8.62
N LYS A 30 -2.88 8.35 7.44
CA LYS A 30 -3.75 8.61 6.27
C LYS A 30 -4.05 7.29 5.57
N VAL A 31 -3.11 6.38 5.62
CA VAL A 31 -3.32 5.06 4.97
C VAL A 31 -4.19 4.15 5.85
N LYS A 32 -3.92 4.12 7.13
CA LYS A 32 -4.71 3.24 8.02
C LYS A 32 -6.22 3.33 7.68
N PRO A 33 -6.73 4.53 7.60
CA PRO A 33 -8.17 4.71 7.26
C PRO A 33 -8.40 4.27 5.82
N VAL A 34 -7.42 4.44 4.98
CA VAL A 34 -7.56 4.03 3.56
C VAL A 34 -7.63 2.50 3.50
N LEU A 35 -6.99 1.83 4.42
CA LEU A 35 -6.99 0.35 4.42
C LEU A 35 -8.13 -0.19 5.27
N LEU A 36 -8.49 0.50 6.31
CA LEU A 36 -9.61 0.00 7.15
C LEU A 36 -10.92 0.14 6.37
N ASN A 37 -10.89 0.89 5.31
CA ASN A 37 -12.12 1.09 4.52
C ASN A 37 -12.26 0.02 3.44
N SER A 38 -11.28 -0.84 3.31
CA SER A 38 -11.35 -1.91 2.28
C SER A 38 -12.14 -3.11 2.79
N LYS A 39 -12.89 -2.93 3.84
CA LYS A 39 -13.69 -4.07 4.40
C LYS A 39 -12.73 -5.17 4.87
N LEU A 40 -11.46 -4.86 4.94
CA LEU A 40 -10.46 -5.88 5.39
C LEU A 40 -10.08 -5.66 6.84
N PRO A 41 -9.69 -6.73 7.47
CA PRO A 41 -9.27 -6.65 8.88
C PRO A 41 -7.87 -6.05 8.97
N VAL A 42 -7.38 -5.79 10.15
CA VAL A 42 -6.02 -5.21 10.28
C VAL A 42 -4.98 -6.27 9.96
N ASP A 43 -5.40 -7.49 9.72
CA ASP A 43 -4.44 -8.56 9.39
C ASP A 43 -4.02 -8.41 7.94
N ILE A 44 -4.90 -7.88 7.13
CA ILE A 44 -4.56 -7.68 5.70
C ILE A 44 -3.86 -6.33 5.57
N LEU A 45 -4.34 -5.36 6.29
CA LEU A 45 -3.70 -4.01 6.24
C LEU A 45 -2.40 -4.06 7.02
N GLY A 46 -2.34 -4.92 8.01
CA GLY A 46 -1.09 -5.03 8.80
C GLY A 46 -0.02 -5.62 7.89
N ARG A 47 -0.46 -6.35 6.91
CA ARG A 47 0.49 -6.95 5.94
C ARG A 47 0.50 -6.13 4.66
N VAL A 48 -0.62 -5.59 4.26
CA VAL A 48 -0.61 -4.79 3.00
C VAL A 48 0.26 -3.56 3.20
N TRP A 49 0.21 -2.95 4.36
CA TRP A 49 1.07 -1.76 4.58
C TRP A 49 2.54 -2.20 4.57
N GLU A 50 2.89 -3.19 5.36
CA GLU A 50 4.31 -3.64 5.38
C GLU A 50 4.76 -4.01 3.96
N LEU A 51 4.09 -4.94 3.36
CA LEU A 51 4.48 -5.33 1.97
C LEU A 51 4.43 -4.09 1.08
N SER A 52 3.75 -3.07 1.52
CA SER A 52 3.67 -1.81 0.72
C SER A 52 4.78 -0.85 1.17
N ASP A 53 5.10 -0.86 2.43
CA ASP A 53 6.17 0.04 2.95
C ASP A 53 7.53 -0.36 2.36
N ILE A 54 7.93 0.28 1.30
CA ILE A 54 9.24 -0.06 0.68
C ILE A 54 10.39 0.33 1.60
N ASP A 55 10.23 1.37 2.38
CA ASP A 55 11.33 1.80 3.30
C ASP A 55 10.93 1.59 4.76
N HIS A 56 9.67 1.35 5.02
CA HIS A 56 9.22 1.13 6.43
C HIS A 56 9.48 2.38 7.27
N ASP A 57 9.16 3.53 6.75
CA ASP A 57 9.36 4.78 7.53
C ASP A 57 8.06 5.17 8.23
N GLY A 58 7.06 4.34 8.15
CA GLY A 58 5.75 4.66 8.79
C GLY A 58 4.92 5.52 7.85
N MET A 59 5.20 5.45 6.56
CA MET A 59 4.43 6.28 5.57
C MET A 59 4.34 5.52 4.24
N LEU A 60 3.40 5.90 3.39
CA LEU A 60 3.29 5.23 2.06
C LEU A 60 3.43 6.26 0.94
N ASP A 61 4.54 6.28 0.25
CA ASP A 61 4.72 7.28 -0.85
C ASP A 61 3.83 6.90 -2.04
N ARG A 62 3.56 7.85 -2.91
CA ARG A 62 2.70 7.56 -4.09
C ARG A 62 3.03 6.17 -4.66
N ASP A 63 4.28 5.81 -4.68
CA ASP A 63 4.66 4.46 -5.21
C ASP A 63 4.46 3.41 -4.13
N GLU A 64 4.60 3.81 -2.90
CA GLU A 64 4.40 2.85 -1.77
C GLU A 64 2.91 2.63 -1.57
N PHE A 65 2.17 3.69 -1.54
CA PHE A 65 0.70 3.60 -1.38
C PHE A 65 0.11 2.83 -2.55
N ALA A 66 0.87 2.69 -3.61
CA ALA A 66 0.36 1.95 -4.79
C ALA A 66 0.42 0.44 -4.52
N VAL A 67 1.55 -0.03 -4.09
CA VAL A 67 1.68 -1.48 -3.80
C VAL A 67 0.63 -1.90 -2.77
N ALA A 68 0.24 -0.99 -1.91
CA ALA A 68 -0.76 -1.32 -0.87
C ALA A 68 -2.19 -1.05 -1.36
N MET A 69 -2.34 -0.51 -2.54
CA MET A 69 -3.71 -0.22 -3.07
C MET A 69 -4.28 -1.47 -3.72
N PHE A 70 -3.51 -2.11 -4.56
CA PHE A 70 -4.02 -3.35 -5.21
C PHE A 70 -3.98 -4.46 -4.17
N LEU A 71 -3.07 -4.37 -3.23
CA LEU A 71 -3.00 -5.38 -2.15
C LEU A 71 -4.25 -5.26 -1.29
N VAL A 72 -4.87 -4.11 -1.31
CA VAL A 72 -6.10 -3.91 -0.51
C VAL A 72 -7.33 -4.25 -1.37
N TYR A 73 -7.35 -3.79 -2.59
CA TYR A 73 -8.51 -4.08 -3.47
C TYR A 73 -8.53 -5.55 -3.88
N CYS A 74 -7.41 -6.20 -3.88
CA CYS A 74 -7.40 -7.63 -4.27
C CYS A 74 -7.80 -8.48 -3.06
N ALA A 75 -7.64 -7.94 -1.88
CA ALA A 75 -8.03 -8.71 -0.67
C ALA A 75 -9.56 -8.67 -0.53
N LEU A 76 -10.19 -7.82 -1.30
CA LEU A 76 -11.67 -7.70 -1.25
C LEU A 76 -12.32 -8.65 -2.25
N GLU A 77 -11.84 -8.65 -3.46
CA GLU A 77 -12.45 -9.54 -4.50
C GLU A 77 -11.40 -10.41 -5.21
N LYS A 78 -10.14 -10.21 -4.94
CA LYS A 78 -9.12 -11.05 -5.64
C LYS A 78 -8.60 -12.18 -4.73
N GLU A 79 -7.55 -11.95 -4.00
CA GLU A 79 -7.01 -13.03 -3.11
C GLU A 79 -6.56 -12.43 -1.78
N PRO A 80 -6.15 -13.30 -0.88
CA PRO A 80 -5.69 -12.85 0.46
C PRO A 80 -4.35 -12.11 0.34
N VAL A 81 -3.66 -11.96 1.43
CA VAL A 81 -2.35 -11.24 1.37
C VAL A 81 -1.34 -11.89 2.32
N PRO A 82 -0.16 -12.13 1.82
CA PRO A 82 0.91 -12.72 2.62
C PRO A 82 1.72 -11.62 3.29
N MET A 83 2.87 -11.93 3.78
CA MET A 83 3.72 -10.89 4.44
C MET A 83 5.02 -10.71 3.69
N SER A 84 5.23 -11.45 2.65
CA SER A 84 6.50 -11.30 1.90
C SER A 84 6.27 -10.58 0.60
N LEU A 85 6.55 -9.32 0.58
CA LEU A 85 6.35 -8.54 -0.66
C LEU A 85 7.29 -9.12 -1.74
N PRO A 86 6.68 -9.78 -2.69
CA PRO A 86 7.45 -10.43 -3.80
C PRO A 86 8.18 -9.39 -4.67
N PRO A 87 9.06 -9.90 -5.48
CA PRO A 87 9.87 -9.02 -6.37
C PRO A 87 9.01 -8.41 -7.49
N ALA A 88 7.84 -8.93 -7.71
CA ALA A 88 6.98 -8.36 -8.78
C ALA A 88 6.15 -7.21 -8.20
N LEU A 89 6.38 -6.86 -6.97
CA LEU A 89 5.59 -5.77 -6.36
C LEU A 89 6.51 -4.65 -5.85
N VAL A 90 7.79 -4.78 -6.05
CA VAL A 90 8.72 -3.72 -5.57
C VAL A 90 9.60 -3.20 -6.71
N PRO A 91 9.73 -1.90 -6.76
CA PRO A 91 10.56 -1.26 -7.81
C PRO A 91 12.04 -1.56 -7.56
N PRO A 92 12.85 -1.25 -8.54
CA PRO A 92 14.31 -1.50 -8.42
C PRO A 92 14.95 -0.52 -7.42
N SER A 93 14.20 0.41 -6.93
CA SER A 93 14.78 1.38 -5.95
C SER A 93 14.76 0.77 -4.54
N LYS A 94 14.25 -0.42 -4.42
CA LYS A 94 14.20 -1.08 -3.09
C LYS A 94 15.22 -2.21 -3.05
N ARG A 95 15.97 -2.40 -4.12
CA ARG A 95 16.97 -3.50 -4.15
C ARG A 95 18.22 -3.11 -4.92
N SER B 6 7.35 -3.57 15.51
CA SER B 6 7.00 -3.66 14.07
C SER B 6 6.42 -2.33 13.57
N THR B 7 6.90 -1.85 12.46
CA THR B 7 6.39 -0.55 11.93
C THR B 7 5.08 -0.78 11.17
N ASN B 8 3.98 -0.88 11.88
CA ASN B 8 2.68 -1.10 11.21
C ASN B 8 1.54 -0.56 12.08
N PRO B 9 0.89 0.47 11.60
CA PRO B 9 -0.21 1.10 12.36
C PRO B 9 -1.47 0.23 12.37
N PHE B 10 -1.41 -0.94 11.77
CA PHE B 10 -2.61 -1.84 11.78
C PHE B 10 -2.38 -2.92 12.83
N ARG B 11 -1.36 -3.70 12.67
CA ARG B 11 -1.06 -4.78 13.66
C ARG B 11 -0.23 -4.21 14.82
CA CA C . 7.54 4.54 3.50
N PRO A 1 5.50 -7.94 -15.37
CA PRO A 1 5.71 -6.47 -15.22
C PRO A 1 5.40 -6.05 -13.78
N TRP A 2 5.32 -4.77 -13.52
CA TRP A 2 5.01 -4.32 -12.14
C TRP A 2 3.69 -4.95 -11.69
N ALA A 3 3.69 -5.69 -10.62
CA ALA A 3 2.43 -6.32 -10.13
C ALA A 3 1.28 -5.32 -10.23
N VAL A 4 1.58 -4.05 -10.18
CA VAL A 4 0.50 -3.02 -10.26
C VAL A 4 0.36 -2.53 -11.71
N LYS A 5 -0.84 -2.20 -12.12
CA LYS A 5 -1.03 -1.70 -13.52
C LYS A 5 -1.05 -0.17 -13.53
N PRO A 6 -0.99 0.38 -14.71
CA PRO A 6 -1.01 1.85 -14.86
C PRO A 6 -2.39 2.38 -14.50
N GLU A 7 -3.42 1.62 -14.78
CA GLU A 7 -4.80 2.07 -14.43
C GLU A 7 -5.08 1.77 -12.96
N ASP A 8 -4.44 0.76 -12.42
CA ASP A 8 -4.67 0.42 -11.00
C ASP A 8 -3.84 1.38 -10.14
N LYS A 9 -2.73 1.83 -10.65
CA LYS A 9 -1.89 2.78 -9.88
C LYS A 9 -2.45 4.18 -10.05
N ALA A 10 -3.18 4.41 -11.10
CA ALA A 10 -3.77 5.75 -11.35
C ALA A 10 -4.83 6.03 -10.27
N LYS A 11 -5.59 5.03 -9.92
CA LYS A 11 -6.61 5.25 -8.87
C LYS A 11 -5.89 5.33 -7.52
N TYR A 12 -4.76 4.67 -7.41
CA TYR A 12 -3.98 4.72 -6.16
C TYR A 12 -3.49 6.15 -5.92
N ASP A 13 -3.14 6.82 -7.00
CA ASP A 13 -2.66 8.23 -6.86
C ASP A 13 -3.81 9.13 -6.43
N ALA A 14 -5.03 8.73 -6.67
CA ALA A 14 -6.18 9.56 -6.24
C ALA A 14 -6.45 9.30 -4.77
N ILE A 15 -6.31 8.07 -4.35
CA ILE A 15 -6.52 7.75 -2.93
C ILE A 15 -5.30 8.22 -2.16
N PHE A 16 -4.16 8.21 -2.80
CA PHE A 16 -2.92 8.69 -2.14
C PHE A 16 -3.00 10.21 -1.99
N ASP A 17 -3.50 10.87 -2.99
CA ASP A 17 -3.63 12.34 -2.94
C ASP A 17 -4.95 12.74 -2.27
N SER A 18 -5.71 11.77 -1.83
CA SER A 18 -7.00 12.08 -1.16
C SER A 18 -6.77 12.19 0.35
N LEU A 19 -5.58 11.88 0.78
CA LEU A 19 -5.25 11.97 2.22
C LEU A 19 -4.35 13.17 2.47
N SER A 20 -3.90 13.79 1.41
CA SER A 20 -2.99 14.98 1.52
C SER A 20 -1.56 14.51 1.72
N PRO A 21 -0.93 14.22 0.62
CA PRO A 21 0.47 13.73 0.62
C PRO A 21 1.44 14.87 0.93
N VAL A 22 2.53 14.53 1.53
CA VAL A 22 3.56 15.55 1.86
C VAL A 22 4.84 15.23 1.12
N ASN A 23 5.29 16.11 0.27
CA ASN A 23 6.53 15.81 -0.50
C ASN A 23 6.33 14.49 -1.25
N GLY A 24 5.09 14.08 -1.42
CA GLY A 24 4.80 12.82 -2.14
C GLY A 24 4.79 11.66 -1.14
N PHE A 25 4.37 11.88 0.08
CA PHE A 25 4.37 10.76 1.07
C PHE A 25 3.10 10.74 1.92
N LEU A 26 2.56 9.59 2.12
CA LEU A 26 1.34 9.47 2.99
C LEU A 26 1.75 8.81 4.30
N SER A 27 1.26 9.28 5.39
CA SER A 27 1.65 8.65 6.67
C SER A 27 0.75 7.46 6.98
N GLY A 28 1.28 6.44 7.57
CA GLY A 28 0.42 5.26 7.90
C GLY A 28 -0.87 5.76 8.53
N ASP A 29 -0.84 6.92 9.11
CA ASP A 29 -2.06 7.49 9.74
C ASP A 29 -3.07 7.91 8.66
N LYS A 30 -2.62 8.09 7.45
CA LYS A 30 -3.56 8.48 6.36
C LYS A 30 -3.92 7.21 5.61
N VAL A 31 -2.99 6.32 5.50
CA VAL A 31 -3.27 5.03 4.80
C VAL A 31 -4.06 4.10 5.72
N LYS A 32 -3.69 4.04 6.97
CA LYS A 32 -4.40 3.16 7.92
C LYS A 32 -5.91 3.22 7.69
N PRO A 33 -6.46 4.40 7.71
CA PRO A 33 -7.92 4.56 7.49
C PRO A 33 -8.27 4.21 6.04
N VAL A 34 -7.36 4.44 5.13
CA VAL A 34 -7.62 4.11 3.72
C VAL A 34 -7.74 2.59 3.56
N LEU A 35 -6.94 1.86 4.28
CA LEU A 35 -6.99 0.38 4.19
C LEU A 35 -8.11 -0.16 5.08
N LEU A 36 -8.47 0.59 6.07
CA LEU A 36 -9.57 0.13 6.96
C LEU A 36 -10.89 0.27 6.22
N ASN A 37 -10.87 0.94 5.10
CA ASN A 37 -12.13 1.12 4.31
C ASN A 37 -12.31 -0.04 3.33
N SER A 38 -11.32 -0.89 3.22
CA SER A 38 -11.43 -2.05 2.27
C SER A 38 -12.29 -3.16 2.88
N LYS A 39 -12.91 -2.89 4.01
CA LYS A 39 -13.75 -3.93 4.65
C LYS A 39 -12.86 -5.09 5.12
N LEU A 40 -11.57 -4.89 5.09
CA LEU A 40 -10.62 -5.95 5.53
C LEU A 40 -10.18 -5.69 6.97
N PRO A 41 -9.76 -6.73 7.61
CA PRO A 41 -9.29 -6.61 9.00
C PRO A 41 -7.88 -6.00 9.01
N VAL A 42 -7.36 -5.67 10.15
CA VAL A 42 -6.00 -5.09 10.20
C VAL A 42 -4.98 -6.18 9.88
N ASP A 43 -5.43 -7.40 9.73
CA ASP A 43 -4.49 -8.50 9.41
C ASP A 43 -4.10 -8.39 7.95
N ILE A 44 -4.98 -7.85 7.15
CA ILE A 44 -4.65 -7.68 5.71
C ILE A 44 -3.94 -6.34 5.53
N LEU A 45 -4.37 -5.36 6.26
CA LEU A 45 -3.73 -4.03 6.17
C LEU A 45 -2.44 -4.04 6.98
N GLY A 46 -2.39 -4.87 7.99
CA GLY A 46 -1.15 -4.95 8.80
C GLY A 46 -0.12 -5.66 7.96
N ARG A 47 -0.57 -6.45 7.04
CA ARG A 47 0.34 -7.19 6.14
C ARG A 47 0.41 -6.50 4.77
N VAL A 48 -0.67 -5.91 4.33
CA VAL A 48 -0.63 -5.23 3.01
C VAL A 48 0.22 -3.97 3.13
N TRP A 49 0.12 -3.30 4.24
CA TRP A 49 0.94 -2.08 4.41
C TRP A 49 2.42 -2.48 4.41
N GLU A 50 2.80 -3.45 5.19
CA GLU A 50 4.23 -3.85 5.23
C GLU A 50 4.73 -4.08 3.80
N LEU A 51 4.08 -4.93 3.06
CA LEU A 51 4.53 -5.16 1.65
C LEU A 51 4.42 -3.86 0.87
N SER A 52 3.72 -2.90 1.40
CA SER A 52 3.59 -1.58 0.72
C SER A 52 4.64 -0.61 1.26
N ASP A 53 4.86 -0.63 2.55
CA ASP A 53 5.86 0.28 3.17
C ASP A 53 7.29 -0.22 2.90
N ILE A 54 7.91 0.28 1.88
CA ILE A 54 9.30 -0.15 1.58
C ILE A 54 10.29 0.81 2.24
N ASP A 55 9.81 1.96 2.66
CA ASP A 55 10.72 2.93 3.34
C ASP A 55 10.69 2.66 4.85
N HIS A 56 9.85 1.76 5.29
CA HIS A 56 9.76 1.44 6.75
C HIS A 56 9.82 2.70 7.59
N ASP A 57 9.07 3.70 7.24
CA ASP A 57 9.06 4.96 8.03
C ASP A 57 7.62 5.34 8.36
N GLY A 58 6.74 4.38 8.42
CA GLY A 58 5.31 4.68 8.72
C GLY A 58 4.78 5.63 7.65
N MET A 59 5.13 5.38 6.40
CA MET A 59 4.65 6.30 5.33
C MET A 59 4.46 5.56 4.00
N LEU A 60 3.71 6.13 3.10
CA LEU A 60 3.48 5.50 1.78
C LEU A 60 3.57 6.56 0.67
N ASP A 61 4.63 6.56 -0.10
CA ASP A 61 4.75 7.58 -1.18
C ASP A 61 3.84 7.21 -2.37
N ARG A 62 3.56 8.18 -3.21
CA ARG A 62 2.68 7.92 -4.40
C ARG A 62 2.88 6.50 -4.96
N ASP A 63 4.10 6.08 -5.13
CA ASP A 63 4.35 4.72 -5.68
C ASP A 63 4.15 3.66 -4.58
N GLU A 64 4.55 3.98 -3.39
CA GLU A 64 4.39 3.00 -2.27
C GLU A 64 2.90 2.81 -1.96
N PHE A 65 2.17 3.89 -1.92
CA PHE A 65 0.71 3.80 -1.64
C PHE A 65 0.03 2.96 -2.72
N ALA A 66 0.65 2.85 -3.86
CA ALA A 66 0.05 2.04 -4.97
C ALA A 66 0.21 0.55 -4.67
N VAL A 67 1.33 0.19 -4.11
CA VAL A 67 1.58 -1.24 -3.78
C VAL A 67 0.61 -1.68 -2.68
N ALA A 68 0.16 -0.77 -1.87
CA ALA A 68 -0.77 -1.13 -0.78
C ALA A 68 -2.23 -1.03 -1.25
N MET A 69 -2.45 -0.51 -2.43
CA MET A 69 -3.85 -0.39 -2.93
C MET A 69 -4.28 -1.67 -3.64
N PHE A 70 -3.45 -2.17 -4.51
CA PHE A 70 -3.81 -3.42 -5.22
C PHE A 70 -3.62 -4.58 -4.26
N LEU A 71 -2.84 -4.37 -3.23
CA LEU A 71 -2.63 -5.45 -2.22
C LEU A 71 -3.90 -5.56 -1.38
N VAL A 72 -4.64 -4.48 -1.31
CA VAL A 72 -5.91 -4.48 -0.54
C VAL A 72 -7.05 -4.88 -1.48
N TYR A 73 -7.26 -4.10 -2.51
CA TYR A 73 -8.33 -4.40 -3.49
C TYR A 73 -8.33 -5.89 -3.87
N CYS A 74 -7.22 -6.56 -3.75
CA CYS A 74 -7.17 -8.00 -4.12
C CYS A 74 -7.68 -8.84 -2.96
N ALA A 75 -7.70 -8.30 -1.76
CA ALA A 75 -8.19 -9.08 -0.61
C ALA A 75 -9.71 -8.95 -0.50
N LEU A 76 -10.28 -8.04 -1.23
CA LEU A 76 -11.76 -7.88 -1.19
C LEU A 76 -12.38 -8.76 -2.26
N GLU A 77 -11.76 -8.82 -3.40
CA GLU A 77 -12.29 -9.67 -4.50
C GLU A 77 -12.13 -11.14 -4.13
N LYS A 78 -10.94 -11.55 -3.81
CA LYS A 78 -10.73 -12.98 -3.43
C LYS A 78 -9.25 -13.29 -3.13
N GLU A 79 -8.34 -12.51 -3.65
CA GLU A 79 -6.89 -12.79 -3.41
C GLU A 79 -6.42 -12.23 -2.06
N PRO A 80 -6.02 -13.11 -1.18
CA PRO A 80 -5.53 -12.69 0.16
C PRO A 80 -4.18 -11.98 0.02
N VAL A 81 -3.49 -11.75 1.11
CA VAL A 81 -2.18 -11.04 1.02
C VAL A 81 -1.12 -11.74 1.89
N PRO A 82 -0.03 -12.10 1.25
CA PRO A 82 1.08 -12.76 1.96
C PRO A 82 2.00 -11.69 2.58
N MET A 83 2.98 -12.08 3.34
CA MET A 83 3.89 -11.06 3.95
C MET A 83 5.14 -10.89 3.11
N SER A 84 5.16 -11.41 1.92
CA SER A 84 6.38 -11.28 1.10
C SER A 84 6.14 -10.33 -0.06
N LEU A 85 6.63 -9.14 0.05
CA LEU A 85 6.47 -8.17 -1.04
C LEU A 85 7.21 -8.72 -2.27
N PRO A 86 6.45 -9.14 -3.24
CA PRO A 86 7.01 -9.74 -4.47
C PRO A 86 7.87 -8.74 -5.25
N PRO A 87 8.91 -9.26 -5.85
CA PRO A 87 9.86 -8.44 -6.64
C PRO A 87 9.21 -7.97 -7.94
N ALA A 88 8.02 -8.40 -8.21
CA ALA A 88 7.32 -7.96 -9.45
C ALA A 88 6.45 -6.76 -9.13
N LEU A 89 6.23 -6.54 -7.86
CA LEU A 89 5.40 -5.39 -7.42
C LEU A 89 6.34 -4.25 -7.01
N VAL A 90 7.59 -4.55 -6.80
CA VAL A 90 8.56 -3.48 -6.39
C VAL A 90 8.99 -2.65 -7.62
N PRO A 91 9.13 -1.38 -7.40
CA PRO A 91 9.54 -0.46 -8.48
C PRO A 91 11.02 -0.67 -8.81
N PRO A 92 11.46 -0.03 -9.86
CA PRO A 92 12.87 -0.15 -10.30
C PRO A 92 13.80 0.62 -9.36
N SER A 93 13.25 1.25 -8.35
CA SER A 93 14.12 2.01 -7.41
C SER A 93 14.55 1.11 -6.26
N LYS A 94 13.74 0.14 -5.92
CA LYS A 94 14.12 -0.78 -4.82
C LYS A 94 14.90 -1.97 -5.40
N ARG A 95 15.21 -1.91 -6.67
CA ARG A 95 15.97 -3.04 -7.28
C ARG A 95 17.49 -2.81 -7.14
N SER B 6 9.27 3.30 11.95
CA SER B 6 9.34 1.95 11.33
C SER B 6 8.39 0.99 12.05
N THR B 7 7.13 1.02 11.71
CA THR B 7 6.16 0.10 12.38
C THR B 7 4.87 -0.02 11.55
N ASN B 8 4.01 -0.93 11.92
CA ASN B 8 2.73 -1.10 11.16
C ASN B 8 1.58 -0.49 11.97
N PRO B 9 0.97 0.52 11.40
CA PRO B 9 -0.15 1.23 12.08
C PRO B 9 -1.44 0.39 12.07
N PHE B 10 -1.38 -0.84 11.63
CA PHE B 10 -2.62 -1.69 11.64
C PHE B 10 -2.49 -2.73 12.74
N ARG B 11 -1.56 -3.62 12.61
CA ARG B 11 -1.36 -4.67 13.65
C ARG B 11 -1.43 -4.05 15.05
CA CA C . 7.33 3.47 3.53
N PRO A 1 6.41 -7.55 -15.21
CA PRO A 1 6.57 -6.08 -15.01
C PRO A 1 6.10 -5.69 -13.60
N TRP A 2 5.98 -4.43 -13.33
CA TRP A 2 5.53 -4.01 -11.98
C TRP A 2 4.10 -4.52 -11.71
N ALA A 3 3.94 -5.31 -10.69
CA ALA A 3 2.58 -5.85 -10.38
C ALA A 3 1.54 -4.75 -10.52
N VAL A 4 1.93 -3.52 -10.36
CA VAL A 4 0.95 -2.40 -10.50
C VAL A 4 1.09 -1.74 -11.86
N LYS A 5 0.03 -1.18 -12.38
CA LYS A 5 0.09 -0.52 -13.71
C LYS A 5 -0.09 0.99 -13.54
N PRO A 6 0.15 1.71 -14.59
CA PRO A 6 -0.01 3.19 -14.55
C PRO A 6 -1.46 3.56 -14.29
N GLU A 7 -2.38 2.80 -14.82
CA GLU A 7 -3.81 3.10 -14.59
C GLU A 7 -4.17 2.82 -13.13
N ASP A 8 -3.49 1.88 -12.51
CA ASP A 8 -3.76 1.57 -11.09
C ASP A 8 -3.01 2.57 -10.22
N LYS A 9 -1.81 2.89 -10.62
CA LYS A 9 -1.02 3.88 -9.84
C LYS A 9 -1.61 5.26 -10.04
N ALA A 10 -2.44 5.41 -11.05
CA ALA A 10 -3.07 6.74 -11.30
C ALA A 10 -4.19 6.93 -10.29
N LYS A 11 -4.92 5.90 -9.99
CA LYS A 11 -5.99 6.02 -8.98
C LYS A 11 -5.37 5.95 -7.59
N TYR A 12 -4.23 5.30 -7.50
CA TYR A 12 -3.52 5.21 -6.19
C TYR A 12 -2.94 6.58 -5.85
N ASP A 13 -2.49 7.29 -6.86
CA ASP A 13 -1.91 8.65 -6.60
C ASP A 13 -3.01 9.61 -6.19
N ALA A 14 -4.25 9.30 -6.50
CA ALA A 14 -5.36 10.20 -6.10
C ALA A 14 -5.72 9.91 -4.65
N ILE A 15 -5.69 8.66 -4.27
CA ILE A 15 -6.00 8.31 -2.87
C ILE A 15 -4.78 8.66 -2.02
N PHE A 16 -3.62 8.62 -2.62
CA PHE A 16 -2.39 8.98 -1.88
C PHE A 16 -2.35 10.50 -1.67
N ASP A 17 -2.82 11.23 -2.65
CA ASP A 17 -2.84 12.71 -2.54
C ASP A 17 -4.16 13.18 -1.93
N SER A 18 -5.03 12.28 -1.59
CA SER A 18 -6.33 12.68 -0.98
C SER A 18 -6.17 12.76 0.53
N LEU A 19 -5.04 12.33 1.02
CA LEU A 19 -4.77 12.37 2.48
C LEU A 19 -3.76 13.48 2.78
N SER A 20 -3.17 14.01 1.73
CA SER A 20 -2.14 15.10 1.87
C SER A 20 -0.76 14.47 2.09
N PRO A 21 -0.03 14.37 1.01
CA PRO A 21 1.33 13.77 1.05
C PRO A 21 2.33 14.71 1.70
N VAL A 22 3.32 14.17 2.34
CA VAL A 22 4.35 15.02 2.99
C VAL A 22 5.74 14.62 2.46
N ASN A 23 6.34 15.45 1.65
CA ASN A 23 7.68 15.09 1.09
C ASN A 23 7.54 13.83 0.24
N GLY A 24 6.34 13.47 -0.12
CA GLY A 24 6.12 12.25 -0.95
C GLY A 24 5.87 11.06 -0.03
N PHE A 25 5.14 11.27 1.04
CA PHE A 25 4.87 10.13 1.96
C PHE A 25 3.53 10.27 2.65
N LEU A 26 2.88 9.17 2.88
CA LEU A 26 1.58 9.20 3.59
C LEU A 26 1.76 8.54 4.93
N SER A 27 1.33 9.16 5.98
CA SER A 27 1.51 8.53 7.31
C SER A 27 0.43 7.48 7.53
N GLY A 28 0.73 6.43 8.24
CA GLY A 28 -0.29 5.38 8.48
C GLY A 28 -1.60 6.08 8.86
N ASP A 29 -1.48 7.24 9.45
CA ASP A 29 -2.69 8.01 9.85
C ASP A 29 -3.55 8.31 8.61
N LYS A 30 -2.95 8.35 7.46
CA LYS A 30 -3.71 8.62 6.21
C LYS A 30 -4.01 7.29 5.54
N VAL A 31 -3.08 6.37 5.61
CA VAL A 31 -3.29 5.05 4.99
C VAL A 31 -4.20 4.18 5.86
N LYS A 32 -4.04 4.23 7.15
CA LYS A 32 -4.89 3.39 8.03
C LYS A 32 -6.36 3.46 7.60
N PRO A 33 -6.88 4.65 7.43
CA PRO A 33 -8.29 4.78 7.01
C PRO A 33 -8.45 4.28 5.58
N VAL A 34 -7.44 4.46 4.78
CA VAL A 34 -7.52 3.98 3.37
C VAL A 34 -7.62 2.44 3.35
N LEU A 35 -6.96 1.79 4.26
CA LEU A 35 -7.00 0.30 4.29
C LEU A 35 -8.14 -0.17 5.17
N LEU A 36 -8.49 0.59 6.17
CA LEU A 36 -9.61 0.17 7.05
C LEU A 36 -10.91 0.31 6.27
N ASN A 37 -10.86 0.94 5.13
CA ASN A 37 -12.10 1.13 4.33
C ASN A 37 -12.30 -0.04 3.37
N SER A 38 -11.30 -0.88 3.23
CA SER A 38 -11.42 -2.03 2.29
C SER A 38 -12.21 -3.18 2.95
N LYS A 39 -12.83 -2.92 4.07
CA LYS A 39 -13.60 -3.99 4.76
C LYS A 39 -12.66 -5.12 5.18
N LEU A 40 -11.38 -4.90 5.10
CA LEU A 40 -10.41 -5.94 5.52
C LEU A 40 -10.06 -5.78 6.98
N PRO A 41 -9.64 -6.85 7.58
CA PRO A 41 -9.26 -6.80 9.00
C PRO A 41 -7.88 -6.14 9.12
N VAL A 42 -7.47 -5.82 10.30
CA VAL A 42 -6.14 -5.18 10.49
C VAL A 42 -5.03 -6.18 10.21
N ASP A 43 -5.39 -7.41 9.94
CA ASP A 43 -4.34 -8.42 9.65
C ASP A 43 -3.90 -8.27 8.20
N ILE A 44 -4.80 -7.89 7.34
CA ILE A 44 -4.44 -7.69 5.92
C ILE A 44 -3.77 -6.34 5.78
N LEU A 45 -4.32 -5.36 6.43
CA LEU A 45 -3.73 -4.01 6.37
C LEU A 45 -2.33 -4.04 6.97
N GLY A 46 -2.12 -4.88 7.96
CA GLY A 46 -0.76 -4.94 8.55
C GLY A 46 0.16 -5.64 7.55
N ARG A 47 -0.43 -6.32 6.61
CA ARG A 47 0.36 -7.03 5.57
C ARG A 47 0.39 -6.22 4.29
N VAL A 48 -0.65 -5.47 4.01
CA VAL A 48 -0.63 -4.65 2.76
C VAL A 48 0.27 -3.45 2.98
N TRP A 49 0.28 -2.92 4.17
CA TRP A 49 1.15 -1.76 4.45
C TRP A 49 2.61 -2.19 4.46
N GLU A 50 2.92 -3.27 5.15
CA GLU A 50 4.35 -3.69 5.20
C GLU A 50 4.87 -3.95 3.79
N LEU A 51 4.24 -4.82 3.06
CA LEU A 51 4.70 -5.07 1.67
C LEU A 51 4.61 -3.76 0.89
N SER A 52 3.87 -2.81 1.41
CA SER A 52 3.74 -1.50 0.74
C SER A 52 4.84 -0.55 1.25
N ASP A 53 5.19 -0.69 2.50
CA ASP A 53 6.25 0.18 3.07
C ASP A 53 7.62 -0.27 2.57
N ILE A 54 7.88 -0.06 1.30
CA ILE A 54 9.20 -0.49 0.73
C ILE A 54 10.33 -0.18 1.71
N ASP A 55 10.20 0.89 2.47
CA ASP A 55 11.28 1.25 3.44
C ASP A 55 10.81 0.99 4.87
N HIS A 56 9.53 1.02 5.10
CA HIS A 56 9.01 0.77 6.47
C HIS A 56 9.34 1.95 7.39
N ASP A 57 9.21 3.15 6.90
CA ASP A 57 9.52 4.34 7.74
C ASP A 57 8.26 4.81 8.47
N GLY A 58 7.15 4.16 8.24
CA GLY A 58 5.89 4.57 8.93
C GLY A 58 5.05 5.45 8.01
N MET A 59 5.30 5.39 6.72
CA MET A 59 4.51 6.22 5.77
C MET A 59 4.47 5.55 4.39
N LEU A 60 3.55 5.94 3.56
CA LEU A 60 3.47 5.34 2.19
C LEU A 60 3.67 6.40 1.12
N ASP A 61 4.80 6.42 0.46
CA ASP A 61 5.02 7.43 -0.60
C ASP A 61 4.15 7.11 -1.83
N ARG A 62 4.00 8.04 -2.72
CA ARG A 62 3.15 7.80 -3.93
C ARG A 62 3.36 6.39 -4.49
N ASP A 63 4.57 5.94 -4.56
CA ASP A 63 4.84 4.58 -5.11
C ASP A 63 4.53 3.50 -4.07
N GLU A 64 4.76 3.79 -2.82
CA GLU A 64 4.46 2.78 -1.77
C GLU A 64 2.96 2.68 -1.56
N PHE A 65 2.30 3.80 -1.51
CA PHE A 65 0.83 3.79 -1.32
C PHE A 65 0.19 3.08 -2.53
N ALA A 66 0.93 2.93 -3.59
CA ALA A 66 0.37 2.25 -4.79
C ALA A 66 0.41 0.73 -4.56
N VAL A 67 1.51 0.25 -4.06
CA VAL A 67 1.64 -1.21 -3.81
C VAL A 67 0.59 -1.64 -2.78
N ALA A 68 0.16 -0.73 -1.95
CA ALA A 68 -0.85 -1.08 -0.91
C ALA A 68 -2.27 -0.88 -1.43
N MET A 69 -2.43 -0.30 -2.59
CA MET A 69 -3.80 -0.09 -3.13
C MET A 69 -4.30 -1.33 -3.85
N PHE A 70 -3.49 -1.89 -4.70
CA PHE A 70 -3.92 -3.13 -5.42
C PHE A 70 -3.83 -4.30 -4.43
N LEU A 71 -3.04 -4.13 -3.41
CA LEU A 71 -2.91 -5.20 -2.38
C LEU A 71 -4.15 -5.19 -1.48
N VAL A 72 -4.86 -4.10 -1.48
CA VAL A 72 -6.10 -4.00 -0.65
C VAL A 72 -7.32 -4.42 -1.45
N TYR A 73 -7.40 -4.01 -2.68
CA TYR A 73 -8.59 -4.38 -3.51
C TYR A 73 -8.54 -5.85 -3.89
N CYS A 74 -7.38 -6.46 -3.88
CA CYS A 74 -7.31 -7.90 -4.23
C CYS A 74 -7.67 -8.73 -3.01
N ALA A 75 -7.68 -8.13 -1.85
CA ALA A 75 -8.06 -8.89 -0.62
C ALA A 75 -9.57 -8.80 -0.43
N LEU A 76 -10.22 -7.96 -1.19
CA LEU A 76 -11.69 -7.81 -1.05
C LEU A 76 -12.39 -8.77 -2.02
N GLU A 77 -11.91 -8.86 -3.22
CA GLU A 77 -12.53 -9.76 -4.20
C GLU A 77 -12.26 -11.21 -3.81
N LYS A 78 -11.03 -11.56 -3.61
CA LYS A 78 -10.71 -12.96 -3.23
C LYS A 78 -9.20 -13.18 -3.09
N GLU A 79 -8.41 -12.39 -3.76
CA GLU A 79 -6.93 -12.59 -3.67
C GLU A 79 -6.43 -12.42 -2.23
N PRO A 80 -5.80 -13.45 -1.74
CA PRO A 80 -5.26 -13.42 -0.35
C PRO A 80 -4.00 -12.55 -0.31
N VAL A 81 -3.64 -12.03 0.83
CA VAL A 81 -2.42 -11.18 0.90
C VAL A 81 -1.33 -11.85 1.72
N PRO A 82 -0.20 -12.04 1.08
CA PRO A 82 0.95 -12.66 1.75
C PRO A 82 1.81 -11.57 2.41
N MET A 83 2.93 -11.93 2.96
CA MET A 83 3.80 -10.91 3.61
C MET A 83 5.14 -10.81 2.90
N SER A 84 5.27 -11.45 1.78
CA SER A 84 6.57 -11.41 1.07
C SER A 84 6.54 -10.47 -0.12
N LEU A 85 7.13 -9.33 0.03
CA LEU A 85 7.18 -8.36 -1.11
C LEU A 85 7.73 -9.05 -2.36
N PRO A 86 6.85 -9.32 -3.29
CA PRO A 86 7.27 -9.99 -4.54
C PRO A 86 8.10 -9.03 -5.42
N PRO A 87 9.00 -9.62 -6.15
CA PRO A 87 9.91 -8.83 -7.04
C PRO A 87 9.15 -8.27 -8.24
N ALA A 88 7.91 -8.60 -8.37
CA ALA A 88 7.12 -8.09 -9.53
C ALA A 88 6.42 -6.80 -9.12
N LEU A 89 6.17 -6.63 -7.87
CA LEU A 89 5.49 -5.40 -7.37
C LEU A 89 6.54 -4.44 -6.79
N VAL A 90 7.70 -4.96 -6.46
CA VAL A 90 8.76 -4.09 -5.89
C VAL A 90 9.28 -3.10 -6.93
N PRO A 91 9.48 -1.89 -6.49
CA PRO A 91 9.98 -0.82 -7.39
C PRO A 91 11.48 -1.04 -7.68
N PRO A 92 11.95 -0.34 -8.67
CA PRO A 92 13.38 -0.45 -9.07
C PRO A 92 14.27 0.24 -8.03
N SER A 93 13.70 1.04 -7.17
CA SER A 93 14.52 1.73 -6.14
C SER A 93 15.06 0.72 -5.14
N LYS A 94 14.49 -0.45 -5.11
CA LYS A 94 14.98 -1.49 -4.15
C LYS A 94 16.04 -2.36 -4.84
N ARG A 95 16.39 -2.02 -6.07
CA ARG A 95 17.42 -2.84 -6.79
C ARG A 95 18.69 -2.01 -7.00
N SER B 6 7.35 1.12 15.85
CA SER B 6 5.99 1.23 15.25
C SER B 6 6.11 1.41 13.73
N THR B 7 6.10 0.35 12.98
CA THR B 7 6.21 0.47 11.50
C THR B 7 4.91 0.00 10.83
N ASN B 8 4.03 -0.62 11.57
CA ASN B 8 2.76 -1.09 10.97
C ASN B 8 1.58 -0.75 11.90
N PRO B 9 0.84 0.24 11.51
CA PRO B 9 -0.32 0.69 12.32
C PRO B 9 -1.46 -0.33 12.27
N PHE B 10 -1.31 -1.39 11.52
CA PHE B 10 -2.37 -2.43 11.48
C PHE B 10 -1.81 -3.74 12.04
N ARG B 11 -0.81 -4.26 11.38
CA ARG B 11 -0.18 -5.55 11.82
C ARG B 11 -1.07 -6.74 11.41
CA CA C . 7.47 3.87 3.30
N PRO A 1 5.03 -7.45 -16.49
CA PRO A 1 5.17 -6.07 -15.95
C PRO A 1 4.86 -6.04 -14.46
N TRP A 2 5.00 -4.91 -13.83
CA TRP A 2 4.71 -4.82 -12.37
C TRP A 2 3.25 -5.18 -12.12
N ALA A 3 3.01 -6.07 -11.18
CA ALA A 3 1.61 -6.50 -10.87
C ALA A 3 0.64 -5.33 -11.00
N VAL A 4 1.12 -4.15 -10.73
CA VAL A 4 0.23 -2.95 -10.84
C VAL A 4 0.44 -2.26 -12.19
N LYS A 5 -0.61 -1.98 -12.89
CA LYS A 5 -0.47 -1.33 -14.23
C LYS A 5 -0.40 0.19 -14.09
N PRO A 6 -0.30 0.85 -15.22
CA PRO A 6 -0.22 2.33 -15.23
C PRO A 6 -1.58 2.93 -14.85
N GLU A 7 -2.65 2.30 -15.28
CA GLU A 7 -3.99 2.83 -14.93
C GLU A 7 -4.31 2.52 -13.47
N ASP A 8 -3.66 1.52 -12.92
CA ASP A 8 -3.91 1.17 -11.50
C ASP A 8 -3.10 2.11 -10.61
N LYS A 9 -1.92 2.45 -11.04
CA LYS A 9 -1.07 3.36 -10.24
C LYS A 9 -1.62 4.78 -10.34
N ALA A 10 -2.46 5.03 -11.31
CA ALA A 10 -3.05 6.38 -11.47
C ALA A 10 -4.17 6.57 -10.46
N LYS A 11 -4.97 5.56 -10.26
CA LYS A 11 -6.07 5.69 -9.25
C LYS A 11 -5.46 5.62 -7.85
N TYR A 12 -4.33 4.97 -7.73
CA TYR A 12 -3.64 4.89 -6.40
C TYR A 12 -2.99 6.24 -6.10
N ASP A 13 -2.55 6.93 -7.12
CA ASP A 13 -1.91 8.25 -6.90
C ASP A 13 -2.97 9.29 -6.53
N ALA A 14 -4.22 9.01 -6.80
CA ALA A 14 -5.28 9.97 -6.44
C ALA A 14 -5.64 9.77 -4.98
N ILE A 15 -5.62 8.54 -4.54
CA ILE A 15 -5.92 8.26 -3.12
C ILE A 15 -4.68 8.60 -2.30
N PHE A 16 -3.53 8.48 -2.91
CA PHE A 16 -2.27 8.82 -2.20
C PHE A 16 -2.14 10.34 -2.13
N ASP A 17 -2.52 11.01 -3.19
CA ASP A 17 -2.44 12.49 -3.21
C ASP A 17 -3.75 13.10 -2.68
N SER A 18 -4.66 12.26 -2.23
CA SER A 18 -5.93 12.78 -1.68
C SER A 18 -5.78 12.93 -0.16
N LEU A 19 -4.65 12.53 0.35
CA LEU A 19 -4.39 12.64 1.81
C LEU A 19 -3.27 13.65 2.05
N SER A 20 -2.69 14.16 0.98
CA SER A 20 -1.56 15.14 1.11
C SER A 20 -0.26 14.39 1.38
N PRO A 21 0.47 14.14 0.33
CA PRO A 21 1.75 13.41 0.42
C PRO A 21 2.83 14.30 1.07
N VAL A 22 3.77 13.70 1.72
CA VAL A 22 4.86 14.49 2.36
C VAL A 22 6.20 14.07 1.76
N ASN A 23 6.68 14.82 0.81
CA ASN A 23 7.98 14.47 0.16
C ASN A 23 7.79 13.18 -0.67
N GLY A 24 6.57 12.76 -0.85
CA GLY A 24 6.30 11.53 -1.64
C GLY A 24 5.95 10.38 -0.68
N PHE A 25 5.28 10.69 0.40
CA PHE A 25 4.92 9.64 1.38
C PHE A 25 3.64 9.98 2.14
N LEU A 26 2.91 8.97 2.52
CA LEU A 26 1.66 9.19 3.30
C LEU A 26 1.82 8.55 4.67
N SER A 27 1.47 9.22 5.71
CA SER A 27 1.60 8.58 7.04
C SER A 27 0.46 7.61 7.27
N GLY A 28 0.71 6.52 7.94
CA GLY A 28 -0.39 5.54 8.19
C GLY A 28 -1.64 6.31 8.59
N ASP A 29 -1.46 7.46 9.17
CA ASP A 29 -2.63 8.28 9.58
C ASP A 29 -3.53 8.53 8.37
N LYS A 30 -2.97 8.46 7.19
CA LYS A 30 -3.79 8.67 5.96
C LYS A 30 -4.03 7.32 5.30
N VAL A 31 -3.08 6.43 5.42
CA VAL A 31 -3.24 5.09 4.80
C VAL A 31 -4.02 4.16 5.73
N LYS A 32 -3.69 4.15 7.00
CA LYS A 32 -4.41 3.25 7.95
C LYS A 32 -5.92 3.29 7.70
N PRO A 33 -6.48 4.46 7.70
CA PRO A 33 -7.95 4.59 7.46
C PRO A 33 -8.27 4.19 6.03
N VAL A 34 -7.37 4.47 5.13
CA VAL A 34 -7.59 4.09 3.71
C VAL A 34 -7.68 2.57 3.59
N LEU A 35 -6.92 1.87 4.40
CA LEU A 35 -6.94 0.38 4.34
C LEU A 35 -8.07 -0.17 5.20
N LEU A 36 -8.45 0.56 6.21
CA LEU A 36 -9.55 0.08 7.09
C LEU A 36 -10.88 0.26 6.36
N ASN A 37 -10.87 0.97 5.27
CA ASN A 37 -12.13 1.20 4.52
C ASN A 37 -12.33 0.08 3.50
N SER A 38 -11.38 -0.79 3.36
CA SER A 38 -11.49 -1.91 2.38
C SER A 38 -12.26 -3.08 3.00
N LYS A 39 -12.90 -2.87 4.11
CA LYS A 39 -13.66 -3.98 4.76
C LYS A 39 -12.71 -5.12 5.13
N LEU A 40 -11.43 -4.87 5.08
CA LEU A 40 -10.45 -5.94 5.44
C LEU A 40 -9.99 -5.76 6.89
N PRO A 41 -9.58 -6.85 7.47
CA PRO A 41 -9.12 -6.81 8.87
C PRO A 41 -7.71 -6.21 8.95
N VAL A 42 -7.22 -5.97 10.13
CA VAL A 42 -5.86 -5.39 10.27
C VAL A 42 -4.83 -6.45 9.87
N ASP A 43 -5.27 -7.65 9.62
CA ASP A 43 -4.31 -8.72 9.23
C ASP A 43 -3.91 -8.52 7.78
N ILE A 44 -4.80 -7.98 6.99
CA ILE A 44 -4.46 -7.72 5.57
C ILE A 44 -3.81 -6.35 5.46
N LEU A 45 -4.30 -5.41 6.22
CA LEU A 45 -3.70 -4.06 6.19
C LEU A 45 -2.40 -4.10 6.98
N GLY A 46 -2.31 -5.00 7.93
CA GLY A 46 -1.06 -5.10 8.73
C GLY A 46 0.02 -5.68 7.81
N ARG A 47 -0.41 -6.44 6.85
CA ARG A 47 0.54 -7.04 5.88
C ARG A 47 0.53 -6.25 4.57
N VAL A 48 -0.58 -5.65 4.24
CA VAL A 48 -0.62 -4.87 2.97
C VAL A 48 0.20 -3.60 3.16
N TRP A 49 0.12 -2.98 4.30
CA TRP A 49 0.95 -1.76 4.52
C TRP A 49 2.42 -2.16 4.48
N GLU A 50 2.79 -3.16 5.24
CA GLU A 50 4.22 -3.56 5.25
C GLU A 50 4.71 -3.81 3.84
N LEU A 51 4.08 -4.69 3.14
CA LEU A 51 4.49 -4.96 1.73
C LEU A 51 4.44 -3.65 0.94
N SER A 52 3.69 -2.69 1.43
CA SER A 52 3.61 -1.38 0.74
C SER A 52 4.71 -0.47 1.30
N ASP A 53 4.98 -0.58 2.57
CA ASP A 53 6.03 0.25 3.21
C ASP A 53 7.42 -0.37 2.99
N ILE A 54 7.83 -0.50 1.77
CA ILE A 54 9.15 -1.10 1.49
C ILE A 54 10.27 -0.30 2.17
N ASP A 55 9.99 0.92 2.53
CA ASP A 55 11.03 1.75 3.20
C ASP A 55 10.90 1.60 4.72
N HIS A 56 9.76 1.19 5.19
CA HIS A 56 9.57 1.01 6.65
C HIS A 56 9.76 2.34 7.40
N ASP A 57 9.38 3.42 6.79
CA ASP A 57 9.53 4.75 7.46
C ASP A 57 8.22 5.14 8.15
N GLY A 58 7.20 4.32 8.01
CA GLY A 58 5.90 4.65 8.65
C GLY A 58 5.04 5.45 7.68
N MET A 59 5.26 5.30 6.40
CA MET A 59 4.45 6.06 5.40
C MET A 59 4.41 5.30 4.06
N LEU A 60 3.45 5.63 3.23
CA LEU A 60 3.36 4.95 1.90
C LEU A 60 3.54 5.96 0.76
N ASP A 61 4.64 5.90 0.05
CA ASP A 61 4.87 6.85 -1.06
C ASP A 61 3.93 6.56 -2.22
N ARG A 62 3.92 7.41 -3.20
CA ARG A 62 3.03 7.20 -4.39
C ARG A 62 3.21 5.80 -4.96
N ASP A 63 4.43 5.33 -5.04
CA ASP A 63 4.67 3.96 -5.59
C ASP A 63 4.38 2.92 -4.51
N GLU A 64 4.68 3.22 -3.30
CA GLU A 64 4.41 2.26 -2.20
C GLU A 64 2.91 2.22 -1.95
N PHE A 65 2.30 3.36 -1.83
CA PHE A 65 0.84 3.41 -1.61
C PHE A 65 0.15 2.65 -2.75
N ALA A 66 0.78 2.58 -3.90
CA ALA A 66 0.15 1.85 -5.04
C ALA A 66 0.09 0.35 -4.74
N VAL A 67 1.19 -0.21 -4.34
CA VAL A 67 1.21 -1.66 -4.02
C VAL A 67 0.17 -1.96 -2.93
N ALA A 68 -0.19 -0.97 -2.16
CA ALA A 68 -1.17 -1.19 -1.07
C ALA A 68 -2.61 -0.95 -1.55
N MET A 69 -2.80 -0.51 -2.75
CA MET A 69 -4.18 -0.28 -3.22
C MET A 69 -4.75 -1.54 -3.88
N PHE A 70 -3.95 -2.23 -4.64
CA PHE A 70 -4.46 -3.48 -5.26
C PHE A 70 -4.35 -4.61 -4.23
N LEU A 71 -3.49 -4.44 -3.27
CA LEU A 71 -3.35 -5.48 -2.20
C LEU A 71 -4.52 -5.34 -1.23
N VAL A 72 -5.12 -4.19 -1.18
CA VAL A 72 -6.28 -3.98 -0.27
C VAL A 72 -7.58 -4.28 -1.03
N TYR A 73 -7.72 -3.75 -2.21
CA TYR A 73 -8.96 -3.99 -2.99
C TYR A 73 -9.02 -5.45 -3.46
N CYS A 74 -7.90 -6.02 -3.79
CA CYS A 74 -7.89 -7.44 -4.23
C CYS A 74 -7.87 -8.36 -3.02
N ALA A 75 -7.69 -7.81 -1.85
CA ALA A 75 -7.68 -8.67 -0.63
C ALA A 75 -9.08 -8.73 -0.05
N LEU A 76 -9.84 -7.70 -0.26
CA LEU A 76 -11.22 -7.64 0.25
C LEU A 76 -12.22 -8.20 -0.77
N GLU A 77 -11.87 -8.16 -2.03
CA GLU A 77 -12.79 -8.69 -3.08
C GLU A 77 -12.85 -10.21 -3.01
N LYS A 78 -11.72 -10.86 -3.16
CA LYS A 78 -11.71 -12.34 -3.09
C LYS A 78 -10.28 -12.88 -3.28
N GLU A 79 -9.38 -12.51 -2.41
CA GLU A 79 -7.98 -13.01 -2.54
C GLU A 79 -7.19 -12.75 -1.25
N PRO A 80 -6.40 -13.73 -0.88
CA PRO A 80 -5.59 -13.61 0.34
C PRO A 80 -4.33 -12.78 0.06
N VAL A 81 -3.60 -12.43 1.08
CA VAL A 81 -2.35 -11.64 0.89
C VAL A 81 -1.15 -12.49 1.29
N PRO A 82 -0.01 -12.20 0.72
CA PRO A 82 1.20 -12.95 1.03
C PRO A 82 1.87 -12.37 2.27
N MET A 83 3.09 -12.77 2.55
CA MET A 83 3.77 -12.24 3.75
C MET A 83 5.09 -11.55 3.39
N SER A 84 5.34 -11.31 2.14
CA SER A 84 6.63 -10.63 1.78
C SER A 84 6.64 -10.17 0.34
N LEU A 85 5.50 -9.96 -0.20
CA LEU A 85 5.39 -9.46 -1.60
C LEU A 85 6.14 -10.39 -2.58
N PRO A 86 5.40 -10.88 -3.54
CA PRO A 86 6.00 -11.75 -4.58
C PRO A 86 6.94 -10.93 -5.48
N PRO A 87 7.60 -11.60 -6.38
CA PRO A 87 8.56 -10.93 -7.30
C PRO A 87 7.87 -10.04 -8.34
N ALA A 88 6.62 -10.27 -8.64
CA ALA A 88 5.93 -9.42 -9.66
C ALA A 88 5.23 -8.24 -8.99
N LEU A 89 5.24 -8.18 -7.69
CA LEU A 89 4.53 -7.07 -7.00
C LEU A 89 5.55 -6.09 -6.40
N VAL A 90 6.79 -6.21 -6.77
CA VAL A 90 7.82 -5.28 -6.21
C VAL A 90 8.51 -4.53 -7.36
N PRO A 91 8.80 -3.28 -7.11
CA PRO A 91 9.48 -2.44 -8.12
C PRO A 91 10.94 -2.86 -8.29
N PRO A 92 11.60 -2.28 -9.24
CA PRO A 92 13.02 -2.61 -9.52
C PRO A 92 13.94 -2.07 -8.42
N SER A 93 13.39 -1.40 -7.44
CA SER A 93 14.25 -0.87 -6.35
C SER A 93 14.48 -1.96 -5.30
N LYS A 94 13.55 -2.83 -5.14
CA LYS A 94 13.71 -3.93 -4.15
C LYS A 94 14.20 -5.18 -4.87
N ARG A 95 14.68 -5.03 -6.08
CA ARG A 95 15.15 -6.21 -6.85
C ARG A 95 16.34 -6.89 -6.16
N SER B 6 6.09 1.75 16.96
CA SER B 6 4.89 0.95 16.60
C SER B 6 4.80 0.80 15.07
N THR B 7 5.60 -0.05 14.50
CA THR B 7 5.56 -0.25 13.02
C THR B 7 4.22 -0.85 12.60
N ASN B 8 3.76 -0.53 11.42
CA ASN B 8 2.47 -1.09 10.94
C ASN B 8 1.33 -0.67 11.89
N PRO B 9 0.72 0.43 11.55
CA PRO B 9 -0.41 0.99 12.37
C PRO B 9 -1.67 0.11 12.28
N PHE B 10 -1.60 -1.06 11.69
CA PHE B 10 -2.82 -1.93 11.60
C PHE B 10 -2.79 -2.99 12.70
N ARG B 11 -1.71 -3.69 12.84
CA ARG B 11 -1.63 -4.73 13.89
C ARG B 11 -2.04 -4.14 15.24
CA CA C . 7.68 3.67 2.80
N PRO A 1 6.34 -7.10 -15.73
CA PRO A 1 6.29 -5.66 -15.38
C PRO A 1 5.94 -5.49 -13.89
N TRP A 2 5.67 -4.29 -13.48
CA TRP A 2 5.32 -4.06 -12.04
C TRP A 2 3.95 -4.65 -11.74
N ALA A 3 3.86 -5.50 -10.75
CA ALA A 3 2.53 -6.10 -10.40
C ALA A 3 1.44 -5.02 -10.46
N VAL A 4 1.80 -3.80 -10.24
CA VAL A 4 0.80 -2.70 -10.30
C VAL A 4 0.84 -2.06 -11.69
N LYS A 5 -0.30 -1.89 -12.31
CA LYS A 5 -0.32 -1.28 -13.67
C LYS A 5 -0.43 0.24 -13.57
N PRO A 6 -0.30 0.89 -14.70
CA PRO A 6 -0.38 2.37 -14.75
C PRO A 6 -1.81 2.82 -14.41
N GLU A 7 -2.78 2.04 -14.80
CA GLU A 7 -4.20 2.41 -14.51
C GLU A 7 -4.51 2.05 -13.06
N ASP A 8 -3.85 1.05 -12.54
CA ASP A 8 -4.10 0.65 -11.12
C ASP A 8 -3.31 1.58 -10.20
N LYS A 9 -2.16 2.02 -10.63
CA LYS A 9 -1.36 2.94 -9.79
C LYS A 9 -1.95 4.34 -9.87
N ALA A 10 -2.75 4.58 -10.88
CA ALA A 10 -3.38 5.93 -11.03
C ALA A 10 -4.50 6.06 -10.00
N LYS A 11 -5.22 5.00 -9.76
CA LYS A 11 -6.30 5.06 -8.76
C LYS A 11 -5.68 5.01 -7.36
N TYR A 12 -4.49 4.48 -7.27
CA TYR A 12 -3.79 4.41 -5.95
C TYR A 12 -3.22 5.79 -5.64
N ASP A 13 -2.79 6.49 -6.66
CA ASP A 13 -2.21 7.85 -6.44
C ASP A 13 -3.32 8.82 -6.04
N ALA A 14 -4.55 8.50 -6.33
CA ALA A 14 -5.67 9.40 -5.95
C ALA A 14 -6.00 9.14 -4.49
N ILE A 15 -5.83 7.93 -4.06
CA ILE A 15 -6.11 7.59 -2.64
C ILE A 15 -4.91 8.06 -1.81
N PHE A 16 -3.74 8.04 -2.40
CA PHE A 16 -2.53 8.49 -1.67
C PHE A 16 -2.57 10.01 -1.53
N ASP A 17 -3.08 10.67 -2.54
CA ASP A 17 -3.17 12.16 -2.48
C ASP A 17 -4.53 12.58 -1.90
N SER A 18 -5.37 11.63 -1.62
CA SER A 18 -6.70 11.97 -1.04
C SER A 18 -6.54 12.17 0.47
N LEU A 19 -5.43 11.73 0.99
CA LEU A 19 -5.19 11.89 2.45
C LEU A 19 -4.39 13.18 2.67
N SER A 20 -3.27 13.29 1.98
CA SER A 20 -2.37 14.50 2.09
C SER A 20 -0.91 14.04 2.05
N PRO A 21 -0.34 14.10 0.89
CA PRO A 21 1.07 13.67 0.71
C PRO A 21 2.02 14.71 1.32
N VAL A 22 3.16 14.26 1.77
CA VAL A 22 4.15 15.22 2.37
C VAL A 22 5.45 15.15 1.56
N ASN A 23 5.53 15.89 0.48
CA ASN A 23 6.76 15.86 -0.36
C ASN A 23 6.83 14.53 -1.12
N GLY A 24 5.83 13.71 -1.00
CA GLY A 24 5.83 12.41 -1.72
C GLY A 24 5.67 11.27 -0.71
N PHE A 25 5.00 11.51 0.39
CA PHE A 25 4.84 10.42 1.40
C PHE A 25 3.53 10.55 2.18
N LEU A 26 3.03 9.45 2.63
CA LEU A 26 1.79 9.45 3.46
C LEU A 26 2.13 8.82 4.80
N SER A 27 1.43 9.16 5.83
CA SER A 27 1.75 8.54 7.14
C SER A 27 0.80 7.38 7.41
N GLY A 28 1.30 6.32 7.97
CA GLY A 28 0.41 5.15 8.26
C GLY A 28 -0.93 5.65 8.78
N ASP A 29 -0.95 6.80 9.39
CA ASP A 29 -2.24 7.35 9.91
C ASP A 29 -3.16 7.75 8.75
N LYS A 30 -2.61 8.03 7.60
CA LYS A 30 -3.46 8.38 6.43
C LYS A 30 -3.80 7.10 5.69
N VAL A 31 -2.86 6.21 5.64
CA VAL A 31 -3.11 4.91 4.94
C VAL A 31 -4.06 4.04 5.77
N LYS A 32 -3.89 4.04 7.07
CA LYS A 32 -4.75 3.20 7.94
C LYS A 32 -6.22 3.26 7.50
N PRO A 33 -6.74 4.46 7.42
CA PRO A 33 -8.15 4.64 7.02
C PRO A 33 -8.33 4.20 5.56
N VAL A 34 -7.31 4.35 4.77
CA VAL A 34 -7.40 3.92 3.35
C VAL A 34 -7.48 2.40 3.29
N LEU A 35 -6.91 1.73 4.25
CA LEU A 35 -6.94 0.25 4.26
C LEU A 35 -8.11 -0.25 5.11
N LEU A 36 -8.46 0.48 6.12
CA LEU A 36 -9.60 0.05 6.98
C LEU A 36 -10.89 0.21 6.19
N ASN A 37 -10.82 0.84 5.05
CA ASN A 37 -12.06 1.05 4.26
C ASN A 37 -12.27 -0.11 3.27
N SER A 38 -11.31 -0.99 3.14
CA SER A 38 -11.46 -2.14 2.20
C SER A 38 -12.30 -3.26 2.82
N LYS A 39 -12.97 -2.98 3.89
CA LYS A 39 -13.80 -4.04 4.55
C LYS A 39 -12.90 -5.16 5.06
N LEU A 40 -11.61 -4.95 5.06
CA LEU A 40 -10.69 -6.01 5.55
C LEU A 40 -10.28 -5.73 6.99
N PRO A 41 -9.86 -6.76 7.66
CA PRO A 41 -9.42 -6.61 9.06
C PRO A 41 -8.04 -5.95 9.10
N VAL A 42 -7.58 -5.57 10.26
CA VAL A 42 -6.24 -4.94 10.35
C VAL A 42 -5.16 -6.00 10.11
N ASP A 43 -5.56 -7.23 9.93
CA ASP A 43 -4.57 -8.29 9.67
C ASP A 43 -4.13 -8.20 8.21
N ILE A 44 -5.03 -7.79 7.36
CA ILE A 44 -4.68 -7.64 5.91
C ILE A 44 -3.97 -6.32 5.72
N LEU A 45 -4.45 -5.31 6.38
CA LEU A 45 -3.82 -3.97 6.27
C LEU A 45 -2.49 -4.00 7.00
N GLY A 46 -2.38 -4.80 8.03
CA GLY A 46 -1.10 -4.90 8.77
C GLY A 46 -0.08 -5.56 7.85
N ARG A 47 -0.56 -6.32 6.91
CA ARG A 47 0.34 -6.99 5.94
C ARG A 47 0.37 -6.21 4.63
N VAL A 48 -0.73 -5.64 4.24
CA VAL A 48 -0.74 -4.88 2.97
C VAL A 48 0.16 -3.66 3.12
N TRP A 49 0.21 -3.09 4.29
CA TRP A 49 1.09 -1.93 4.50
C TRP A 49 2.55 -2.38 4.46
N GLU A 50 2.92 -3.33 5.29
CA GLU A 50 4.33 -3.78 5.31
C GLU A 50 4.82 -4.03 3.89
N LEU A 51 4.15 -4.88 3.16
CA LEU A 51 4.58 -5.15 1.76
C LEU A 51 4.44 -3.86 0.95
N SER A 52 3.72 -2.89 1.48
CA SER A 52 3.55 -1.58 0.77
C SER A 52 4.62 -0.60 1.24
N ASP A 53 5.00 -0.66 2.49
CA ASP A 53 6.04 0.26 3.01
C ASP A 53 7.43 -0.18 2.51
N ILE A 54 7.93 0.46 1.50
CA ILE A 54 9.26 0.06 0.97
C ILE A 54 10.38 0.78 1.72
N ASP A 55 10.08 1.92 2.31
CA ASP A 55 11.13 2.66 3.06
C ASP A 55 11.11 2.26 4.53
N HIS A 56 10.10 1.57 4.96
CA HIS A 56 10.04 1.14 6.39
C HIS A 56 10.16 2.36 7.32
N ASP A 57 9.41 3.41 7.05
CA ASP A 57 9.51 4.61 7.92
C ASP A 57 8.13 5.00 8.45
N GLY A 58 7.18 4.10 8.38
CA GLY A 58 5.82 4.42 8.87
C GLY A 58 5.12 5.34 7.87
N MET A 59 5.41 5.19 6.61
CA MET A 59 4.76 6.07 5.59
C MET A 59 4.62 5.34 4.25
N LEU A 60 3.76 5.83 3.39
CA LEU A 60 3.58 5.20 2.05
C LEU A 60 3.58 6.29 0.97
N ASP A 61 4.62 6.39 0.20
CA ASP A 61 4.65 7.45 -0.86
C ASP A 61 3.81 7.02 -2.06
N ARG A 62 3.66 7.88 -3.02
CA ARG A 62 2.84 7.56 -4.23
C ARG A 62 3.09 6.13 -4.72
N ASP A 63 4.32 5.76 -4.90
CA ASP A 63 4.62 4.38 -5.41
C ASP A 63 4.35 3.34 -4.33
N GLU A 64 4.82 3.59 -3.14
CA GLU A 64 4.59 2.63 -2.04
C GLU A 64 3.10 2.50 -1.77
N PHE A 65 2.44 3.61 -1.54
CA PHE A 65 0.98 3.55 -1.31
C PHE A 65 0.35 2.73 -2.43
N ALA A 66 0.94 2.75 -3.59
CA ALA A 66 0.39 1.97 -4.73
C ALA A 66 0.40 0.48 -4.39
N VAL A 67 1.54 -0.03 -4.04
CA VAL A 67 1.65 -1.46 -3.69
C VAL A 67 0.59 -1.85 -2.65
N ALA A 68 0.19 -0.91 -1.85
CA ALA A 68 -0.83 -1.20 -0.79
C ALA A 68 -2.27 -1.07 -1.29
N MET A 69 -2.48 -0.60 -2.49
CA MET A 69 -3.89 -0.48 -2.96
C MET A 69 -4.33 -1.76 -3.66
N PHE A 70 -3.51 -2.31 -4.51
CA PHE A 70 -3.92 -3.57 -5.19
C PHE A 70 -3.80 -4.72 -4.18
N LEU A 71 -3.00 -4.53 -3.16
CA LEU A 71 -2.85 -5.58 -2.13
C LEU A 71 -4.11 -5.60 -1.27
N VAL A 72 -4.75 -4.47 -1.14
CA VAL A 72 -6.01 -4.40 -0.35
C VAL A 72 -7.21 -4.64 -1.25
N TYR A 73 -7.06 -4.43 -2.53
CA TYR A 73 -8.20 -4.65 -3.47
C TYR A 73 -8.20 -6.11 -3.92
N CYS A 74 -7.06 -6.73 -3.94
CA CYS A 74 -7.00 -8.15 -4.37
C CYS A 74 -7.34 -9.05 -3.18
N ALA A 75 -7.33 -8.51 -1.99
CA ALA A 75 -7.68 -9.33 -0.81
C ALA A 75 -9.21 -9.38 -0.69
N LEU A 76 -9.89 -8.54 -1.44
CA LEU A 76 -11.37 -8.51 -1.38
C LEU A 76 -11.96 -9.45 -2.44
N GLU A 77 -11.46 -9.38 -3.65
CA GLU A 77 -12.01 -10.24 -4.73
C GLU A 77 -10.91 -11.06 -5.41
N LYS A 78 -9.90 -11.46 -4.70
CA LYS A 78 -8.82 -12.25 -5.36
C LYS A 78 -8.14 -13.20 -4.36
N GLU A 79 -7.11 -12.74 -3.71
CA GLU A 79 -6.39 -13.60 -2.74
C GLU A 79 -5.99 -12.77 -1.52
N PRO A 80 -5.84 -13.42 -0.40
CA PRO A 80 -5.45 -12.70 0.84
C PRO A 80 -4.08 -12.05 0.65
N VAL A 81 -3.42 -11.68 1.71
CA VAL A 81 -2.10 -11.01 1.55
C VAL A 81 -1.02 -11.69 2.39
N PRO A 82 -0.02 -12.20 1.72
CA PRO A 82 1.11 -12.85 2.41
C PRO A 82 2.07 -11.77 2.91
N MET A 83 2.83 -12.04 3.93
CA MET A 83 3.77 -10.98 4.44
C MET A 83 5.07 -11.02 3.66
N SER A 84 5.06 -11.63 2.52
CA SER A 84 6.32 -11.72 1.73
C SER A 84 6.24 -10.83 0.50
N LEU A 85 6.88 -9.71 0.56
CA LEU A 85 6.86 -8.78 -0.60
C LEU A 85 7.48 -9.46 -1.84
N PRO A 86 6.63 -9.80 -2.77
CA PRO A 86 7.10 -10.44 -4.03
C PRO A 86 7.96 -9.46 -4.84
N PRO A 87 8.89 -10.02 -5.57
CA PRO A 87 9.82 -9.21 -6.40
C PRO A 87 9.14 -8.68 -7.66
N ALA A 88 7.97 -9.13 -7.96
CA ALA A 88 7.27 -8.64 -9.18
C ALA A 88 6.37 -7.47 -8.82
N LEU A 89 6.63 -6.85 -7.71
CA LEU A 89 5.76 -5.73 -7.29
C LEU A 89 6.58 -4.63 -6.60
N VAL A 90 7.88 -4.74 -6.60
CA VAL A 90 8.70 -3.69 -5.92
C VAL A 90 9.46 -2.84 -6.93
N PRO A 91 9.72 -1.63 -6.52
CA PRO A 91 10.47 -0.67 -7.38
C PRO A 91 11.93 -1.11 -7.51
N PRO A 92 12.68 -0.39 -8.30
CA PRO A 92 14.11 -0.71 -8.51
C PRO A 92 14.92 -0.44 -7.23
N SER A 93 14.38 0.33 -6.33
CA SER A 93 15.10 0.62 -5.07
C SER A 93 15.11 -0.62 -4.19
N LYS A 94 14.24 -1.55 -4.48
CA LYS A 94 14.19 -2.80 -3.67
C LYS A 94 15.13 -3.85 -4.28
N ARG A 95 15.82 -3.50 -5.33
CA ARG A 95 16.74 -4.48 -5.97
C ARG A 95 18.16 -4.31 -5.41
N SER B 6 9.61 -3.12 11.46
CA SER B 6 8.25 -3.58 11.86
C SER B 6 7.32 -2.38 12.08
N THR B 7 7.32 -1.44 11.16
CA THR B 7 6.44 -0.25 11.31
C THR B 7 5.06 -0.54 10.70
N ASN B 8 4.20 -1.18 11.45
CA ASN B 8 2.84 -1.47 10.92
C ASN B 8 1.78 -0.93 11.88
N PRO B 9 1.18 0.16 11.48
CA PRO B 9 0.13 0.82 12.30
C PRO B 9 -1.20 0.05 12.28
N PHE B 10 -1.22 -1.16 11.78
CA PHE B 10 -2.50 -1.94 11.80
C PHE B 10 -2.35 -3.10 12.79
N ARG B 11 -1.59 -4.10 12.43
CA ARG B 11 -1.40 -5.25 13.35
C ARG B 11 -1.14 -4.75 14.78
CA CA C . 7.73 4.56 2.99
N PRO A 1 6.51 -6.99 -16.00
CA PRO A 1 6.05 -5.61 -15.70
C PRO A 1 5.78 -5.46 -14.19
N TRP A 2 5.44 -4.27 -13.77
CA TRP A 2 5.17 -4.05 -12.32
C TRP A 2 3.82 -4.67 -11.94
N ALA A 3 3.79 -5.54 -10.97
CA ALA A 3 2.51 -6.18 -10.55
C ALA A 3 1.37 -5.15 -10.59
N VAL A 4 1.70 -3.91 -10.37
CA VAL A 4 0.63 -2.86 -10.41
C VAL A 4 0.48 -2.34 -11.83
N LYS A 5 -0.72 -2.12 -12.28
CA LYS A 5 -0.90 -1.61 -13.67
C LYS A 5 -0.92 -0.08 -13.68
N PRO A 6 -0.96 0.48 -14.86
CA PRO A 6 -0.99 1.95 -14.99
C PRO A 6 -2.34 2.48 -14.54
N GLU A 7 -3.38 1.73 -14.76
CA GLU A 7 -4.74 2.15 -14.33
C GLU A 7 -4.87 1.97 -12.81
N ASP A 8 -4.03 1.14 -12.24
CA ASP A 8 -4.08 0.94 -10.76
C ASP A 8 -3.26 2.02 -10.09
N LYS A 9 -2.10 2.29 -10.62
CA LYS A 9 -1.25 3.36 -10.04
C LYS A 9 -1.94 4.70 -10.20
N ALA A 10 -2.87 4.79 -11.11
CA ALA A 10 -3.61 6.07 -11.32
C ALA A 10 -4.63 6.23 -10.19
N LYS A 11 -5.30 5.18 -9.85
CA LYS A 11 -6.28 5.26 -8.74
C LYS A 11 -5.53 5.23 -7.41
N TYR A 12 -4.35 4.65 -7.41
CA TYR A 12 -3.54 4.60 -6.17
C TYR A 12 -2.99 6.00 -5.92
N ASP A 13 -2.63 6.69 -6.96
CA ASP A 13 -2.08 8.07 -6.79
C ASP A 13 -3.20 9.03 -6.40
N ALA A 14 -4.43 8.67 -6.67
CA ALA A 14 -5.56 9.57 -6.29
C ALA A 14 -5.90 9.32 -4.83
N ILE A 15 -5.82 8.09 -4.40
CA ILE A 15 -6.10 7.78 -2.98
C ILE A 15 -4.89 8.23 -2.16
N PHE A 16 -3.74 8.16 -2.77
CA PHE A 16 -2.49 8.58 -2.07
C PHE A 16 -2.53 10.10 -1.87
N ASP A 17 -3.04 10.80 -2.84
CA ASP A 17 -3.13 12.28 -2.73
C ASP A 17 -4.48 12.69 -2.14
N SER A 18 -5.34 11.73 -1.88
CA SER A 18 -6.66 12.06 -1.29
C SER A 18 -6.48 12.29 0.21
N LEU A 19 -5.38 11.88 0.73
CA LEU A 19 -5.11 12.06 2.18
C LEU A 19 -4.27 13.31 2.38
N SER A 20 -3.18 13.40 1.66
CA SER A 20 -2.21 14.56 1.73
C SER A 20 -0.79 14.02 1.76
N PRO A 21 -0.18 14.04 0.61
CA PRO A 21 1.20 13.53 0.48
C PRO A 21 2.21 14.48 1.13
N VAL A 22 3.24 13.95 1.70
CA VAL A 22 4.28 14.80 2.34
C VAL A 22 5.61 14.58 1.62
N ASN A 23 6.10 15.55 0.91
CA ASN A 23 7.38 15.38 0.19
C ASN A 23 7.34 14.06 -0.60
N GLY A 24 6.16 13.57 -0.90
CA GLY A 24 6.04 12.30 -1.65
C GLY A 24 5.81 11.14 -0.67
N PHE A 25 5.09 11.38 0.39
CA PHE A 25 4.83 10.28 1.38
C PHE A 25 3.50 10.47 2.12
N LEU A 26 2.87 9.37 2.43
CA LEU A 26 1.60 9.43 3.21
C LEU A 26 1.88 8.85 4.58
N SER A 27 1.22 9.30 5.60
CA SER A 27 1.51 8.72 6.94
C SER A 27 0.59 7.54 7.21
N GLY A 28 1.09 6.53 7.86
CA GLY A 28 0.23 5.34 8.17
C GLY A 28 -1.12 5.85 8.68
N ASP A 29 -1.15 7.03 9.23
CA ASP A 29 -2.43 7.60 9.75
C ASP A 29 -3.35 8.00 8.58
N LYS A 30 -2.79 8.23 7.42
CA LYS A 30 -3.63 8.59 6.25
C LYS A 30 -3.97 7.31 5.50
N VAL A 31 -3.04 6.40 5.47
CA VAL A 31 -3.29 5.11 4.78
C VAL A 31 -4.10 4.19 5.68
N LYS A 32 -3.76 4.13 6.94
CA LYS A 32 -4.52 3.26 7.88
C LYS A 32 -6.03 3.33 7.61
N PRO A 33 -6.55 4.52 7.56
CA PRO A 33 -8.00 4.70 7.28
C PRO A 33 -8.30 4.27 5.85
N VAL A 34 -7.36 4.47 4.97
CA VAL A 34 -7.57 4.07 3.54
C VAL A 34 -7.66 2.53 3.48
N LEU A 35 -6.96 1.85 4.34
CA LEU A 35 -7.01 0.36 4.33
C LEU A 35 -8.12 -0.14 5.22
N LEU A 36 -8.45 0.60 6.25
CA LEU A 36 -9.55 0.17 7.15
C LEU A 36 -10.86 0.30 6.39
N ASN A 37 -10.84 1.02 5.30
CA ASN A 37 -12.07 1.17 4.51
C ASN A 37 -12.17 0.07 3.45
N SER A 38 -11.16 -0.76 3.36
CA SER A 38 -11.18 -1.87 2.36
C SER A 38 -12.00 -3.05 2.88
N LYS A 39 -12.75 -2.87 3.93
CA LYS A 39 -13.57 -3.98 4.49
C LYS A 39 -12.64 -5.12 4.96
N LEU A 40 -11.37 -4.89 4.99
CA LEU A 40 -10.43 -5.95 5.45
C LEU A 40 -10.02 -5.70 6.90
N PRO A 41 -9.68 -6.76 7.56
CA PRO A 41 -9.25 -6.65 8.98
C PRO A 41 -7.85 -6.06 9.05
N VAL A 42 -7.38 -5.76 10.22
CA VAL A 42 -6.02 -5.17 10.36
C VAL A 42 -4.98 -6.25 10.03
N ASP A 43 -5.41 -7.47 9.83
CA ASP A 43 -4.45 -8.54 9.50
C ASP A 43 -4.05 -8.42 8.04
N ILE A 44 -4.93 -7.95 7.23
CA ILE A 44 -4.59 -7.77 5.79
C ILE A 44 -3.90 -6.42 5.62
N LEU A 45 -4.43 -5.42 6.26
CA LEU A 45 -3.81 -4.08 6.17
C LEU A 45 -2.49 -4.10 6.93
N GLY A 46 -2.39 -4.94 7.93
CA GLY A 46 -1.13 -5.03 8.70
C GLY A 46 -0.08 -5.67 7.80
N ARG A 47 -0.54 -6.44 6.86
CA ARG A 47 0.40 -7.11 5.92
C ARG A 47 0.43 -6.36 4.59
N VAL A 48 -0.66 -5.75 4.21
CA VAL A 48 -0.67 -5.01 2.92
C VAL A 48 0.21 -3.78 3.07
N TRP A 49 0.19 -3.17 4.22
CA TRP A 49 1.04 -1.98 4.43
C TRP A 49 2.51 -2.40 4.45
N GLU A 50 2.87 -3.37 5.26
CA GLU A 50 4.28 -3.79 5.33
C GLU A 50 4.81 -4.10 3.93
N LEU A 51 4.15 -4.97 3.21
CA LEU A 51 4.60 -5.28 1.83
C LEU A 51 4.51 -4.01 0.99
N SER A 52 3.82 -3.01 1.50
CA SER A 52 3.67 -1.72 0.75
C SER A 52 4.72 -0.71 1.22
N ASP A 53 4.97 -0.65 2.50
CA ASP A 53 5.96 0.33 3.02
C ASP A 53 7.38 -0.06 2.61
N ILE A 54 7.77 0.27 1.40
CA ILE A 54 9.14 -0.08 0.95
C ILE A 54 10.15 0.54 1.92
N ASP A 55 9.75 1.57 2.63
CA ASP A 55 10.66 2.23 3.60
C ASP A 55 10.31 1.81 5.03
N HIS A 56 9.19 1.14 5.20
CA HIS A 56 8.76 0.70 6.56
C HIS A 56 9.08 1.77 7.60
N ASP A 57 8.71 2.99 7.34
CA ASP A 57 8.98 4.08 8.32
C ASP A 57 7.65 4.66 8.80
N GLY A 58 6.57 3.99 8.51
CA GLY A 58 5.24 4.49 8.94
C GLY A 58 4.69 5.44 7.87
N MET A 59 5.06 5.25 6.63
CA MET A 59 4.54 6.16 5.57
C MET A 59 4.45 5.44 4.22
N LEU A 60 3.69 5.98 3.31
CA LEU A 60 3.54 5.35 1.96
C LEU A 60 3.63 6.41 0.84
N ASP A 61 4.69 6.40 0.08
CA ASP A 61 4.84 7.41 -1.00
C ASP A 61 3.88 7.09 -2.16
N ARG A 62 3.80 7.96 -3.12
CA ARG A 62 2.89 7.73 -4.27
C ARG A 62 3.16 6.34 -4.88
N ASP A 63 4.40 5.98 -5.01
CA ASP A 63 4.73 4.64 -5.58
C ASP A 63 4.56 3.57 -4.51
N GLU A 64 4.88 3.92 -3.29
CA GLU A 64 4.72 2.95 -2.18
C GLU A 64 3.23 2.72 -1.92
N PHE A 65 2.50 3.79 -1.74
CA PHE A 65 1.04 3.67 -1.51
C PHE A 65 0.43 2.83 -2.64
N ALA A 66 1.05 2.84 -3.78
CA ALA A 66 0.52 2.04 -4.92
C ALA A 66 0.56 0.55 -4.58
N VAL A 67 1.70 0.07 -4.16
CA VAL A 67 1.82 -1.36 -3.81
C VAL A 67 0.75 -1.74 -2.77
N ALA A 68 0.27 -0.77 -2.02
CA ALA A 68 -0.75 -1.08 -0.97
C ALA A 68 -2.17 -1.00 -1.51
N MET A 69 -2.37 -0.54 -2.71
CA MET A 69 -3.76 -0.46 -3.21
C MET A 69 -4.14 -1.76 -3.92
N PHE A 70 -3.25 -2.31 -4.70
CA PHE A 70 -3.59 -3.59 -5.38
C PHE A 70 -3.42 -4.73 -4.36
N LEU A 71 -2.70 -4.48 -3.31
CA LEU A 71 -2.52 -5.51 -2.25
C LEU A 71 -3.80 -5.58 -1.42
N VAL A 72 -4.53 -4.49 -1.37
CA VAL A 72 -5.80 -4.48 -0.61
C VAL A 72 -6.96 -4.86 -1.52
N TYR A 73 -7.14 -4.15 -2.59
CA TYR A 73 -8.25 -4.47 -3.52
C TYR A 73 -8.19 -5.95 -3.94
N CYS A 74 -7.06 -6.57 -3.79
CA CYS A 74 -6.95 -8.00 -4.18
C CYS A 74 -7.43 -8.90 -3.03
N ALA A 75 -7.54 -8.36 -1.84
CA ALA A 75 -8.01 -9.18 -0.71
C ALA A 75 -9.53 -9.10 -0.62
N LEU A 76 -10.12 -8.18 -1.35
CA LEU A 76 -11.59 -8.05 -1.34
C LEU A 76 -12.21 -8.94 -2.41
N GLU A 77 -11.57 -9.00 -3.54
CA GLU A 77 -12.09 -9.85 -4.65
C GLU A 77 -11.86 -11.32 -4.31
N LYS A 78 -10.65 -11.67 -3.99
CA LYS A 78 -10.36 -13.10 -3.65
C LYS A 78 -8.87 -13.33 -3.38
N GLU A 79 -8.01 -12.51 -3.92
CA GLU A 79 -6.55 -12.69 -3.70
C GLU A 79 -6.15 -12.32 -2.27
N PRO A 80 -5.75 -13.31 -1.52
CA PRO A 80 -5.33 -13.08 -0.11
C PRO A 80 -3.98 -12.34 -0.10
N VAL A 81 -3.62 -11.80 1.02
CA VAL A 81 -2.31 -11.06 1.09
C VAL A 81 -1.32 -11.81 1.99
N PRO A 82 -0.22 -12.19 1.40
CA PRO A 82 0.83 -12.89 2.15
C PRO A 82 1.73 -11.88 2.86
N MET A 83 2.89 -12.29 3.28
CA MET A 83 3.80 -11.33 3.96
C MET A 83 5.08 -11.15 3.16
N SER A 84 5.19 -11.81 2.05
CA SER A 84 6.43 -11.68 1.25
C SER A 84 6.17 -10.87 0.01
N LEU A 85 6.58 -9.65 0.02
CA LEU A 85 6.39 -8.79 -1.17
C LEU A 85 7.26 -9.35 -2.31
N PRO A 86 6.60 -9.93 -3.28
CA PRO A 86 7.31 -10.54 -4.43
C PRO A 86 8.05 -9.47 -5.24
N PRO A 87 9.12 -9.90 -5.86
CA PRO A 87 9.96 -8.98 -6.68
C PRO A 87 9.22 -8.53 -7.94
N ALA A 88 8.07 -9.08 -8.17
CA ALA A 88 7.28 -8.68 -9.37
C ALA A 88 6.56 -7.37 -9.10
N LEU A 89 6.70 -6.85 -7.91
CA LEU A 89 6.02 -5.58 -7.58
C LEU A 89 6.85 -4.76 -6.59
N VAL A 90 8.16 -4.79 -6.73
CA VAL A 90 9.01 -4.01 -5.80
C VAL A 90 10.04 -3.18 -6.57
N PRO A 91 10.23 -1.98 -6.11
CA PRO A 91 11.21 -1.06 -6.75
C PRO A 91 12.64 -1.49 -6.43
N PRO A 92 13.58 -0.96 -7.16
CA PRO A 92 15.00 -1.30 -6.94
C PRO A 92 15.49 -0.70 -5.62
N SER A 93 16.76 -0.83 -5.35
CA SER A 93 17.33 -0.29 -4.07
C SER A 93 17.01 -1.23 -2.91
N LYS A 94 15.81 -1.75 -2.86
CA LYS A 94 15.47 -2.69 -1.77
C LYS A 94 15.86 -4.10 -2.21
N ARG A 95 16.49 -4.22 -3.34
CA ARG A 95 16.90 -5.58 -3.83
C ARG A 95 18.27 -5.94 -3.25
N SER B 6 5.51 1.79 16.58
CA SER B 6 5.16 2.45 15.29
C SER B 6 5.28 1.45 14.13
N THR B 7 5.45 0.20 14.43
CA THR B 7 5.58 -0.82 13.34
C THR B 7 4.20 -1.18 12.79
N ASN B 8 3.89 -0.72 11.62
CA ASN B 8 2.56 -1.04 11.01
C ASN B 8 1.42 -0.51 11.90
N PRO B 9 0.78 0.52 11.42
CA PRO B 9 -0.34 1.16 12.17
C PRO B 9 -1.60 0.26 12.17
N PHE B 10 -1.52 -0.92 11.61
CA PHE B 10 -2.71 -1.82 11.60
C PHE B 10 -2.57 -2.87 12.71
N ARG B 11 -1.42 -3.46 12.82
CA ARG B 11 -1.20 -4.49 13.88
C ARG B 11 -1.70 -3.97 15.23
CA CA C . 7.46 3.44 3.62
N PRO A 1 5.30 -7.28 -15.84
CA PRO A 1 5.74 -5.90 -15.51
C PRO A 1 5.40 -5.57 -14.07
N TRP A 2 5.45 -4.32 -13.70
CA TRP A 2 5.14 -3.94 -12.30
C TRP A 2 3.79 -4.54 -11.90
N ALA A 3 3.76 -5.28 -10.83
CA ALA A 3 2.49 -5.91 -10.38
C ALA A 3 1.34 -4.93 -10.54
N VAL A 4 1.62 -3.66 -10.49
CA VAL A 4 0.53 -2.65 -10.64
C VAL A 4 0.64 -1.97 -12.01
N LYS A 5 -0.48 -1.76 -12.66
CA LYS A 5 -0.44 -1.10 -14.00
C LYS A 5 -0.56 0.42 -13.83
N PRO A 6 -0.58 1.10 -14.95
CA PRO A 6 -0.70 2.57 -14.93
C PRO A 6 -2.11 2.98 -14.49
N GLU A 7 -3.09 2.22 -14.90
CA GLU A 7 -4.50 2.54 -14.51
C GLU A 7 -4.72 2.19 -13.03
N ASP A 8 -3.95 1.28 -12.51
CA ASP A 8 -4.10 0.90 -11.07
C ASP A 8 -3.34 1.91 -10.22
N LYS A 9 -2.18 2.31 -10.66
CA LYS A 9 -1.40 3.29 -9.88
C LYS A 9 -2.03 4.68 -10.05
N ALA A 10 -2.78 4.85 -11.09
CA ALA A 10 -3.44 6.17 -11.32
C ALA A 10 -4.56 6.36 -10.31
N LYS A 11 -5.27 5.32 -9.99
CA LYS A 11 -6.35 5.43 -8.98
C LYS A 11 -5.72 5.44 -7.59
N TYR A 12 -4.59 4.80 -7.45
CA TYR A 12 -3.90 4.80 -6.13
C TYR A 12 -3.31 6.18 -5.89
N ASP A 13 -2.82 6.80 -6.92
CA ASP A 13 -2.23 8.16 -6.76
C ASP A 13 -3.34 9.18 -6.46
N ALA A 14 -4.57 8.82 -6.74
CA ALA A 14 -5.69 9.76 -6.44
C ALA A 14 -6.06 9.60 -4.97
N ILE A 15 -6.00 8.39 -4.47
CA ILE A 15 -6.32 8.17 -3.05
C ILE A 15 -5.11 8.58 -2.22
N PHE A 16 -3.94 8.37 -2.76
CA PHE A 16 -2.70 8.76 -2.04
C PHE A 16 -2.65 10.30 -1.96
N ASP A 17 -3.08 10.94 -3.01
CA ASP A 17 -3.07 12.43 -3.04
C ASP A 17 -4.36 12.98 -2.43
N SER A 18 -5.26 12.12 -2.05
CA SER A 18 -6.54 12.59 -1.43
C SER A 18 -6.34 12.78 0.07
N LEU A 19 -5.20 12.35 0.57
CA LEU A 19 -4.90 12.49 2.02
C LEU A 19 -3.96 13.67 2.23
N SER A 20 -3.34 14.10 1.15
CA SER A 20 -2.36 15.23 1.21
C SER A 20 -0.97 14.67 1.50
N PRO A 21 -0.30 14.33 0.43
CA PRO A 21 1.06 13.75 0.53
C PRO A 21 2.08 14.83 0.85
N VAL A 22 3.13 14.46 1.53
CA VAL A 22 4.18 15.45 1.86
C VAL A 22 5.47 15.04 1.16
N ASN A 23 5.90 15.80 0.18
CA ASN A 23 7.12 15.42 -0.57
C ASN A 23 6.85 14.12 -1.32
N GLY A 24 5.60 13.74 -1.42
CA GLY A 24 5.24 12.48 -2.13
C GLY A 24 5.16 11.33 -1.11
N PHE A 25 4.76 11.61 0.10
CA PHE A 25 4.69 10.51 1.11
C PHE A 25 3.43 10.59 1.97
N LEU A 26 2.81 9.47 2.18
CA LEU A 26 1.62 9.45 3.06
C LEU A 26 2.01 8.79 4.37
N SER A 27 1.39 9.13 5.45
CA SER A 27 1.76 8.49 6.73
C SER A 27 0.76 7.40 7.08
N GLY A 28 1.20 6.36 7.73
CA GLY A 28 0.24 5.27 8.11
C GLY A 28 -1.03 5.92 8.65
N ASP A 29 -0.92 7.11 9.18
CA ASP A 29 -2.11 7.82 9.73
C ASP A 29 -3.09 8.18 8.61
N LYS A 30 -2.63 8.27 7.38
CA LYS A 30 -3.56 8.60 6.27
C LYS A 30 -3.89 7.33 5.53
N VAL A 31 -2.95 6.44 5.44
CA VAL A 31 -3.19 5.15 4.75
C VAL A 31 -3.97 4.21 5.67
N LYS A 32 -3.69 4.26 6.94
CA LYS A 32 -4.42 3.37 7.90
C LYS A 32 -5.92 3.36 7.60
N PRO A 33 -6.52 4.53 7.55
CA PRO A 33 -7.97 4.63 7.25
C PRO A 33 -8.24 4.22 5.80
N VAL A 34 -7.29 4.46 4.95
CA VAL A 34 -7.46 4.09 3.51
C VAL A 34 -7.57 2.57 3.37
N LEU A 35 -6.97 1.85 4.27
CA LEU A 35 -7.03 0.36 4.20
C LEU A 35 -8.17 -0.17 5.07
N LEU A 36 -8.48 0.53 6.12
CA LEU A 36 -9.59 0.08 6.98
C LEU A 36 -10.89 0.27 6.22
N ASN A 37 -10.84 0.94 5.10
CA ASN A 37 -12.07 1.18 4.32
C ASN A 37 -12.31 0.01 3.35
N SER A 38 -11.37 -0.91 3.26
CA SER A 38 -11.55 -2.07 2.34
C SER A 38 -12.35 -3.18 3.03
N LYS A 39 -13.05 -2.86 4.08
CA LYS A 39 -13.84 -3.90 4.80
C LYS A 39 -12.94 -5.07 5.16
N LEU A 40 -11.65 -4.84 5.18
CA LEU A 40 -10.69 -5.93 5.53
C LEU A 40 -10.25 -5.78 6.98
N PRO A 41 -9.84 -6.88 7.54
CA PRO A 41 -9.37 -6.86 8.93
C PRO A 41 -7.98 -6.24 8.99
N VAL A 42 -7.54 -5.82 10.14
CA VAL A 42 -6.19 -5.23 10.26
C VAL A 42 -5.14 -6.29 10.00
N ASP A 43 -5.55 -7.52 9.84
CA ASP A 43 -4.57 -8.60 9.57
C ASP A 43 -4.12 -8.47 8.11
N ILE A 44 -5.00 -8.00 7.26
CA ILE A 44 -4.62 -7.82 5.84
C ILE A 44 -3.86 -6.51 5.71
N LEU A 45 -4.36 -5.51 6.36
CA LEU A 45 -3.68 -4.18 6.30
C LEU A 45 -2.35 -4.26 7.03
N GLY A 46 -2.26 -5.06 8.06
CA GLY A 46 -0.97 -5.16 8.78
C GLY A 46 0.03 -5.83 7.85
N ARG A 47 -0.47 -6.59 6.92
CA ARG A 47 0.43 -7.28 5.97
C ARG A 47 0.45 -6.54 4.63
N VAL A 48 -0.64 -5.94 4.28
CA VAL A 48 -0.66 -5.20 2.98
C VAL A 48 0.21 -3.96 3.12
N TRP A 49 0.13 -3.31 4.26
CA TRP A 49 0.97 -2.09 4.45
C TRP A 49 2.45 -2.48 4.43
N GLU A 50 2.83 -3.46 5.19
CA GLU A 50 4.28 -3.84 5.21
C GLU A 50 4.80 -3.94 3.78
N LEU A 51 4.20 -4.76 2.98
CA LEU A 51 4.66 -4.88 1.57
C LEU A 51 4.44 -3.54 0.85
N SER A 52 3.66 -2.67 1.45
CA SER A 52 3.42 -1.32 0.86
C SER A 52 4.52 -0.37 1.36
N ASP A 53 4.87 -0.49 2.62
CA ASP A 53 5.93 0.37 3.20
C ASP A 53 7.31 -0.15 2.83
N ILE A 54 7.89 0.36 1.78
CA ILE A 54 9.24 -0.11 1.37
C ILE A 54 10.32 0.70 2.06
N ASP A 55 9.95 1.80 2.67
CA ASP A 55 10.94 2.63 3.40
C ASP A 55 10.85 2.33 4.89
N HIS A 56 9.81 1.66 5.30
CA HIS A 56 9.65 1.32 6.73
C HIS A 56 9.71 2.59 7.59
N ASP A 57 8.98 3.60 7.21
CA ASP A 57 8.99 4.86 8.02
C ASP A 57 7.56 5.25 8.38
N GLY A 58 6.69 4.29 8.52
CA GLY A 58 5.28 4.59 8.85
C GLY A 58 4.70 5.50 7.77
N MET A 59 5.05 5.26 6.53
CA MET A 59 4.51 6.12 5.44
C MET A 59 4.38 5.35 4.13
N LEU A 60 3.57 5.86 3.22
CA LEU A 60 3.40 5.20 1.91
C LEU A 60 3.59 6.22 0.78
N ASP A 61 4.68 6.15 0.07
CA ASP A 61 4.91 7.13 -1.03
C ASP A 61 3.92 6.87 -2.16
N ARG A 62 3.67 7.85 -2.98
CA ARG A 62 2.70 7.66 -4.11
C ARG A 62 2.91 6.30 -4.75
N ASP A 63 4.14 5.92 -4.95
CA ASP A 63 4.43 4.59 -5.57
C ASP A 63 4.13 3.50 -4.56
N GLU A 64 4.55 3.69 -3.35
CA GLU A 64 4.29 2.65 -2.31
C GLU A 64 2.80 2.55 -2.07
N PHE A 65 2.15 3.67 -1.83
CA PHE A 65 0.69 3.64 -1.61
C PHE A 65 0.04 2.83 -2.74
N ALA A 66 0.64 2.82 -3.89
CA ALA A 66 0.05 2.05 -5.02
C ALA A 66 0.07 0.55 -4.71
N VAL A 67 1.18 0.07 -4.21
CA VAL A 67 1.27 -1.38 -3.88
C VAL A 67 0.27 -1.74 -2.78
N ALA A 68 -0.16 -0.76 -2.04
CA ALA A 68 -1.13 -1.04 -0.94
C ALA A 68 -2.58 -0.95 -1.44
N MET A 69 -2.79 -0.54 -2.66
CA MET A 69 -4.20 -0.45 -3.14
C MET A 69 -4.61 -1.76 -3.81
N PHE A 70 -3.78 -2.31 -4.63
CA PHE A 70 -4.15 -3.61 -5.26
C PHE A 70 -4.00 -4.71 -4.21
N LEU A 71 -3.13 -4.49 -3.25
CA LEU A 71 -2.94 -5.49 -2.17
C LEU A 71 -4.21 -5.54 -1.33
N VAL A 72 -4.93 -4.45 -1.27
CA VAL A 72 -6.18 -4.41 -0.49
C VAL A 72 -7.34 -4.79 -1.41
N TYR A 73 -7.54 -4.03 -2.44
CA TYR A 73 -8.66 -4.32 -3.39
C TYR A 73 -8.66 -5.80 -3.78
N CYS A 74 -7.55 -6.46 -3.69
CA CYS A 74 -7.51 -7.90 -4.07
C CYS A 74 -8.00 -8.77 -2.91
N ALA A 75 -7.99 -8.24 -1.72
CA ALA A 75 -8.47 -9.03 -0.56
C ALA A 75 -10.00 -8.94 -0.48
N LEU A 76 -10.58 -8.04 -1.23
CA LEU A 76 -12.06 -7.89 -1.21
C LEU A 76 -12.68 -8.78 -2.27
N GLU A 77 -12.14 -8.73 -3.45
CA GLU A 77 -12.70 -9.56 -4.55
C GLU A 77 -12.43 -11.04 -4.28
N LYS A 78 -11.19 -11.41 -4.17
CA LYS A 78 -10.86 -12.84 -3.90
C LYS A 78 -9.35 -13.08 -3.89
N GLU A 79 -8.60 -12.28 -3.19
CA GLU A 79 -7.12 -12.51 -3.18
C GLU A 79 -6.52 -12.10 -1.83
N PRO A 80 -6.06 -13.09 -1.11
CA PRO A 80 -5.45 -12.84 0.22
C PRO A 80 -4.12 -12.10 0.05
N VAL A 81 -3.48 -11.75 1.13
CA VAL A 81 -2.18 -11.01 1.02
C VAL A 81 -1.07 -11.75 1.78
N PRO A 82 0.00 -12.03 1.08
CA PRO A 82 1.16 -12.72 1.67
C PRO A 82 2.11 -11.70 2.31
N MET A 83 3.00 -12.13 3.16
CA MET A 83 3.96 -11.17 3.79
C MET A 83 5.25 -11.10 3.00
N SER A 84 5.24 -11.55 1.79
CA SER A 84 6.50 -11.52 1.00
C SER A 84 6.42 -10.51 -0.12
N LEU A 85 7.08 -9.41 0.05
CA LEU A 85 7.07 -8.36 -0.99
C LEU A 85 7.68 -8.91 -2.29
N PRO A 86 6.84 -9.13 -3.26
CA PRO A 86 7.31 -9.65 -4.57
C PRO A 86 8.10 -8.54 -5.27
N PRO A 87 9.08 -8.95 -6.03
CA PRO A 87 9.92 -7.96 -6.74
C PRO A 87 9.11 -7.28 -7.84
N ALA A 88 7.96 -7.80 -8.14
CA ALA A 88 7.11 -7.15 -9.18
C ALA A 88 6.23 -6.09 -8.51
N LEU A 89 6.59 -5.69 -7.33
CA LEU A 89 5.79 -4.67 -6.60
C LEU A 89 6.61 -3.40 -6.40
N VAL A 90 7.86 -3.42 -6.76
CA VAL A 90 8.73 -2.23 -6.56
C VAL A 90 8.84 -1.41 -7.83
N PRO A 91 8.51 -0.15 -7.73
CA PRO A 91 8.60 0.77 -8.89
C PRO A 91 10.06 1.18 -9.10
N PRO A 92 10.28 1.90 -10.16
CA PRO A 92 11.66 2.37 -10.48
C PRO A 92 12.09 3.46 -9.50
N SER A 93 11.22 3.84 -8.59
CA SER A 93 11.61 4.89 -7.60
C SER A 93 12.42 4.27 -6.48
N LYS A 94 12.13 3.06 -6.13
CA LYS A 94 12.90 2.39 -5.05
C LYS A 94 14.10 1.67 -5.65
N ARG A 95 14.38 1.92 -6.91
CA ARG A 95 15.55 1.26 -7.55
C ARG A 95 16.06 2.10 -8.73
N SER B 6 9.43 0.73 11.30
CA SER B 6 8.35 -0.17 10.78
C SER B 6 7.20 -0.25 11.77
N THR B 7 6.57 0.87 12.05
CA THR B 7 5.44 0.87 13.02
C THR B 7 4.12 0.56 12.29
N ASN B 8 3.97 -0.64 11.81
CA ASN B 8 2.70 -0.99 11.10
C ASN B 8 1.50 -0.51 11.92
N PRO B 9 0.78 0.43 11.35
CA PRO B 9 -0.40 1.00 12.05
C PRO B 9 -1.58 0.01 12.05
N PHE B 10 -1.43 -1.13 11.42
CA PHE B 10 -2.52 -2.15 11.43
C PHE B 10 -2.03 -3.38 12.19
N ARG B 11 -1.06 -4.05 11.64
CA ARG B 11 -0.46 -5.28 12.24
C ARG B 11 -1.30 -6.51 11.88
CA CA C . 7.58 4.15 2.79
N PRO A 1 6.50 -6.91 -15.69
CA PRO A 1 6.81 -5.51 -15.31
C PRO A 1 6.39 -5.23 -13.86
N TRP A 2 6.36 -3.99 -13.47
CA TRP A 2 5.95 -3.65 -12.09
C TRP A 2 4.61 -4.32 -11.77
N ALA A 3 4.55 -5.11 -10.74
CA ALA A 3 3.27 -5.78 -10.38
C ALA A 3 2.12 -4.79 -10.51
N VAL A 4 2.39 -3.52 -10.37
CA VAL A 4 1.31 -2.50 -10.50
C VAL A 4 1.34 -1.89 -11.90
N LYS A 5 0.21 -1.43 -12.38
CA LYS A 5 0.18 -0.83 -13.73
C LYS A 5 -0.04 0.69 -13.64
N PRO A 6 0.02 1.32 -14.78
CA PRO A 6 -0.19 2.79 -14.86
C PRO A 6 -1.65 3.13 -14.52
N GLU A 7 -2.57 2.31 -14.94
CA GLU A 7 -3.99 2.58 -14.65
C GLU A 7 -4.27 2.29 -13.16
N ASP A 8 -3.55 1.37 -12.60
CA ASP A 8 -3.75 1.07 -11.15
C ASP A 8 -2.97 2.09 -10.33
N LYS A 9 -1.80 2.43 -10.80
CA LYS A 9 -0.98 3.45 -10.07
C LYS A 9 -1.64 4.82 -10.23
N ALA A 10 -2.52 4.94 -11.18
CA ALA A 10 -3.22 6.24 -11.38
C ALA A 10 -4.29 6.41 -10.31
N LYS A 11 -4.99 5.36 -10.01
CA LYS A 11 -6.02 5.44 -8.94
C LYS A 11 -5.32 5.38 -7.59
N TYR A 12 -4.16 4.78 -7.55
CA TYR A 12 -3.39 4.70 -6.28
C TYR A 12 -2.82 6.07 -5.97
N ASP A 13 -2.40 6.77 -6.98
CA ASP A 13 -1.83 8.13 -6.77
C ASP A 13 -2.93 9.12 -6.44
N ALA A 14 -4.15 8.79 -6.78
CA ALA A 14 -5.28 9.72 -6.47
C ALA A 14 -5.71 9.47 -5.03
N ILE A 15 -5.67 8.24 -4.59
CA ILE A 15 -6.04 7.93 -3.19
C ILE A 15 -4.87 8.34 -2.31
N PHE A 16 -3.67 8.20 -2.82
CA PHE A 16 -2.47 8.60 -2.04
C PHE A 16 -2.52 10.12 -1.81
N ASP A 17 -2.96 10.84 -2.80
CA ASP A 17 -3.05 12.32 -2.67
C ASP A 17 -4.43 12.71 -2.12
N SER A 18 -5.28 11.76 -1.91
CA SER A 18 -6.63 12.07 -1.36
C SER A 18 -6.53 12.22 0.16
N LEU A 19 -5.40 11.85 0.71
CA LEU A 19 -5.21 11.96 2.17
C LEU A 19 -4.44 13.24 2.49
N SER A 20 -3.29 13.40 1.86
CA SER A 20 -2.42 14.60 2.08
C SER A 20 -0.97 14.21 1.86
N PRO A 21 -0.59 14.25 0.62
CA PRO A 21 0.78 13.89 0.25
C PRO A 21 1.71 15.04 0.60
N VAL A 22 2.68 14.74 1.37
CA VAL A 22 3.66 15.75 1.79
C VAL A 22 5.04 15.33 1.33
N ASN A 23 5.68 16.16 0.55
CA ASN A 23 7.02 15.78 0.02
C ASN A 23 6.89 14.47 -0.76
N GLY A 24 5.69 14.16 -1.18
CA GLY A 24 5.45 12.90 -1.94
C GLY A 24 5.34 11.74 -0.95
N PHE A 25 4.61 11.92 0.12
CA PHE A 25 4.48 10.82 1.12
C PHE A 25 3.15 10.87 1.87
N LEU A 26 2.77 9.76 2.43
CA LEU A 26 1.53 9.69 3.25
C LEU A 26 1.92 9.10 4.60
N SER A 27 1.13 9.28 5.61
CA SER A 27 1.50 8.71 6.92
C SER A 27 0.63 7.50 7.26
N GLY A 28 1.18 6.54 7.94
CA GLY A 28 0.37 5.34 8.30
C GLY A 28 -0.99 5.79 8.81
N ASP A 29 -1.07 6.99 9.31
CA ASP A 29 -2.36 7.52 9.83
C ASP A 29 -3.28 7.91 8.68
N LYS A 30 -2.75 8.14 7.50
CA LYS A 30 -3.61 8.50 6.35
C LYS A 30 -3.93 7.23 5.57
N VAL A 31 -2.98 6.34 5.52
CA VAL A 31 -3.21 5.05 4.81
C VAL A 31 -4.04 4.11 5.68
N LYS A 32 -3.73 4.05 6.94
CA LYS A 32 -4.49 3.16 7.85
C LYS A 32 -5.99 3.20 7.54
N PRO A 33 -6.54 4.39 7.50
CA PRO A 33 -7.98 4.54 7.19
C PRO A 33 -8.25 4.11 5.75
N VAL A 34 -7.32 4.39 4.87
CA VAL A 34 -7.50 3.96 3.45
C VAL A 34 -7.61 2.44 3.39
N LEU A 35 -6.91 1.77 4.27
CA LEU A 35 -6.94 0.29 4.30
C LEU A 35 -8.08 -0.19 5.20
N LEU A 36 -8.42 0.58 6.19
CA LEU A 36 -9.53 0.18 7.08
C LEU A 36 -10.84 0.34 6.32
N ASN A 37 -10.80 1.02 5.21
CA ASN A 37 -12.04 1.22 4.42
C ASN A 37 -12.18 0.10 3.39
N SER A 38 -11.21 -0.76 3.30
CA SER A 38 -11.28 -1.89 2.32
C SER A 38 -12.14 -3.03 2.87
N LYS A 39 -12.84 -2.79 3.95
CA LYS A 39 -13.68 -3.87 4.55
C LYS A 39 -12.79 -5.02 5.00
N LEU A 40 -11.49 -4.82 5.01
CA LEU A 40 -10.56 -5.90 5.44
C LEU A 40 -10.12 -5.66 6.89
N PRO A 41 -9.75 -6.73 7.53
CA PRO A 41 -9.30 -6.63 8.94
C PRO A 41 -7.88 -6.04 8.99
N VAL A 42 -7.41 -5.71 10.15
CA VAL A 42 -6.04 -5.15 10.26
C VAL A 42 -5.02 -6.24 9.91
N ASP A 43 -5.47 -7.45 9.75
CA ASP A 43 -4.55 -8.55 9.41
C ASP A 43 -4.14 -8.40 7.95
N ILE A 44 -5.00 -7.81 7.16
CA ILE A 44 -4.66 -7.61 5.74
C ILE A 44 -3.94 -6.27 5.60
N LEU A 45 -4.39 -5.30 6.34
CA LEU A 45 -3.73 -3.97 6.29
C LEU A 45 -2.43 -4.04 7.08
N GLY A 46 -2.40 -4.88 8.09
CA GLY A 46 -1.16 -5.02 8.89
C GLY A 46 -0.12 -5.68 8.01
N ARG A 47 -0.58 -6.43 7.05
CA ARG A 47 0.34 -7.14 6.12
C ARG A 47 0.41 -6.40 4.78
N VAL A 48 -0.67 -5.83 4.33
CA VAL A 48 -0.63 -5.12 3.03
C VAL A 48 0.24 -3.89 3.17
N TRP A 49 0.17 -3.24 4.29
CA TRP A 49 1.02 -2.04 4.49
C TRP A 49 2.50 -2.47 4.48
N GLU A 50 2.84 -3.43 5.29
CA GLU A 50 4.26 -3.86 5.36
C GLU A 50 4.80 -4.15 3.95
N LEU A 51 4.19 -5.06 3.24
CA LEU A 51 4.66 -5.35 1.87
C LEU A 51 4.52 -4.09 1.01
N SER A 52 3.77 -3.12 1.49
CA SER A 52 3.59 -1.85 0.74
C SER A 52 4.58 -0.79 1.21
N ASP A 53 5.01 -0.90 2.45
CA ASP A 53 5.96 0.09 3.00
C ASP A 53 7.38 -0.18 2.51
N ILE A 54 7.78 0.45 1.44
CA ILE A 54 9.15 0.23 0.91
C ILE A 54 10.18 0.92 1.81
N ASP A 55 9.82 2.02 2.41
CA ASP A 55 10.76 2.74 3.30
C ASP A 55 10.53 2.34 4.76
N HIS A 56 9.40 1.73 5.03
CA HIS A 56 9.11 1.31 6.43
C HIS A 56 9.27 2.50 7.39
N ASP A 57 8.66 3.60 7.08
CA ASP A 57 8.77 4.79 7.98
C ASP A 57 7.38 5.27 8.37
N GLY A 58 6.47 4.37 8.57
CA GLY A 58 5.08 4.77 8.94
C GLY A 58 4.53 5.69 7.85
N MET A 59 4.91 5.46 6.62
CA MET A 59 4.42 6.33 5.51
C MET A 59 4.36 5.55 4.19
N LEU A 60 3.59 6.04 3.25
CA LEU A 60 3.49 5.37 1.93
C LEU A 60 3.66 6.42 0.81
N ASP A 61 4.75 6.38 0.10
CA ASP A 61 4.96 7.38 -0.99
C ASP A 61 4.00 7.12 -2.14
N ARG A 62 3.89 8.05 -3.05
CA ARG A 62 2.98 7.87 -4.21
C ARG A 62 3.15 6.47 -4.81
N ASP A 63 4.37 6.03 -4.96
CA ASP A 63 4.61 4.68 -5.53
C ASP A 63 4.37 3.63 -4.45
N GLU A 64 4.73 3.94 -3.23
CA GLU A 64 4.52 2.99 -2.12
C GLU A 64 3.04 2.75 -1.94
N PHE A 65 2.29 3.81 -1.80
CA PHE A 65 0.82 3.69 -1.63
C PHE A 65 0.25 2.87 -2.78
N ALA A 66 0.97 2.77 -3.85
CA ALA A 66 0.47 1.98 -5.01
C ALA A 66 0.55 0.49 -4.69
N VAL A 67 1.66 0.07 -4.17
CA VAL A 67 1.84 -1.36 -3.82
C VAL A 67 0.78 -1.79 -2.81
N ALA A 68 0.32 -0.87 -2.00
CA ALA A 68 -0.69 -1.22 -0.97
C ALA A 68 -2.11 -1.07 -1.50
N MET A 69 -2.28 -0.58 -2.70
CA MET A 69 -3.66 -0.44 -3.25
C MET A 69 -4.09 -1.73 -3.94
N PHE A 70 -3.22 -2.33 -4.70
CA PHE A 70 -3.59 -3.60 -5.37
C PHE A 70 -3.51 -4.73 -4.34
N LEU A 71 -2.75 -4.52 -3.30
CA LEU A 71 -2.64 -5.55 -2.23
C LEU A 71 -3.93 -5.54 -1.42
N VAL A 72 -4.64 -4.44 -1.44
CA VAL A 72 -5.92 -4.34 -0.69
C VAL A 72 -7.08 -4.76 -1.58
N TYR A 73 -7.28 -4.07 -2.67
CA TYR A 73 -8.42 -4.42 -3.55
C TYR A 73 -8.35 -5.89 -3.98
N CYS A 74 -7.22 -6.50 -3.88
CA CYS A 74 -7.11 -7.93 -4.29
C CYS A 74 -7.58 -8.82 -3.13
N ALA A 75 -7.63 -8.28 -1.95
CA ALA A 75 -8.08 -9.08 -0.78
C ALA A 75 -9.59 -9.06 -0.69
N LEU A 76 -10.22 -8.15 -1.38
CA LEU A 76 -11.71 -8.08 -1.35
C LEU A 76 -12.28 -8.98 -2.43
N GLU A 77 -11.67 -8.98 -3.58
CA GLU A 77 -12.18 -9.84 -4.68
C GLU A 77 -11.90 -11.31 -4.37
N LYS A 78 -10.69 -11.64 -4.05
CA LYS A 78 -10.37 -13.06 -3.72
C LYS A 78 -8.87 -13.26 -3.42
N GLU A 79 -8.02 -12.41 -3.93
CA GLU A 79 -6.57 -12.58 -3.69
C GLU A 79 -6.17 -12.07 -2.30
N PRO A 80 -5.82 -12.99 -1.45
CA PRO A 80 -5.39 -12.63 -0.07
C PRO A 80 -4.06 -11.88 -0.11
N VAL A 81 -3.48 -11.62 1.03
CA VAL A 81 -2.18 -10.89 1.04
C VAL A 81 -1.15 -11.64 1.89
N PRO A 82 -0.18 -12.19 1.23
CA PRO A 82 0.90 -12.94 1.93
C PRO A 82 1.86 -11.95 2.57
N MET A 83 2.98 -12.41 3.06
CA MET A 83 3.96 -11.47 3.68
C MET A 83 5.22 -11.39 2.85
N SER A 84 5.15 -11.74 1.62
CA SER A 84 6.37 -11.69 0.79
C SER A 84 6.23 -10.64 -0.29
N LEU A 85 6.82 -9.51 -0.08
CA LEU A 85 6.73 -8.44 -1.09
C LEU A 85 7.56 -8.88 -2.31
N PRO A 86 6.86 -9.20 -3.38
CA PRO A 86 7.50 -9.67 -4.62
C PRO A 86 8.38 -8.59 -5.25
N PRO A 87 9.46 -9.04 -5.86
CA PRO A 87 10.42 -8.11 -6.51
C PRO A 87 9.84 -7.54 -7.80
N ALA A 88 8.69 -8.02 -8.20
CA ALA A 88 8.06 -7.51 -9.45
C ALA A 88 7.24 -6.27 -9.08
N LEU A 89 6.86 -6.19 -7.84
CA LEU A 89 6.07 -5.03 -7.36
C LEU A 89 7.04 -4.00 -6.76
N VAL A 90 8.28 -4.35 -6.61
CA VAL A 90 9.27 -3.39 -6.04
C VAL A 90 9.84 -2.46 -7.11
N PRO A 91 9.81 -1.19 -6.83
CA PRO A 91 10.36 -0.18 -7.77
C PRO A 91 11.89 -0.26 -7.79
N PRO A 92 12.50 0.55 -8.61
CA PRO A 92 13.98 0.56 -8.70
C PRO A 92 14.57 1.06 -7.38
N SER A 93 15.88 1.17 -7.31
CA SER A 93 16.54 1.63 -6.06
C SER A 93 16.53 0.50 -5.02
N LYS A 94 15.39 -0.09 -4.80
CA LYS A 94 15.34 -1.21 -3.83
C LYS A 94 15.63 -2.51 -4.57
N ARG A 95 16.13 -2.40 -5.78
CA ARG A 95 16.46 -3.63 -6.55
C ARG A 95 17.26 -4.60 -5.69
N SER B 6 9.87 -1.76 11.28
CA SER B 6 8.47 -1.93 10.80
C SER B 6 7.47 -1.56 11.91
N THR B 7 6.65 -0.59 11.68
CA THR B 7 5.66 -0.18 12.73
C THR B 7 4.27 -0.75 12.41
N ASN B 8 3.85 -0.63 11.19
CA ASN B 8 2.50 -1.17 10.82
C ASN B 8 1.43 -0.62 11.77
N PRO B 9 0.84 0.47 11.37
CA PRO B 9 -0.23 1.13 12.17
C PRO B 9 -1.54 0.31 12.20
N PHE B 10 -1.53 -0.90 11.70
CA PHE B 10 -2.77 -1.72 11.70
C PHE B 10 -2.74 -2.70 12.88
N ARG B 11 -1.64 -3.35 13.09
CA ARG B 11 -1.55 -4.31 14.23
C ARG B 11 -1.29 -3.55 15.54
CA CA C . 7.44 4.20 3.29
N PRO A 1 6.87 -7.25 -15.81
CA PRO A 1 5.98 -6.08 -15.61
C PRO A 1 5.67 -5.88 -14.13
N TRP A 2 5.41 -4.67 -13.72
CA TRP A 2 5.08 -4.41 -12.28
C TRP A 2 3.71 -5.02 -11.95
N ALA A 3 3.64 -5.82 -10.93
CA ALA A 3 2.34 -6.44 -10.56
C ALA A 3 1.21 -5.42 -10.70
N VAL A 4 1.52 -4.17 -10.52
CA VAL A 4 0.48 -3.11 -10.65
C VAL A 4 0.48 -2.56 -12.08
N LYS A 5 -0.55 -1.84 -12.45
CA LYS A 5 -0.58 -1.29 -13.84
C LYS A 5 -0.65 0.24 -13.80
N PRO A 6 -0.55 0.83 -14.96
CA PRO A 6 -0.60 2.31 -15.06
C PRO A 6 -2.01 2.80 -14.72
N GLU A 7 -3.01 2.06 -15.09
CA GLU A 7 -4.41 2.48 -14.77
C GLU A 7 -4.68 2.31 -13.28
N ASP A 8 -4.02 1.38 -12.64
CA ASP A 8 -4.22 1.18 -11.18
C ASP A 8 -3.40 2.21 -10.43
N LYS A 9 -2.21 2.47 -10.92
CA LYS A 9 -1.34 3.48 -10.26
C LYS A 9 -1.95 4.87 -10.45
N ALA A 10 -2.85 4.99 -11.37
CA ALA A 10 -3.50 6.31 -11.60
C ALA A 10 -4.60 6.50 -10.57
N LYS A 11 -5.17 5.41 -10.13
CA LYS A 11 -6.22 5.47 -9.08
C LYS A 11 -5.51 5.38 -7.74
N TYR A 12 -4.47 4.60 -7.70
CA TYR A 12 -3.70 4.46 -6.44
C TYR A 12 -3.07 5.81 -6.16
N ASP A 13 -2.82 6.57 -7.19
CA ASP A 13 -2.21 7.92 -7.00
C ASP A 13 -3.30 8.92 -6.61
N ALA A 14 -4.53 8.63 -6.98
CA ALA A 14 -5.63 9.57 -6.61
C ALA A 14 -6.03 9.31 -5.16
N ILE A 15 -5.89 8.08 -4.74
CA ILE A 15 -6.22 7.73 -3.34
C ILE A 15 -5.04 8.13 -2.45
N PHE A 16 -3.86 8.12 -3.01
CA PHE A 16 -2.66 8.51 -2.23
C PHE A 16 -2.64 10.04 -2.07
N ASP A 17 -3.08 10.73 -3.08
CA ASP A 17 -3.11 12.22 -3.02
C ASP A 17 -4.45 12.70 -2.44
N SER A 18 -5.34 11.78 -2.15
CA SER A 18 -6.64 12.18 -1.56
C SER A 18 -6.51 12.24 -0.03
N LEU A 19 -5.38 11.83 0.47
CA LEU A 19 -5.14 11.85 1.95
C LEU A 19 -4.18 12.98 2.29
N SER A 20 -3.56 13.54 1.27
CA SER A 20 -2.57 14.65 1.45
C SER A 20 -1.16 14.08 1.64
N PRO A 21 -0.46 14.00 0.55
CA PRO A 21 0.92 13.45 0.56
C PRO A 21 1.90 14.46 1.18
N VAL A 22 2.94 13.96 1.79
CA VAL A 22 3.95 14.86 2.41
C VAL A 22 5.33 14.56 1.82
N ASN A 23 5.86 15.45 1.04
CA ASN A 23 7.19 15.18 0.42
C ASN A 23 7.12 13.88 -0.39
N GLY A 24 5.93 13.42 -0.68
CA GLY A 24 5.78 12.17 -1.47
C GLY A 24 5.56 10.98 -0.53
N PHE A 25 4.87 11.20 0.57
CA PHE A 25 4.63 10.08 1.52
C PHE A 25 3.31 10.23 2.27
N LEU A 26 2.66 9.14 2.52
CA LEU A 26 1.41 9.18 3.31
C LEU A 26 1.68 8.55 4.66
N SER A 27 1.24 9.16 5.70
CA SER A 27 1.49 8.57 7.04
C SER A 27 0.52 7.44 7.29
N GLY A 28 0.98 6.39 7.93
CA GLY A 28 0.07 5.25 8.22
C GLY A 28 -1.28 5.81 8.71
N ASP A 29 -1.25 6.98 9.28
CA ASP A 29 -2.51 7.61 9.79
C ASP A 29 -3.43 7.99 8.62
N LYS A 30 -2.88 8.16 7.44
CA LYS A 30 -3.74 8.49 6.28
C LYS A 30 -4.03 7.21 5.53
N VAL A 31 -3.09 6.31 5.55
CA VAL A 31 -3.30 5.00 4.88
C VAL A 31 -4.17 4.11 5.76
N LYS A 32 -3.95 4.16 7.04
CA LYS A 32 -4.74 3.31 7.98
C LYS A 32 -6.23 3.30 7.60
N PRO A 33 -6.80 4.48 7.51
CA PRO A 33 -8.23 4.60 7.15
C PRO A 33 -8.43 4.16 5.70
N VAL A 34 -7.46 4.38 4.87
CA VAL A 34 -7.57 3.97 3.45
C VAL A 34 -7.67 2.44 3.37
N LEU A 35 -7.06 1.76 4.29
CA LEU A 35 -7.10 0.28 4.28
C LEU A 35 -8.22 -0.22 5.17
N LEU A 36 -8.47 0.47 6.24
CA LEU A 36 -9.58 0.05 7.14
C LEU A 36 -10.90 0.26 6.41
N ASN A 37 -10.86 1.01 5.33
CA ASN A 37 -12.11 1.25 4.56
C ASN A 37 -12.29 0.18 3.49
N SER A 38 -11.33 -0.69 3.34
CA SER A 38 -11.42 -1.76 2.32
C SER A 38 -12.19 -2.96 2.86
N LYS A 39 -12.94 -2.77 3.91
CA LYS A 39 -13.71 -3.90 4.51
C LYS A 39 -12.75 -5.01 4.95
N LEU A 40 -11.48 -4.72 5.01
CA LEU A 40 -10.50 -5.74 5.45
C LEU A 40 -10.13 -5.54 6.91
N PRO A 41 -9.77 -6.61 7.56
CA PRO A 41 -9.37 -6.53 8.98
C PRO A 41 -7.95 -5.95 9.08
N VAL A 42 -7.52 -5.63 10.26
CA VAL A 42 -6.16 -5.06 10.42
C VAL A 42 -5.12 -6.14 10.17
N ASP A 43 -5.54 -7.36 9.96
CA ASP A 43 -4.56 -8.44 9.69
C ASP A 43 -4.10 -8.34 8.24
N ILE A 44 -4.98 -7.94 7.37
CA ILE A 44 -4.58 -7.79 5.94
C ILE A 44 -3.83 -6.49 5.77
N LEU A 45 -4.32 -5.47 6.41
CA LEU A 45 -3.65 -4.15 6.31
C LEU A 45 -2.30 -4.22 7.01
N GLY A 46 -2.16 -5.05 8.01
CA GLY A 46 -0.84 -5.14 8.69
C GLY A 46 0.14 -5.76 7.71
N ARG A 47 -0.36 -6.50 6.77
CA ARG A 47 0.53 -7.13 5.76
C ARG A 47 0.50 -6.33 4.46
N VAL A 48 -0.61 -5.73 4.14
CA VAL A 48 -0.68 -4.94 2.88
C VAL A 48 0.20 -3.70 3.04
N TRP A 49 0.23 -3.13 4.20
CA TRP A 49 1.09 -1.94 4.41
C TRP A 49 2.56 -2.36 4.36
N GLU A 50 2.93 -3.34 5.15
CA GLU A 50 4.36 -3.77 5.16
C GLU A 50 4.84 -4.01 3.73
N LEU A 51 4.20 -4.88 3.01
CA LEU A 51 4.62 -5.13 1.61
C LEU A 51 4.49 -3.83 0.81
N SER A 52 3.79 -2.87 1.36
CA SER A 52 3.63 -1.55 0.67
C SER A 52 4.66 -0.56 1.23
N ASP A 53 5.13 -0.81 2.42
CA ASP A 53 6.13 0.10 3.05
C ASP A 53 7.54 -0.44 2.81
N ILE A 54 8.18 -0.03 1.75
CA ILE A 54 9.55 -0.53 1.47
C ILE A 54 10.59 0.42 2.07
N ASP A 55 10.18 1.60 2.43
CA ASP A 55 11.14 2.57 3.03
C ASP A 55 11.17 2.38 4.55
N HIS A 56 10.18 1.72 5.08
CA HIS A 56 10.14 1.49 6.57
C HIS A 56 10.19 2.82 7.31
N ASP A 57 9.41 3.77 6.89
CA ASP A 57 9.39 5.09 7.58
C ASP A 57 7.99 5.37 8.14
N GLY A 58 7.19 4.36 8.24
CA GLY A 58 5.80 4.56 8.77
C GLY A 58 5.00 5.42 7.79
N MET A 59 5.24 5.29 6.51
CA MET A 59 4.48 6.09 5.53
C MET A 59 4.37 5.35 4.18
N LEU A 60 3.44 5.72 3.36
CA LEU A 60 3.29 5.04 2.03
C LEU A 60 3.47 6.08 0.92
N ASP A 61 4.59 6.08 0.24
CA ASP A 61 4.80 7.07 -0.85
C ASP A 61 3.93 6.73 -2.06
N ARG A 62 3.75 7.66 -2.95
CA ARG A 62 2.91 7.39 -4.14
C ARG A 62 3.19 6.01 -4.73
N ASP A 63 4.43 5.60 -4.75
CA ASP A 63 4.76 4.26 -5.32
C ASP A 63 4.46 3.15 -4.30
N GLU A 64 4.61 3.44 -3.04
CA GLU A 64 4.32 2.40 -2.02
C GLU A 64 2.81 2.30 -1.83
N PHE A 65 2.13 3.41 -1.84
CA PHE A 65 0.66 3.38 -1.70
C PHE A 65 0.06 2.62 -2.88
N ALA A 66 0.82 2.46 -3.93
CA ALA A 66 0.30 1.71 -5.11
C ALA A 66 0.36 0.21 -4.83
N VAL A 67 1.45 -0.23 -4.28
CA VAL A 67 1.59 -1.69 -3.96
C VAL A 67 0.52 -2.10 -2.95
N ALA A 68 0.12 -1.19 -2.11
CA ALA A 68 -0.91 -1.52 -1.09
C ALA A 68 -2.33 -1.25 -1.63
N MET A 69 -2.44 -0.76 -2.83
CA MET A 69 -3.78 -0.49 -3.40
C MET A 69 -4.34 -1.77 -4.01
N PHE A 70 -3.57 -2.44 -4.82
CA PHE A 70 -4.07 -3.70 -5.42
C PHE A 70 -4.02 -4.78 -4.35
N LEU A 71 -3.17 -4.58 -3.38
CA LEU A 71 -3.07 -5.56 -2.26
C LEU A 71 -4.33 -5.45 -1.40
N VAL A 72 -4.96 -4.32 -1.44
CA VAL A 72 -6.20 -4.12 -0.64
C VAL A 72 -7.42 -4.47 -1.47
N TYR A 73 -7.49 -4.00 -2.69
CA TYR A 73 -8.66 -4.31 -3.54
C TYR A 73 -8.69 -5.80 -3.93
N CYS A 74 -7.54 -6.43 -3.97
CA CYS A 74 -7.52 -7.87 -4.34
C CYS A 74 -7.87 -8.71 -3.12
N ALA A 75 -7.87 -8.11 -1.96
CA ALA A 75 -8.23 -8.87 -0.74
C ALA A 75 -9.74 -8.78 -0.50
N LEU A 76 -10.39 -7.91 -1.24
CA LEU A 76 -11.86 -7.74 -1.07
C LEU A 76 -12.59 -8.67 -2.03
N GLU A 77 -12.12 -8.74 -3.23
CA GLU A 77 -12.78 -9.62 -4.23
C GLU A 77 -12.54 -11.08 -3.86
N LYS A 78 -11.31 -11.47 -3.75
CA LYS A 78 -11.02 -12.88 -3.37
C LYS A 78 -9.51 -13.18 -3.41
N GLU A 79 -8.78 -12.80 -2.41
CA GLU A 79 -7.32 -13.08 -2.44
C GLU A 79 -6.68 -12.72 -1.09
N PRO A 80 -6.10 -13.71 -0.46
CA PRO A 80 -5.43 -13.48 0.83
C PRO A 80 -4.11 -12.75 0.60
N VAL A 81 -3.59 -12.08 1.59
CA VAL A 81 -2.31 -11.35 1.38
C VAL A 81 -1.21 -11.92 2.28
N PRO A 82 -0.11 -12.26 1.66
CA PRO A 82 1.04 -12.81 2.42
C PRO A 82 1.86 -11.65 2.96
N MET A 83 3.02 -11.93 3.50
CA MET A 83 3.85 -10.82 4.05
C MET A 83 5.17 -10.74 3.30
N SER A 84 5.27 -11.41 2.20
CA SER A 84 6.56 -11.39 1.46
C SER A 84 6.52 -10.49 0.22
N LEU A 85 7.14 -9.36 0.31
CA LEU A 85 7.18 -8.44 -0.86
C LEU A 85 7.67 -9.21 -2.10
N PRO A 86 6.75 -9.49 -2.98
CA PRO A 86 7.11 -10.24 -4.21
C PRO A 86 7.94 -9.37 -5.16
N PRO A 87 8.83 -10.02 -5.87
CA PRO A 87 9.75 -9.33 -6.81
C PRO A 87 9.02 -8.84 -8.06
N ALA A 88 7.77 -9.16 -8.22
CA ALA A 88 7.02 -8.70 -9.41
C ALA A 88 6.09 -7.57 -9.01
N LEU A 89 6.38 -6.95 -7.89
CA LEU A 89 5.52 -5.85 -7.39
C LEU A 89 6.38 -4.72 -6.83
N VAL A 90 7.68 -4.86 -6.84
CA VAL A 90 8.57 -3.79 -6.30
C VAL A 90 8.68 -2.64 -7.31
N PRO A 91 8.45 -1.45 -6.83
CA PRO A 91 8.54 -0.24 -7.69
C PRO A 91 10.01 0.11 -7.94
N PRO A 92 10.23 1.10 -8.77
CA PRO A 92 11.61 1.53 -9.08
C PRO A 92 12.25 2.20 -7.87
N SER A 93 13.47 2.65 -8.01
CA SER A 93 14.19 3.29 -6.85
C SER A 93 14.66 2.22 -5.88
N LYS A 94 13.83 1.27 -5.58
CA LYS A 94 14.24 0.17 -4.65
C LYS A 94 14.92 -0.92 -5.48
N ARG A 95 15.16 -0.65 -6.74
CA ARG A 95 15.82 -1.67 -7.61
C ARG A 95 17.29 -1.31 -7.82
N SER B 6 8.35 -4.46 13.46
CA SER B 6 8.68 -3.38 12.47
C SER B 6 7.61 -2.28 12.51
N THR B 7 7.48 -1.54 11.45
CA THR B 7 6.46 -0.44 11.44
C THR B 7 5.17 -0.93 10.76
N ASN B 8 4.06 -0.75 11.42
CA ASN B 8 2.75 -1.19 10.84
C ASN B 8 1.61 -0.73 11.74
N PRO B 9 0.91 0.29 11.30
CA PRO B 9 -0.21 0.83 12.09
C PRO B 9 -1.39 -0.17 12.11
N PHE B 10 -1.27 -1.25 11.40
CA PHE B 10 -2.36 -2.28 11.42
C PHE B 10 -1.82 -3.53 12.13
N ARG B 11 -0.78 -4.11 11.55
CA ARG B 11 -0.16 -5.35 12.14
C ARG B 11 -0.97 -6.58 11.75
CA CA C . 7.53 4.36 2.98
#